data_6BI6
#
_entry.id   6BI6
#
_entity_poly.entity_id   1
_entity_poly.type   'polypeptide(L)'
_entity_poly.pdbx_seq_one_letter_code
;GPTSLQLSIVHRLPQNYRWSAGFAGSKVEPIPQNGPCGDNSLVALKLLSPDGDNAWSVMYKLSQALSDIEVPCSVLECEG
EPCLFVNRQDEFAATCRLKNFGVAIAEPFSNYNPF
;
_entity_poly.pdbx_strand_id   A
#
# COMPACT_ATOMS: atom_id res chain seq x y z
N THR A 3 8.99 13.46 -17.32
CA THR A 3 8.91 12.62 -18.52
C THR A 3 7.71 11.66 -18.35
N SER A 4 7.12 11.20 -19.46
CA SER A 4 5.85 10.47 -19.52
C SER A 4 4.66 11.30 -19.04
N LEU A 5 3.43 10.83 -19.29
CA LEU A 5 2.20 11.62 -19.15
C LEU A 5 1.00 10.78 -18.71
N GLN A 6 1.26 9.69 -18.00
CA GLN A 6 0.33 8.61 -17.73
C GLN A 6 0.58 8.13 -16.29
N LEU A 7 0.36 9.04 -15.34
CA LEU A 7 0.62 8.89 -13.94
C LEU A 7 -0.65 9.08 -13.13
N SER A 8 -1.52 8.08 -13.22
CA SER A 8 -2.90 8.17 -12.79
C SER A 8 -3.07 7.57 -11.39
N ILE A 9 -3.05 8.41 -10.36
CA ILE A 9 -2.99 7.98 -8.96
C ILE A 9 -4.32 8.30 -8.29
N VAL A 10 -4.83 7.38 -7.47
CA VAL A 10 -6.13 7.52 -6.81
C VAL A 10 -6.02 7.01 -5.38
N HIS A 11 -6.46 7.78 -4.40
CA HIS A 11 -6.75 7.36 -3.03
C HIS A 11 -8.14 7.89 -2.67
N ARG A 12 -8.66 7.58 -1.47
CA ARG A 12 -9.90 8.15 -0.95
C ARG A 12 -9.68 8.47 0.52
N LEU A 13 -9.76 7.47 1.39
CA LEU A 13 -9.55 7.60 2.82
C LEU A 13 -8.89 6.29 3.25
N PRO A 14 -7.96 6.27 4.22
CA PRO A 14 -7.37 5.03 4.71
C PRO A 14 -8.40 4.11 5.37
N GLN A 15 -9.34 4.68 6.14
CA GLN A 15 -10.15 3.98 7.14
C GLN A 15 -9.27 3.23 8.15
N ASN A 16 -9.90 2.67 9.18
CA ASN A 16 -9.25 1.87 10.22
C ASN A 16 -9.77 0.46 10.02
N TYR A 17 -8.95 -0.45 9.52
CA TYR A 17 -9.40 -1.82 9.23
C TYR A 17 -8.27 -2.78 9.60
N ARG A 18 -8.54 -4.11 9.58
CA ARG A 18 -7.59 -5.16 9.99
C ARG A 18 -7.76 -6.42 9.15
N TRP A 19 -6.94 -7.43 9.45
CA TRP A 19 -7.06 -8.81 8.98
C TRP A 19 -8.12 -9.57 9.82
N SER A 20 -8.88 -10.47 9.20
CA SER A 20 -10.07 -11.09 9.82
C SER A 20 -9.74 -12.37 10.59
N ALA A 21 -8.49 -12.53 11.03
CA ALA A 21 -7.97 -13.74 11.67
C ALA A 21 -8.44 -15.01 10.95
N GLY A 22 -8.24 -15.10 9.63
CA GLY A 22 -8.51 -16.28 8.83
C GLY A 22 -7.38 -16.57 7.84
N PHE A 23 -6.83 -15.54 7.18
CA PHE A 23 -5.88 -15.72 6.07
C PHE A 23 -4.58 -14.94 6.23
N ALA A 24 -4.60 -13.83 6.98
CA ALA A 24 -3.65 -12.73 6.93
C ALA A 24 -3.42 -12.20 5.50
N GLY A 25 -2.62 -12.90 4.69
CA GLY A 25 -2.15 -12.44 3.40
C GLY A 25 -3.23 -12.27 2.34
N SER A 26 -4.44 -12.82 2.52
CA SER A 26 -5.53 -12.69 1.54
C SER A 26 -6.86 -12.40 2.26
N LYS A 27 -6.94 -11.30 3.02
CA LYS A 27 -8.16 -10.89 3.71
C LYS A 27 -8.12 -9.41 4.11
N VAL A 28 -9.25 -8.69 4.04
CA VAL A 28 -9.42 -7.36 4.64
C VAL A 28 -10.83 -7.21 5.20
N GLU A 29 -10.97 -6.54 6.35
CA GLU A 29 -12.25 -6.29 7.01
C GLU A 29 -12.08 -5.02 7.85
N PRO A 30 -13.10 -4.15 7.96
CA PRO A 30 -13.06 -2.96 8.79
C PRO A 30 -13.16 -3.29 10.27
N ILE A 31 -13.11 -2.26 11.11
CA ILE A 31 -13.27 -2.38 12.55
C ILE A 31 -14.69 -1.93 12.90
N PRO A 32 -15.65 -2.84 13.10
CA PRO A 32 -16.98 -2.53 13.63
C PRO A 32 -16.87 -2.27 15.14
N GLN A 33 -16.41 -1.06 15.51
CA GLN A 33 -16.39 -0.53 16.87
C GLN A 33 -15.79 -1.53 17.89
N ASN A 34 -14.57 -2.01 17.61
CA ASN A 34 -13.90 -3.07 18.39
C ASN A 34 -12.70 -2.60 19.20
N GLY A 35 -12.18 -1.40 18.95
CA GLY A 35 -11.14 -0.80 19.80
C GLY A 35 -9.81 -1.56 19.75
N PRO A 36 -9.00 -1.39 18.69
CA PRO A 36 -7.64 -1.93 18.64
C PRO A 36 -6.74 -1.17 19.64
N CYS A 37 -5.48 -1.59 19.76
CA CYS A 37 -4.48 -0.82 20.52
C CYS A 37 -4.29 0.59 19.95
N GLY A 38 -4.59 0.81 18.67
CA GLY A 38 -4.84 2.13 18.11
C GLY A 38 -4.05 2.32 16.84
N ASP A 39 -2.74 2.48 16.95
CA ASP A 39 -1.88 2.88 15.82
C ASP A 39 -1.53 1.68 14.93
N ASN A 40 -2.28 0.58 15.09
CA ASN A 40 -2.10 -0.72 14.46
C ASN A 40 -3.25 -1.00 13.48
N SER A 41 -3.95 0.05 13.05
CA SER A 41 -4.83 0.01 11.92
C SER A 41 -4.00 -0.29 10.67
N LEU A 42 -4.68 -0.65 9.59
CA LEU A 42 -4.11 -0.76 8.27
C LEU A 42 -4.47 0.47 7.45
N VAL A 43 -3.76 0.71 6.35
CA VAL A 43 -4.08 1.70 5.33
C VAL A 43 -4.07 0.99 3.97
N ALA A 44 -4.80 1.50 2.97
CA ALA A 44 -5.01 0.79 1.71
C ALA A 44 -4.84 1.76 0.55
N LEU A 45 -4.41 1.21 -0.59
CA LEU A 45 -4.21 1.92 -1.83
C LEU A 45 -5.01 1.26 -2.93
N LYS A 46 -5.68 2.13 -3.69
CA LYS A 46 -6.50 1.87 -4.86
C LYS A 46 -5.57 1.53 -6.05
N LEU A 47 -6.17 1.33 -7.22
CA LEU A 47 -5.44 1.26 -8.48
C LEU A 47 -4.53 2.48 -8.66
N LEU A 48 -3.49 2.27 -9.46
CA LEU A 48 -2.47 3.24 -9.82
C LEU A 48 -2.26 3.22 -11.33
N SER A 49 -1.28 3.98 -11.82
CA SER A 49 -0.59 3.73 -13.07
C SER A 49 0.79 4.42 -13.01
N PRO A 50 1.68 4.27 -14.00
CA PRO A 50 1.62 3.30 -15.10
C PRO A 50 1.85 1.87 -14.57
N ASP A 51 1.53 0.87 -15.39
CA ASP A 51 1.70 -0.55 -15.09
C ASP A 51 2.46 -1.24 -16.23
N GLY A 52 3.12 -2.37 -15.92
CA GLY A 52 3.76 -3.28 -16.85
C GLY A 52 4.41 -4.40 -16.03
N ASP A 53 4.83 -5.50 -16.67
CA ASP A 53 5.32 -6.68 -15.97
C ASP A 53 6.54 -6.38 -15.10
N ASN A 54 7.37 -5.42 -15.52
CA ASN A 54 8.43 -4.84 -14.70
C ASN A 54 7.86 -4.36 -13.37
N ALA A 55 6.97 -3.37 -13.45
CA ALA A 55 6.45 -2.66 -12.30
C ALA A 55 5.65 -3.58 -11.40
N TRP A 56 4.90 -4.51 -11.98
CA TRP A 56 4.20 -5.56 -11.27
C TRP A 56 5.18 -6.47 -10.53
N SER A 57 6.12 -7.09 -11.25
CA SER A 57 7.04 -8.07 -10.70
C SER A 57 7.84 -7.42 -9.59
N VAL A 58 8.49 -6.30 -9.88
CA VAL A 58 9.25 -5.52 -8.91
C VAL A 58 8.39 -5.12 -7.72
N MET A 59 7.19 -4.57 -7.88
CA MET A 59 6.35 -4.20 -6.73
C MET A 59 6.12 -5.41 -5.83
N TYR A 60 5.77 -6.56 -6.41
CA TYR A 60 5.50 -7.80 -5.70
C TYR A 60 6.76 -8.37 -5.03
N LYS A 61 7.85 -8.48 -5.77
CA LYS A 61 9.14 -8.96 -5.25
C LYS A 61 9.60 -8.07 -4.09
N LEU A 62 9.27 -6.78 -4.12
CA LEU A 62 9.60 -5.84 -3.05
C LEU A 62 8.65 -6.01 -1.87
N SER A 63 7.35 -6.25 -2.05
CA SER A 63 6.49 -6.48 -0.86
C SER A 63 6.99 -7.71 -0.11
N GLN A 64 7.37 -8.76 -0.84
CA GLN A 64 7.97 -9.95 -0.28
C GLN A 64 9.27 -9.58 0.45
N ALA A 65 10.18 -8.88 -0.22
CA ALA A 65 11.45 -8.45 0.36
C ALA A 65 11.25 -7.64 1.64
N LEU A 66 10.36 -6.65 1.66
CA LEU A 66 10.05 -5.82 2.80
C LEU A 66 9.47 -6.65 3.94
N SER A 67 8.56 -7.58 3.64
CA SER A 67 8.00 -8.50 4.62
C SER A 67 9.10 -9.39 5.23
N ASP A 68 10.14 -9.71 4.46
CA ASP A 68 11.32 -10.47 4.88
C ASP A 68 12.12 -9.79 5.99
N ILE A 69 11.88 -8.51 6.26
CA ILE A 69 12.66 -7.69 7.19
C ILE A 69 11.83 -7.44 8.44
N GLU A 70 10.77 -6.63 8.31
CA GLU A 70 9.89 -6.26 9.41
C GLU A 70 8.57 -5.63 8.89
N VAL A 71 8.27 -5.73 7.58
CA VAL A 71 7.32 -4.83 6.93
C VAL A 71 6.30 -5.64 6.11
N PRO A 72 5.30 -6.26 6.75
CA PRO A 72 4.31 -7.04 6.03
C PRO A 72 3.47 -6.09 5.16
N CYS A 73 3.65 -6.20 3.85
CA CYS A 73 2.87 -5.48 2.83
C CYS A 73 2.07 -6.50 2.04
N SER A 74 0.95 -6.07 1.48
CA SER A 74 0.03 -6.89 0.73
C SER A 74 -0.23 -6.26 -0.64
N VAL A 75 -0.27 -7.11 -1.65
CA VAL A 75 -0.34 -6.79 -3.07
C VAL A 75 -1.31 -7.76 -3.71
N LEU A 76 -2.37 -7.25 -4.35
CA LEU A 76 -3.33 -8.08 -5.07
C LEU A 76 -3.74 -7.31 -6.33
N GLU A 77 -3.89 -8.01 -7.45
CA GLU A 77 -4.41 -7.42 -8.68
C GLU A 77 -5.91 -7.68 -8.80
N CYS A 78 -6.53 -7.04 -9.79
CA CYS A 78 -7.77 -7.45 -10.44
C CYS A 78 -7.63 -6.97 -11.88
N GLU A 79 -7.35 -7.86 -12.83
CA GLU A 79 -7.36 -7.62 -14.28
C GLU A 79 -6.21 -6.71 -14.74
N GLY A 80 -6.27 -5.44 -14.36
CA GLY A 80 -5.33 -4.37 -14.67
C GLY A 80 -5.28 -3.31 -13.55
N GLU A 81 -5.84 -3.63 -12.38
CA GLU A 81 -5.83 -2.79 -11.19
C GLU A 81 -5.00 -3.47 -10.10
N PRO A 82 -3.66 -3.31 -10.10
CA PRO A 82 -2.84 -3.61 -8.94
C PRO A 82 -3.24 -2.66 -7.80
N CYS A 83 -3.62 -3.21 -6.65
CA CYS A 83 -3.98 -2.45 -5.46
C CYS A 83 -3.26 -3.04 -4.25
N LEU A 84 -3.06 -2.23 -3.21
CA LEU A 84 -2.03 -2.46 -2.19
C LEU A 84 -2.59 -2.20 -0.80
N PHE A 85 -1.91 -2.74 0.22
CA PHE A 85 -2.31 -2.65 1.63
C PHE A 85 -1.03 -2.66 2.47
N VAL A 86 -0.93 -1.74 3.44
CA VAL A 86 0.20 -1.53 4.34
C VAL A 86 -0.33 -1.21 5.74
N ASN A 87 0.56 -1.05 6.73
CA ASN A 87 0.16 -0.97 8.12
C ASN A 87 -0.29 0.45 8.41
N ARG A 88 0.66 1.29 8.74
CA ARG A 88 0.41 2.70 8.99
C ARG A 88 1.56 3.54 8.47
N GLN A 89 2.65 3.67 9.20
CA GLN A 89 3.84 4.51 8.86
C GLN A 89 4.55 4.00 7.59
N ASP A 90 4.26 2.72 7.35
CA ASP A 90 4.66 1.97 6.21
C ASP A 90 4.16 2.59 4.94
N GLU A 91 3.20 3.51 4.94
CA GLU A 91 2.89 4.27 3.73
C GLU A 91 4.16 5.05 3.34
N PHE A 92 4.62 6.05 4.13
CA PHE A 92 5.69 6.96 3.78
C PHE A 92 6.96 6.19 3.57
N ALA A 93 7.20 5.28 4.51
CA ALA A 93 8.41 4.47 4.48
C ALA A 93 8.49 3.72 3.16
N ALA A 94 7.41 3.02 2.79
CA ALA A 94 7.34 2.24 1.56
C ALA A 94 7.61 3.11 0.35
N THR A 95 6.82 4.17 0.12
CA THR A 95 7.03 5.02 -1.05
C THR A 95 8.48 5.53 -1.07
N CYS A 96 9.05 5.93 0.08
CA CYS A 96 10.43 6.39 0.17
C CYS A 96 11.41 5.33 -0.38
N ARG A 97 11.37 4.07 0.12
CA ARG A 97 12.29 3.05 -0.41
C ARG A 97 11.97 2.65 -1.85
N LEU A 98 10.69 2.48 -2.19
CA LEU A 98 10.23 2.10 -3.52
C LEU A 98 10.71 3.12 -4.56
N LYS A 99 10.64 4.42 -4.25
CA LYS A 99 11.10 5.49 -5.14
C LYS A 99 12.54 5.23 -5.61
N ASN A 100 13.43 4.82 -4.70
CA ASN A 100 14.81 4.49 -5.05
C ASN A 100 14.85 3.34 -6.06
N PHE A 101 14.00 2.31 -5.92
CA PHE A 101 13.95 1.15 -6.84
C PHE A 101 13.48 1.55 -8.25
N GLY A 102 12.89 2.73 -8.43
CA GLY A 102 12.61 3.34 -9.72
C GLY A 102 11.22 3.07 -10.29
N VAL A 103 10.49 2.10 -9.74
CA VAL A 103 9.12 1.83 -10.17
C VAL A 103 8.21 3.01 -9.79
N ALA A 104 6.91 2.93 -10.08
CA ALA A 104 5.94 3.94 -9.69
C ALA A 104 5.19 3.44 -8.44
N ILE A 105 4.62 4.33 -7.62
CA ILE A 105 3.82 3.97 -6.45
C ILE A 105 2.70 5.00 -6.27
N ALA A 106 1.68 4.65 -5.50
CA ALA A 106 0.53 5.49 -5.26
C ALA A 106 0.34 5.85 -3.79
N GLU A 107 1.40 5.78 -2.99
CA GLU A 107 1.19 5.84 -1.56
C GLU A 107 1.37 7.30 -1.09
N PRO A 108 0.56 7.75 -0.12
CA PRO A 108 0.79 8.97 0.64
C PRO A 108 1.90 8.73 1.68
N PHE A 109 2.17 9.75 2.51
CA PHE A 109 3.28 9.73 3.45
C PHE A 109 2.80 10.14 4.84
N SER A 110 1.53 9.91 5.12
CA SER A 110 0.80 10.29 6.32
C SER A 110 0.61 11.81 6.33
N ASN A 111 0.15 12.37 7.47
CA ASN A 111 -0.21 13.79 7.59
C ASN A 111 0.98 14.63 7.14
N TYR A 112 0.90 15.25 5.95
CA TYR A 112 1.85 16.21 5.37
C TYR A 112 3.33 15.78 5.51
N ASN A 113 3.62 14.47 5.43
CA ASN A 113 4.92 13.87 5.69
C ASN A 113 5.38 14.22 7.13
N PRO A 114 4.95 13.47 8.15
CA PRO A 114 5.25 13.79 9.55
C PRO A 114 6.58 13.23 10.07
N PHE A 115 7.18 12.31 9.32
CA PHE A 115 8.34 11.50 9.68
C PHE A 115 9.46 12.35 10.28
N THR A 3 13.24 10.14 -16.03
CA THR A 3 12.44 11.17 -15.38
C THR A 3 10.98 11.05 -15.82
N SER A 4 10.11 10.44 -14.99
CA SER A 4 8.68 10.46 -15.27
C SER A 4 8.08 11.80 -14.84
N LEU A 5 6.97 12.18 -15.49
CA LEU A 5 6.31 13.47 -15.35
C LEU A 5 4.83 13.37 -14.96
N GLN A 6 4.39 12.20 -14.52
CA GLN A 6 3.01 11.82 -14.27
C GLN A 6 3.04 10.83 -13.11
N LEU A 7 2.21 11.07 -12.10
CA LEU A 7 2.07 10.18 -10.95
C LEU A 7 0.65 10.19 -10.36
N SER A 8 -0.34 10.64 -11.14
CA SER A 8 -1.75 10.78 -10.79
C SER A 8 -2.36 9.54 -10.11
N ILE A 9 -2.81 9.72 -8.86
CA ILE A 9 -3.51 8.72 -8.05
C ILE A 9 -4.98 9.16 -7.91
N VAL A 10 -5.78 8.47 -7.11
CA VAL A 10 -7.23 8.60 -6.93
C VAL A 10 -7.51 8.27 -5.46
N HIS A 11 -8.79 8.23 -5.07
CA HIS A 11 -9.29 7.83 -3.75
C HIS A 11 -9.06 8.95 -2.73
N ARG A 12 -9.38 8.66 -1.46
CA ARG A 12 -8.88 9.42 -0.32
C ARG A 12 -8.48 8.42 0.75
N LEU A 13 -8.12 8.92 1.93
CA LEU A 13 -7.20 8.31 2.89
C LEU A 13 -7.57 6.88 3.31
N PRO A 14 -6.62 6.14 3.92
CA PRO A 14 -6.89 4.80 4.42
C PRO A 14 -7.98 4.82 5.51
N GLN A 15 -8.89 3.85 5.43
CA GLN A 15 -9.86 3.53 6.47
C GLN A 15 -9.15 2.99 7.72
N ASN A 16 -9.94 2.59 8.72
CA ASN A 16 -9.47 1.76 9.83
C ASN A 16 -10.03 0.37 9.57
N TYR A 17 -9.16 -0.57 9.25
CA TYR A 17 -9.59 -1.93 8.94
C TYR A 17 -8.45 -2.83 9.41
N ARG A 18 -8.66 -4.15 9.41
CA ARG A 18 -7.65 -5.12 9.81
C ARG A 18 -7.83 -6.41 9.01
N TRP A 19 -7.05 -7.45 9.29
CA TRP A 19 -7.28 -8.76 8.70
C TRP A 19 -8.54 -9.36 9.35
N SER A 20 -9.30 -10.21 8.66
CA SER A 20 -10.39 -10.97 9.30
C SER A 20 -9.84 -12.26 9.96
N ALA A 21 -8.55 -12.27 10.31
CA ALA A 21 -7.83 -13.32 11.03
C ALA A 21 -8.00 -14.76 10.45
N GLY A 22 -8.48 -14.90 9.22
CA GLY A 22 -8.73 -16.16 8.54
C GLY A 22 -7.78 -16.39 7.38
N PHE A 23 -7.32 -15.31 6.73
CA PHE A 23 -6.45 -15.34 5.55
C PHE A 23 -5.58 -14.08 5.62
N ALA A 24 -4.48 -14.09 6.38
CA ALA A 24 -3.68 -12.90 6.66
C ALA A 24 -3.16 -12.20 5.40
N GLY A 25 -2.87 -12.93 4.33
CA GLY A 25 -2.24 -12.41 3.13
C GLY A 25 -3.22 -12.01 2.03
N SER A 26 -4.48 -12.47 2.10
CA SER A 26 -5.55 -12.19 1.16
C SER A 26 -6.89 -12.15 1.90
N LYS A 27 -7.04 -11.17 2.79
CA LYS A 27 -8.30 -10.78 3.42
C LYS A 27 -8.16 -9.36 3.89
N VAL A 28 -9.22 -8.56 3.83
CA VAL A 28 -9.32 -7.30 4.56
C VAL A 28 -10.73 -7.19 5.13
N GLU A 29 -10.91 -6.57 6.30
CA GLU A 29 -12.24 -6.33 6.85
C GLU A 29 -12.20 -5.04 7.68
N PRO A 30 -13.25 -4.19 7.67
CA PRO A 30 -13.26 -2.90 8.36
C PRO A 30 -13.56 -3.03 9.86
N ILE A 31 -13.35 -1.96 10.63
CA ILE A 31 -13.52 -1.95 12.09
C ILE A 31 -14.76 -1.13 12.46
N PRO A 32 -15.91 -1.75 12.76
CA PRO A 32 -17.08 -1.09 13.30
C PRO A 32 -16.94 -0.86 14.82
N GLN A 33 -16.26 0.22 15.23
CA GLN A 33 -16.19 0.69 16.63
C GLN A 33 -15.64 -0.34 17.61
N ASN A 34 -14.90 -1.35 17.14
CA ASN A 34 -14.56 -2.51 17.96
C ASN A 34 -13.70 -2.14 19.16
N GLY A 35 -12.71 -1.27 18.97
CA GLY A 35 -11.56 -1.21 19.84
C GLY A 35 -10.32 -0.74 19.07
N PRO A 36 -10.09 0.58 18.92
CA PRO A 36 -8.83 1.13 18.42
C PRO A 36 -7.71 0.90 19.44
N CYS A 37 -6.47 1.25 19.09
CA CYS A 37 -5.39 1.40 20.07
C CYS A 37 -4.51 2.60 19.72
N GLY A 38 -4.22 2.84 18.44
CA GLY A 38 -3.49 3.99 17.93
C GLY A 38 -3.06 3.73 16.50
N ASP A 39 -1.76 3.79 16.24
CA ASP A 39 -1.13 3.76 14.92
C ASP A 39 -0.80 2.30 14.54
N ASN A 40 -1.35 1.31 15.24
CA ASN A 40 -1.26 -0.11 14.91
C ASN A 40 -2.62 -0.55 14.37
N SER A 41 -2.98 -0.02 13.22
CA SER A 41 -4.03 -0.56 12.37
C SER A 41 -3.39 -0.82 11.01
N LEU A 42 -4.19 -0.99 9.96
CA LEU A 42 -3.67 -1.13 8.60
C LEU A 42 -4.05 0.09 7.77
N VAL A 43 -3.35 0.28 6.65
CA VAL A 43 -3.67 1.30 5.66
C VAL A 43 -3.72 0.61 4.30
N ALA A 44 -4.58 1.11 3.40
CA ALA A 44 -4.95 0.51 2.14
C ALA A 44 -5.00 1.63 1.12
N LEU A 45 -4.19 1.55 0.07
CA LEU A 45 -3.97 2.63 -0.88
C LEU A 45 -4.21 2.07 -2.27
N LYS A 46 -4.98 2.80 -3.07
CA LYS A 46 -5.33 2.44 -4.45
C LYS A 46 -4.44 3.30 -5.32
N LEU A 47 -3.51 2.68 -6.04
CA LEU A 47 -2.73 3.34 -7.08
C LEU A 47 -3.68 3.59 -8.28
N LEU A 48 -3.15 4.23 -9.33
CA LEU A 48 -3.73 4.15 -10.66
C LEU A 48 -2.61 4.09 -11.68
N SER A 49 -1.66 5.03 -11.63
CA SER A 49 -0.54 5.03 -12.56
C SER A 49 0.67 5.76 -11.96
N PRO A 50 1.89 5.51 -12.46
CA PRO A 50 2.22 4.49 -13.43
C PRO A 50 2.10 3.08 -12.82
N ASP A 51 2.11 2.05 -13.65
CA ASP A 51 1.80 0.67 -13.31
C ASP A 51 2.72 -0.20 -14.19
N GLY A 52 2.37 -1.46 -14.44
CA GLY A 52 2.99 -2.35 -15.39
C GLY A 52 3.75 -3.46 -14.69
N ASP A 53 3.92 -4.56 -15.42
CA ASP A 53 4.50 -5.84 -15.00
C ASP A 53 5.81 -5.62 -14.27
N ASN A 54 6.62 -4.67 -14.75
CA ASN A 54 7.93 -4.35 -14.19
C ASN A 54 7.79 -3.92 -12.73
N ALA A 55 6.90 -2.99 -12.44
CA ALA A 55 6.73 -2.40 -11.12
C ALA A 55 6.08 -3.40 -10.16
N TRP A 56 5.09 -4.18 -10.60
CA TRP A 56 4.59 -5.35 -9.89
C TRP A 56 5.74 -6.24 -9.51
N SER A 57 6.57 -6.64 -10.47
CA SER A 57 7.58 -7.63 -10.25
C SER A 57 8.53 -7.14 -9.15
N VAL A 58 9.16 -5.98 -9.35
CA VAL A 58 10.10 -5.40 -8.38
C VAL A 58 9.42 -5.21 -7.01
N MET A 59 8.20 -4.70 -6.98
CA MET A 59 7.45 -4.45 -5.76
C MET A 59 7.07 -5.73 -5.05
N TYR A 60 6.82 -6.83 -5.77
CA TYR A 60 6.49 -8.11 -5.18
C TYR A 60 7.72 -8.66 -4.47
N LYS A 61 8.88 -8.59 -5.15
CA LYS A 61 10.14 -9.03 -4.58
C LYS A 61 10.45 -8.20 -3.34
N LEU A 62 10.31 -6.86 -3.43
CA LEU A 62 10.48 -5.96 -2.31
C LEU A 62 9.51 -6.30 -1.19
N SER A 63 8.22 -6.53 -1.48
CA SER A 63 7.20 -6.92 -0.53
C SER A 63 7.72 -8.07 0.32
N GLN A 64 8.03 -9.23 -0.28
CA GLN A 64 8.40 -10.39 0.52
C GLN A 64 9.72 -10.14 1.25
N ALA A 65 10.66 -9.44 0.59
CA ALA A 65 11.95 -9.07 1.19
C ALA A 65 11.80 -8.19 2.42
N LEU A 66 10.78 -7.33 2.46
CA LEU A 66 10.46 -6.38 3.53
C LEU A 66 9.65 -7.05 4.63
N SER A 67 8.71 -7.92 4.25
CA SER A 67 8.01 -8.76 5.20
C SER A 67 9.03 -9.54 6.02
N ASP A 68 10.13 -9.97 5.39
CA ASP A 68 11.18 -10.74 6.03
C ASP A 68 11.89 -9.97 7.14
N ILE A 69 11.82 -8.63 7.15
CA ILE A 69 12.53 -7.79 8.10
C ILE A 69 11.62 -7.45 9.29
N GLU A 70 10.53 -6.74 9.03
CA GLU A 70 9.51 -6.27 9.97
C GLU A 70 8.43 -5.42 9.27
N VAL A 71 8.31 -5.43 7.94
CA VAL A 71 7.43 -4.51 7.22
C VAL A 71 6.62 -5.32 6.18
N PRO A 72 5.57 -6.05 6.60
CA PRO A 72 4.80 -6.86 5.68
C PRO A 72 3.86 -6.02 4.82
N CYS A 73 4.26 -5.84 3.57
CA CYS A 73 3.42 -5.31 2.50
C CYS A 73 2.44 -6.37 2.01
N SER A 74 1.47 -5.96 1.20
CA SER A 74 0.56 -6.82 0.44
C SER A 74 0.12 -6.10 -0.81
N VAL A 75 0.26 -6.79 -1.92
CA VAL A 75 0.27 -6.29 -3.25
C VAL A 75 -0.68 -7.10 -4.12
N LEU A 76 -1.88 -6.56 -4.41
CA LEU A 76 -2.90 -7.27 -5.18
C LEU A 76 -3.17 -6.51 -6.47
N GLU A 77 -2.95 -7.21 -7.58
CA GLU A 77 -3.26 -6.77 -8.94
C GLU A 77 -4.61 -7.40 -9.34
N CYS A 78 -5.37 -6.74 -10.22
CA CYS A 78 -6.60 -7.26 -10.82
C CYS A 78 -7.02 -6.28 -11.91
N GLU A 79 -6.79 -6.56 -13.19
CA GLU A 79 -7.16 -5.78 -14.38
C GLU A 79 -6.51 -4.38 -14.47
N GLY A 80 -5.96 -3.87 -13.37
CA GLY A 80 -5.64 -2.47 -13.17
C GLY A 80 -6.58 -1.84 -12.15
N GLU A 81 -6.89 -2.51 -11.03
CA GLU A 81 -7.29 -1.82 -9.81
C GLU A 81 -6.20 -2.05 -8.76
N PRO A 82 -5.01 -1.43 -8.91
CA PRO A 82 -3.83 -1.76 -8.13
C PRO A 82 -4.02 -1.45 -6.64
N CYS A 83 -4.24 -2.49 -5.83
CA CYS A 83 -4.58 -2.38 -4.41
C CYS A 83 -3.39 -2.84 -3.59
N LEU A 84 -2.73 -1.89 -2.93
CA LEU A 84 -1.70 -2.17 -1.94
C LEU A 84 -2.32 -2.01 -0.56
N PHE A 85 -1.76 -2.78 0.36
CA PHE A 85 -2.12 -2.83 1.76
C PHE A 85 -0.80 -2.93 2.50
N VAL A 86 -0.72 -2.25 3.63
CA VAL A 86 0.51 -2.03 4.39
C VAL A 86 0.07 -1.65 5.80
N ASN A 87 1.02 -1.52 6.74
CA ASN A 87 0.72 -1.41 8.15
C ASN A 87 0.22 0.01 8.43
N ARG A 88 1.15 0.92 8.66
CA ARG A 88 0.85 2.33 8.84
C ARG A 88 1.87 3.21 8.14
N GLN A 89 3.05 3.36 8.72
CA GLN A 89 4.11 4.20 8.16
C GLN A 89 4.90 3.44 7.08
N ASP A 90 4.73 2.12 7.08
CA ASP A 90 5.10 1.19 6.06
C ASP A 90 4.71 1.73 4.70
N GLU A 91 3.51 2.31 4.57
CA GLU A 91 3.09 2.91 3.32
C GLU A 91 4.12 3.92 2.83
N PHE A 92 4.38 4.95 3.64
CA PHE A 92 5.20 6.09 3.23
C PHE A 92 6.62 5.60 2.90
N ALA A 93 7.15 4.72 3.76
CA ALA A 93 8.42 4.05 3.55
C ALA A 93 8.44 3.30 2.22
N ALA A 94 7.52 2.34 2.06
CA ALA A 94 7.35 1.44 0.93
C ALA A 94 7.35 2.26 -0.36
N THR A 95 6.51 3.28 -0.45
CA THR A 95 6.45 4.09 -1.67
C THR A 95 7.76 4.85 -1.88
N CYS A 96 8.42 5.35 -0.82
CA CYS A 96 9.73 5.99 -0.93
C CYS A 96 10.75 5.02 -1.56
N ARG A 97 10.93 3.84 -0.97
CA ARG A 97 11.90 2.83 -1.44
C ARG A 97 11.57 2.40 -2.88
N LEU A 98 10.30 2.18 -3.22
CA LEU A 98 9.91 1.75 -4.57
C LEU A 98 10.17 2.82 -5.62
N LYS A 99 9.83 4.08 -5.31
CA LYS A 99 10.14 5.19 -6.20
C LYS A 99 11.63 5.31 -6.41
N ASN A 100 12.42 5.04 -5.38
CA ASN A 100 13.88 4.96 -5.49
C ASN A 100 14.30 3.80 -6.40
N PHE A 101 13.64 2.63 -6.33
CA PHE A 101 13.93 1.52 -7.24
C PHE A 101 13.77 1.96 -8.69
N GLY A 102 12.73 2.76 -8.97
CA GLY A 102 12.47 3.28 -10.29
C GLY A 102 11.01 3.62 -10.57
N VAL A 103 10.07 3.17 -9.73
CA VAL A 103 8.66 3.08 -10.11
C VAL A 103 7.78 3.79 -9.08
N ALA A 104 7.05 4.82 -9.51
CA ALA A 104 5.99 5.43 -8.72
C ALA A 104 4.86 4.43 -8.55
N ILE A 105 4.56 4.10 -7.30
CA ILE A 105 3.38 3.37 -6.87
C ILE A 105 2.77 4.13 -5.68
N ALA A 106 1.50 3.84 -5.35
CA ALA A 106 0.71 4.46 -4.30
C ALA A 106 0.69 5.99 -4.31
N GLU A 107 0.02 6.53 -3.30
CA GLU A 107 -0.05 7.94 -2.98
C GLU A 107 1.34 8.48 -2.61
N PRO A 108 1.51 9.81 -2.59
CA PRO A 108 2.62 10.44 -1.93
C PRO A 108 2.41 10.46 -0.41
N PHE A 109 3.42 10.94 0.31
CA PHE A 109 3.39 11.16 1.76
C PHE A 109 3.43 12.66 2.07
N SER A 110 3.01 13.51 1.12
CA SER A 110 3.16 14.95 1.23
C SER A 110 2.08 15.56 2.11
N ASN A 111 2.39 16.73 2.66
CA ASN A 111 1.63 17.42 3.71
C ASN A 111 0.16 17.57 3.33
N TYR A 112 -0.68 16.73 3.92
CA TYR A 112 -2.12 16.61 3.78
C TYR A 112 -2.62 16.55 2.32
N ASN A 113 -1.91 15.80 1.47
CA ASN A 113 -2.14 15.60 0.04
C ASN A 113 -2.49 16.91 -0.67
N PRO A 114 -1.48 17.78 -0.87
CA PRO A 114 -1.71 19.17 -1.27
C PRO A 114 -2.03 19.32 -2.77
N PHE A 115 -1.77 18.28 -3.54
CA PHE A 115 -1.75 18.33 -5.01
C PHE A 115 -3.15 18.26 -5.61
N THR A 3 10.23 8.88 -17.19
CA THR A 3 9.22 9.91 -17.37
C THR A 3 7.96 9.26 -17.94
N SER A 4 6.81 9.89 -17.72
CA SER A 4 5.51 9.47 -18.21
C SER A 4 4.59 10.68 -18.16
N LEU A 5 3.40 10.56 -18.75
CA LEU A 5 2.43 11.64 -18.85
C LEU A 5 1.16 11.32 -18.07
N GLN A 6 1.20 10.33 -17.17
CA GLN A 6 0.00 9.73 -16.57
C GLN A 6 0.13 9.38 -15.07
N LEU A 7 1.07 10.06 -14.42
CA LEU A 7 1.74 9.65 -13.20
C LEU A 7 1.32 10.52 -12.00
N SER A 8 0.03 10.80 -11.94
CA SER A 8 -0.64 11.63 -10.95
C SER A 8 -1.34 10.76 -9.91
N ILE A 9 -0.64 10.40 -8.83
CA ILE A 9 -1.18 9.49 -7.82
C ILE A 9 -2.22 10.24 -6.97
N VAL A 10 -3.26 9.55 -6.51
CA VAL A 10 -4.36 10.11 -5.73
C VAL A 10 -4.61 9.21 -4.51
N HIS A 11 -5.49 9.61 -3.59
CA HIS A 11 -5.98 8.79 -2.48
C HIS A 11 -7.41 9.26 -2.11
N ARG A 12 -7.99 8.77 -1.01
CA ARG A 12 -9.35 9.07 -0.50
C ARG A 12 -9.45 8.89 1.03
N LEU A 13 -8.34 9.00 1.77
CA LEU A 13 -8.08 8.37 3.07
C LEU A 13 -8.20 6.83 3.01
N PRO A 14 -7.55 6.09 3.92
CA PRO A 14 -7.88 4.69 4.22
C PRO A 14 -9.13 4.62 5.09
N GLN A 15 -9.78 3.46 5.21
CA GLN A 15 -11.14 3.33 5.77
C GLN A 15 -11.23 2.25 6.83
N ASN A 16 -10.39 2.42 7.82
CA ASN A 16 -10.36 1.80 9.14
C ASN A 16 -10.62 0.32 9.00
N TYR A 17 -9.59 -0.50 8.76
CA TYR A 17 -9.80 -1.93 8.57
C TYR A 17 -8.58 -2.66 9.16
N ARG A 18 -8.66 -3.98 9.25
CA ARG A 18 -7.56 -4.84 9.71
C ARG A 18 -7.55 -6.16 8.93
N TRP A 19 -6.59 -7.04 9.21
CA TRP A 19 -6.70 -8.43 8.80
C TRP A 19 -7.88 -9.07 9.54
N SER A 20 -8.64 -10.00 8.92
CA SER A 20 -9.80 -10.59 9.58
C SER A 20 -9.43 -11.71 10.57
N ALA A 21 -8.20 -11.71 11.10
CA ALA A 21 -7.68 -12.73 11.99
C ALA A 21 -7.95 -14.16 11.49
N GLY A 22 -7.86 -14.37 10.17
CA GLY A 22 -8.09 -15.65 9.52
C GLY A 22 -6.97 -15.98 8.54
N PHE A 23 -6.65 -15.07 7.64
CA PHE A 23 -5.73 -15.27 6.53
C PHE A 23 -4.94 -13.97 6.36
N ALA A 24 -4.01 -13.67 7.27
CA ALA A 24 -3.27 -12.40 7.26
C ALA A 24 -2.74 -12.01 5.88
N GLY A 25 -2.27 -12.98 5.09
CA GLY A 25 -1.70 -12.76 3.78
C GLY A 25 -2.70 -12.62 2.64
N SER A 26 -3.99 -12.96 2.83
CA SER A 26 -5.02 -12.85 1.80
C SER A 26 -6.39 -12.52 2.44
N LYS A 27 -6.49 -11.46 3.25
CA LYS A 27 -7.77 -11.09 3.85
C LYS A 27 -7.75 -9.69 4.40
N VAL A 28 -8.84 -8.95 4.20
CA VAL A 28 -9.06 -7.65 4.81
C VAL A 28 -10.52 -7.47 5.20
N GLU A 29 -10.79 -6.85 6.35
CA GLU A 29 -12.15 -6.51 6.80
C GLU A 29 -12.15 -5.20 7.61
N PRO A 30 -13.20 -4.37 7.50
CA PRO A 30 -13.32 -3.06 8.13
C PRO A 30 -13.41 -3.08 9.67
N ILE A 31 -13.44 -1.89 10.26
CA ILE A 31 -13.51 -1.62 11.69
C ILE A 31 -14.94 -1.15 12.00
N PRO A 32 -15.84 -2.02 12.48
CA PRO A 32 -17.16 -1.65 12.97
C PRO A 32 -17.04 -1.04 14.37
N GLN A 33 -16.53 0.20 14.42
CA GLN A 33 -16.43 1.10 15.56
C GLN A 33 -15.66 0.51 16.76
N ASN A 34 -14.92 -0.59 16.57
CA ASN A 34 -14.28 -1.33 17.66
C ASN A 34 -13.39 -0.45 18.51
N GLY A 35 -12.58 0.38 17.85
CA GLY A 35 -11.48 1.07 18.50
C GLY A 35 -10.31 0.09 18.69
N PRO A 36 -9.45 -0.07 17.68
CA PRO A 36 -8.24 -0.86 17.82
C PRO A 36 -7.25 -0.19 18.78
N CYS A 37 -6.06 -0.78 18.93
CA CYS A 37 -4.96 -0.28 19.73
C CYS A 37 -4.73 1.22 19.54
N GLY A 38 -4.80 1.69 18.31
CA GLY A 38 -4.81 3.10 17.98
C GLY A 38 -4.16 3.25 16.61
N ASP A 39 -2.83 3.21 16.57
CA ASP A 39 -2.08 3.48 15.35
C ASP A 39 -1.61 2.17 14.67
N ASN A 40 -2.15 1.02 15.09
CA ASN A 40 -1.79 -0.32 14.60
C ASN A 40 -2.75 -0.78 13.50
N SER A 41 -3.49 0.16 12.92
CA SER A 41 -4.45 -0.05 11.86
C SER A 41 -3.73 -0.48 10.56
N LEU A 42 -4.50 -0.61 9.48
CA LEU A 42 -3.97 -0.84 8.14
C LEU A 42 -4.36 0.34 7.25
N VAL A 43 -3.64 0.56 6.14
CA VAL A 43 -3.87 1.62 5.16
C VAL A 43 -3.84 1.00 3.74
N ALA A 44 -4.52 1.62 2.77
CA ALA A 44 -5.09 0.93 1.61
C ALA A 44 -4.79 1.70 0.32
N LEU A 45 -3.83 1.21 -0.46
CA LEU A 45 -3.20 1.91 -1.58
C LEU A 45 -3.83 1.38 -2.87
N LYS A 46 -4.34 2.28 -3.72
CA LYS A 46 -5.29 1.99 -4.80
C LYS A 46 -4.62 2.15 -6.18
N LEU A 47 -5.42 2.10 -7.25
CA LEU A 47 -4.96 2.44 -8.60
C LEU A 47 -4.25 3.78 -8.55
N LEU A 48 -2.99 3.76 -8.98
CA LEU A 48 -2.01 4.81 -8.81
C LEU A 48 -1.38 5.19 -10.15
N SER A 49 -1.11 4.19 -11.00
CA SER A 49 -0.50 4.22 -12.33
C SER A 49 0.91 4.85 -12.44
N PRO A 50 1.58 4.70 -13.61
CA PRO A 50 1.28 3.70 -14.64
C PRO A 50 1.54 2.29 -14.09
N ASP A 51 0.95 1.29 -14.73
CA ASP A 51 0.96 -0.10 -14.29
C ASP A 51 1.79 -0.93 -15.28
N GLY A 52 1.50 -2.23 -15.37
CA GLY A 52 2.11 -3.17 -16.27
C GLY A 52 2.66 -4.32 -15.45
N ASP A 53 2.60 -5.54 -16.00
CA ASP A 53 3.01 -6.77 -15.33
C ASP A 53 4.46 -6.69 -14.88
N ASN A 54 5.28 -5.90 -15.60
CA ASN A 54 6.66 -5.63 -15.23
C ASN A 54 6.71 -4.98 -13.84
N ALA A 55 6.00 -3.86 -13.71
CA ALA A 55 5.98 -3.04 -12.52
C ALA A 55 5.31 -3.78 -11.37
N TRP A 56 4.23 -4.52 -11.65
CA TRP A 56 3.57 -5.44 -10.72
C TRP A 56 4.60 -6.39 -10.11
N SER A 57 5.36 -7.10 -10.96
CA SER A 57 6.41 -8.01 -10.52
C SER A 57 7.38 -7.27 -9.62
N VAL A 58 8.06 -6.22 -10.09
CA VAL A 58 9.03 -5.47 -9.30
C VAL A 58 8.46 -5.10 -7.92
N MET A 59 7.28 -4.50 -7.85
CA MET A 59 6.73 -4.08 -6.56
C MET A 59 6.42 -5.31 -5.70
N TYR A 60 5.87 -6.38 -6.27
CA TYR A 60 5.58 -7.63 -5.56
C TYR A 60 6.84 -8.26 -4.97
N LYS A 61 7.92 -8.36 -5.75
CA LYS A 61 9.16 -8.96 -5.28
C LYS A 61 9.71 -8.15 -4.11
N LEU A 62 9.75 -6.82 -4.26
CA LEU A 62 10.15 -5.93 -3.17
C LEU A 62 9.23 -6.11 -1.98
N SER A 63 7.91 -6.23 -2.18
CA SER A 63 6.93 -6.39 -1.13
C SER A 63 7.20 -7.65 -0.29
N GLN A 64 7.49 -8.80 -0.91
CA GLN A 64 7.91 -10.00 -0.18
C GLN A 64 9.19 -9.71 0.60
N ALA A 65 10.17 -9.06 -0.04
CA ALA A 65 11.44 -8.75 0.59
C ALA A 65 11.27 -7.88 1.83
N LEU A 66 10.52 -6.78 1.74
CA LEU A 66 10.19 -5.86 2.84
C LEU A 66 9.41 -6.58 3.95
N SER A 67 8.42 -7.39 3.57
CA SER A 67 7.63 -8.22 4.47
C SER A 67 8.53 -9.17 5.25
N ASP A 68 9.61 -9.67 4.64
CA ASP A 68 10.57 -10.56 5.28
C ASP A 68 11.33 -9.91 6.42
N ILE A 69 11.31 -8.56 6.52
CA ILE A 69 12.04 -7.80 7.50
C ILE A 69 11.08 -7.42 8.63
N GLU A 70 10.14 -6.50 8.36
CA GLU A 70 9.24 -6.00 9.37
C GLU A 70 7.98 -5.35 8.77
N VAL A 71 7.69 -5.53 7.47
CA VAL A 71 6.72 -4.67 6.78
C VAL A 71 5.67 -5.55 6.08
N PRO A 72 4.78 -6.25 6.80
CA PRO A 72 3.84 -7.17 6.16
C PRO A 72 2.75 -6.40 5.42
N CYS A 73 2.87 -6.40 4.10
CA CYS A 73 1.89 -5.87 3.14
C CYS A 73 0.90 -6.97 2.76
N SER A 74 0.03 -6.67 1.79
CA SER A 74 -0.68 -7.64 0.96
C SER A 74 -0.73 -7.01 -0.44
N VAL A 75 -0.15 -7.65 -1.44
CA VAL A 75 -0.13 -7.19 -2.83
C VAL A 75 -1.27 -7.91 -3.55
N LEU A 76 -2.40 -7.24 -3.76
CA LEU A 76 -3.58 -7.87 -4.35
C LEU A 76 -4.15 -6.92 -5.39
N GLU A 77 -5.26 -7.32 -5.99
CA GLU A 77 -6.06 -6.54 -6.91
C GLU A 77 -7.48 -6.44 -6.35
N CYS A 78 -8.26 -5.51 -6.87
CA CYS A 78 -9.63 -5.22 -6.50
C CYS A 78 -10.34 -4.83 -7.79
N GLU A 79 -11.40 -5.57 -8.14
CA GLU A 79 -12.26 -5.39 -9.30
C GLU A 79 -11.49 -5.67 -10.60
N GLY A 80 -10.49 -4.87 -10.93
CA GLY A 80 -9.50 -5.12 -11.96
C GLY A 80 -8.25 -4.26 -11.81
N GLU A 81 -8.05 -3.63 -10.65
CA GLU A 81 -7.03 -2.62 -10.41
C GLU A 81 -6.13 -3.04 -9.24
N PRO A 82 -4.89 -2.53 -9.14
CA PRO A 82 -3.95 -2.89 -8.09
C PRO A 82 -4.38 -2.29 -6.74
N CYS A 83 -4.44 -3.13 -5.71
CA CYS A 83 -4.67 -2.74 -4.33
C CYS A 83 -3.56 -3.33 -3.46
N LEU A 84 -2.60 -2.49 -3.09
CA LEU A 84 -1.70 -2.79 -1.98
C LEU A 84 -2.44 -2.53 -0.67
N PHE A 85 -2.04 -3.26 0.35
CA PHE A 85 -2.50 -3.11 1.71
C PHE A 85 -1.24 -3.12 2.55
N VAL A 86 -1.11 -2.20 3.51
CA VAL A 86 0.07 -2.00 4.34
C VAL A 86 -0.40 -1.55 5.72
N ASN A 87 0.51 -1.38 6.70
CA ASN A 87 0.13 -1.16 8.08
C ASN A 87 -0.19 0.31 8.26
N ARG A 88 0.85 1.11 8.53
CA ARG A 88 0.65 2.52 8.82
C ARG A 88 1.81 3.36 8.28
N GLN A 89 2.95 3.42 8.97
CA GLN A 89 4.11 4.19 8.47
C GLN A 89 4.74 3.54 7.25
N ASP A 90 4.39 2.27 7.05
CA ASP A 90 4.62 1.48 5.86
C ASP A 90 4.31 2.30 4.62
N GLU A 91 3.30 3.18 4.65
CA GLU A 91 2.86 3.91 3.48
C GLU A 91 4.02 4.76 2.92
N PHE A 92 4.52 5.64 3.78
CA PHE A 92 5.49 6.66 3.49
C PHE A 92 6.86 6.04 3.38
N ALA A 93 7.14 5.05 4.22
CA ALA A 93 8.36 4.28 4.17
C ALA A 93 8.45 3.54 2.83
N ALA A 94 7.38 2.87 2.40
CA ALA A 94 7.32 2.14 1.14
C ALA A 94 7.59 3.10 -0.01
N THR A 95 6.82 4.19 -0.15
CA THR A 95 7.01 5.09 -1.28
C THR A 95 8.45 5.64 -1.21
N CYS A 96 8.93 6.05 -0.03
CA CYS A 96 10.27 6.61 0.18
C CYS A 96 11.38 5.68 -0.36
N ARG A 97 11.39 4.38 -0.02
CA ARG A 97 12.39 3.47 -0.61
C ARG A 97 12.09 3.17 -2.07
N LEU A 98 10.84 2.93 -2.44
CA LEU A 98 10.51 2.46 -3.80
C LEU A 98 10.64 3.57 -4.84
N LYS A 99 10.68 4.85 -4.43
CA LYS A 99 11.11 5.97 -5.29
C LYS A 99 12.47 5.66 -5.90
N ASN A 100 13.39 5.07 -5.12
CA ASN A 100 14.73 4.72 -5.59
C ASN A 100 14.71 3.60 -6.61
N PHE A 101 13.86 2.59 -6.41
CA PHE A 101 13.60 1.55 -7.41
C PHE A 101 12.96 2.14 -8.68
N GLY A 102 12.46 3.36 -8.64
CA GLY A 102 12.02 4.09 -9.81
C GLY A 102 10.70 3.56 -10.35
N VAL A 103 9.87 2.94 -9.52
CA VAL A 103 8.61 2.32 -9.92
C VAL A 103 7.43 3.22 -9.56
N ALA A 104 6.24 2.91 -10.08
CA ALA A 104 5.00 3.58 -9.75
C ALA A 104 4.57 3.17 -8.35
N ILE A 105 4.18 4.15 -7.52
CA ILE A 105 3.99 4.02 -6.08
C ILE A 105 2.85 4.92 -5.63
N ALA A 106 2.47 4.82 -4.35
CA ALA A 106 1.38 5.57 -3.74
C ALA A 106 1.74 7.05 -3.64
N GLU A 107 0.86 7.83 -3.00
CA GLU A 107 1.17 9.19 -2.60
C GLU A 107 2.55 9.22 -1.91
N PRO A 108 3.34 10.28 -2.10
CA PRO A 108 4.61 10.38 -1.42
C PRO A 108 4.42 10.71 0.05
N PHE A 109 5.47 10.34 0.78
CA PHE A 109 5.79 10.61 2.15
C PHE A 109 5.48 12.07 2.48
N SER A 110 4.35 12.22 3.16
CA SER A 110 3.71 13.44 3.56
C SER A 110 3.33 13.35 5.05
N ASN A 111 2.34 14.14 5.47
CA ASN A 111 1.58 13.90 6.70
C ASN A 111 0.73 12.63 6.54
N TYR A 112 -0.23 12.43 7.44
CA TYR A 112 -1.15 11.31 7.59
C TYR A 112 -2.14 11.13 6.42
N ASN A 113 -1.65 10.73 5.25
CA ASN A 113 -2.40 10.56 3.99
C ASN A 113 -3.20 11.84 3.65
N PRO A 114 -2.56 12.95 3.25
CA PRO A 114 -3.24 14.22 3.03
C PRO A 114 -3.99 14.31 1.70
N PHE A 115 -3.71 13.40 0.77
CA PHE A 115 -4.40 13.31 -0.52
C PHE A 115 -5.82 12.74 -0.34
N THR A 3 10.37 12.46 -7.90
CA THR A 3 11.13 12.32 -9.12
C THR A 3 10.23 12.78 -10.28
N SER A 4 10.29 14.06 -10.64
CA SER A 4 9.37 14.69 -11.59
C SER A 4 7.91 14.57 -11.15
N LEU A 5 6.97 15.10 -11.94
CA LEU A 5 5.57 15.27 -11.50
C LEU A 5 4.58 14.62 -12.47
N GLN A 6 5.05 13.77 -13.37
CA GLN A 6 4.27 12.93 -14.28
C GLN A 6 3.47 11.81 -13.57
N LEU A 7 3.09 12.02 -12.31
CA LEU A 7 2.53 11.02 -11.41
C LEU A 7 1.53 11.63 -10.41
N SER A 8 0.80 12.66 -10.83
CA SER A 8 -0.34 13.19 -10.09
C SER A 8 -1.38 12.08 -9.88
N ILE A 9 -1.79 11.81 -8.65
CA ILE A 9 -2.88 10.90 -8.30
C ILE A 9 -3.52 11.46 -7.01
N VAL A 10 -4.84 11.31 -6.79
CA VAL A 10 -5.49 11.61 -5.51
C VAL A 10 -6.77 10.78 -5.38
N HIS A 11 -6.81 9.75 -4.53
CA HIS A 11 -8.07 9.06 -4.18
C HIS A 11 -8.32 8.96 -2.67
N ARG A 12 -7.60 9.72 -1.83
CA ARG A 12 -7.89 9.94 -0.41
C ARG A 12 -7.59 8.68 0.43
N LEU A 13 -7.28 8.87 1.72
CA LEU A 13 -6.93 7.77 2.61
C LEU A 13 -8.16 6.87 2.90
N PRO A 14 -7.95 5.62 3.34
CA PRO A 14 -9.01 4.69 3.70
C PRO A 14 -9.58 4.98 5.10
N GLN A 15 -10.62 4.22 5.48
CA GLN A 15 -10.97 4.02 6.88
C GLN A 15 -9.85 3.24 7.58
N ASN A 16 -9.89 3.18 8.91
CA ASN A 16 -9.08 2.28 9.71
C ASN A 16 -9.73 0.91 9.63
N TYR A 17 -8.99 -0.14 9.29
CA TYR A 17 -9.52 -1.49 9.21
C TYR A 17 -8.39 -2.46 9.63
N ARG A 18 -8.64 -3.78 9.65
CA ARG A 18 -7.62 -4.80 9.98
C ARG A 18 -7.83 -6.08 9.15
N TRP A 19 -6.98 -7.11 9.31
CA TRP A 19 -7.24 -8.41 8.67
C TRP A 19 -8.44 -9.04 9.38
N SER A 20 -9.22 -9.90 8.71
CA SER A 20 -10.39 -10.53 9.33
C SER A 20 -10.08 -11.87 10.02
N ALA A 21 -8.84 -12.10 10.44
CA ALA A 21 -8.37 -13.33 11.09
C ALA A 21 -8.67 -14.63 10.34
N GLY A 22 -9.04 -14.57 9.05
CA GLY A 22 -9.33 -15.74 8.24
C GLY A 22 -8.33 -15.93 7.13
N PHE A 23 -7.81 -14.84 6.55
CA PHE A 23 -6.87 -14.89 5.44
C PHE A 23 -5.96 -13.67 5.52
N ALA A 24 -4.93 -13.71 6.35
CA ALA A 24 -4.04 -12.57 6.55
C ALA A 24 -3.42 -12.07 5.24
N GLY A 25 -3.21 -12.94 4.24
CA GLY A 25 -2.62 -12.54 2.96
C GLY A 25 -3.65 -12.01 1.96
N SER A 26 -4.95 -12.28 2.10
CA SER A 26 -5.96 -11.70 1.21
C SER A 26 -7.29 -11.54 1.95
N LYS A 27 -7.33 -10.65 2.94
CA LYS A 27 -8.59 -10.32 3.61
C LYS A 27 -8.47 -9.00 4.34
N VAL A 28 -9.48 -8.17 4.16
CA VAL A 28 -9.62 -6.95 4.93
C VAL A 28 -11.02 -6.98 5.55
N GLU A 29 -11.19 -6.49 6.78
CA GLU A 29 -12.49 -6.06 7.27
C GLU A 29 -12.35 -4.79 8.10
N PRO A 30 -13.35 -3.88 8.03
CA PRO A 30 -13.42 -2.64 8.80
C PRO A 30 -13.49 -2.90 10.31
N ILE A 31 -13.43 -1.84 11.10
CA ILE A 31 -13.48 -1.91 12.57
C ILE A 31 -14.84 -1.37 13.01
N PRO A 32 -15.85 -2.23 13.24
CA PRO A 32 -17.13 -1.85 13.81
C PRO A 32 -17.01 -1.70 15.35
N GLN A 33 -16.44 -0.58 15.78
CA GLN A 33 -16.32 -0.04 17.13
C GLN A 33 -15.63 -0.93 18.19
N ASN A 34 -14.93 -1.99 17.78
CA ASN A 34 -14.30 -2.97 18.68
C ASN A 34 -13.00 -2.48 19.33
N GLY A 35 -12.68 -1.18 19.31
CA GLY A 35 -11.49 -0.68 20.01
C GLY A 35 -10.53 0.08 19.09
N PRO A 36 -10.73 1.38 18.86
CA PRO A 36 -9.78 2.18 18.08
C PRO A 36 -8.45 2.32 18.78
N CYS A 37 -7.37 1.96 18.10
CA CYS A 37 -6.04 2.48 18.35
C CYS A 37 -5.88 3.73 17.49
N GLY A 38 -5.70 3.52 16.19
CA GLY A 38 -5.23 4.52 15.25
C GLY A 38 -3.82 4.15 14.86
N ASP A 39 -2.90 4.14 15.82
CA ASP A 39 -1.47 3.89 15.57
C ASP A 39 -1.13 2.42 15.36
N ASN A 40 -2.13 1.60 15.12
CA ASN A 40 -2.05 0.16 15.02
C ASN A 40 -2.96 -0.45 13.93
N SER A 41 -3.31 0.33 12.90
CA SER A 41 -4.38 -0.03 11.98
C SER A 41 -3.80 -0.62 10.69
N LEU A 42 -4.60 -0.72 9.63
CA LEU A 42 -4.10 -0.89 8.28
C LEU A 42 -4.56 0.27 7.43
N VAL A 43 -3.83 0.51 6.35
CA VAL A 43 -4.13 1.47 5.30
C VAL A 43 -3.95 0.76 3.95
N ALA A 44 -4.34 1.38 2.84
CA ALA A 44 -4.64 0.69 1.61
C ALA A 44 -4.42 1.63 0.43
N LEU A 45 -3.89 1.06 -0.65
CA LEU A 45 -3.70 1.72 -1.94
C LEU A 45 -4.48 0.89 -2.94
N LYS A 46 -5.37 1.49 -3.73
CA LYS A 46 -5.76 0.88 -5.00
C LYS A 46 -4.64 1.10 -6.00
N LEU A 47 -4.96 0.93 -7.29
CA LEU A 47 -4.03 1.12 -8.39
C LEU A 47 -3.43 2.52 -8.44
N LEU A 48 -2.44 2.65 -9.32
CA LEU A 48 -1.62 3.83 -9.53
C LEU A 48 -1.47 4.03 -11.05
N SER A 49 -0.74 5.05 -11.49
CA SER A 49 -0.32 5.10 -12.88
C SER A 49 0.91 5.99 -13.08
N PRO A 50 1.62 5.85 -14.22
CA PRO A 50 1.60 4.67 -15.09
C PRO A 50 2.21 3.44 -14.39
N ASP A 51 2.11 2.27 -15.01
CA ASP A 51 2.22 0.93 -14.42
C ASP A 51 2.97 -0.01 -15.38
N GLY A 52 3.06 -1.32 -15.06
CA GLY A 52 3.60 -2.34 -15.97
C GLY A 52 4.20 -3.53 -15.21
N ASP A 53 4.54 -4.60 -15.92
CA ASP A 53 5.03 -5.88 -15.37
C ASP A 53 6.24 -5.70 -14.47
N ASN A 54 7.10 -4.74 -14.84
CA ASN A 54 8.33 -4.44 -14.11
C ASN A 54 8.00 -3.89 -12.74
N ALA A 55 7.08 -2.93 -12.69
CA ALA A 55 6.63 -2.42 -11.42
C ALA A 55 6.05 -3.56 -10.60
N TRP A 56 5.23 -4.44 -11.19
CA TRP A 56 4.69 -5.61 -10.50
C TRP A 56 5.79 -6.50 -9.91
N SER A 57 6.73 -6.97 -10.73
CA SER A 57 7.74 -7.94 -10.31
C SER A 57 8.54 -7.34 -9.15
N VAL A 58 9.14 -6.17 -9.39
CA VAL A 58 9.89 -5.41 -8.42
C VAL A 58 9.07 -5.14 -7.15
N MET A 59 7.81 -4.72 -7.26
CA MET A 59 6.96 -4.43 -6.10
C MET A 59 6.78 -5.69 -5.25
N TYR A 60 6.42 -6.82 -5.88
CA TYR A 60 6.14 -8.08 -5.20
C TYR A 60 7.41 -8.62 -4.53
N LYS A 61 8.52 -8.65 -5.28
CA LYS A 61 9.83 -9.04 -4.77
C LYS A 61 10.17 -8.20 -3.53
N LEU A 62 10.10 -6.88 -3.66
CA LEU A 62 10.43 -5.97 -2.58
C LEU A 62 9.50 -6.19 -1.41
N SER A 63 8.19 -6.38 -1.61
CA SER A 63 7.28 -6.62 -0.49
C SER A 63 7.70 -7.85 0.30
N GLN A 64 8.07 -8.94 -0.37
CA GLN A 64 8.52 -10.15 0.31
C GLN A 64 9.85 -9.90 1.03
N ALA A 65 10.76 -9.14 0.42
CA ALA A 65 12.07 -8.81 0.98
C ALA A 65 11.95 -7.88 2.19
N LEU A 66 11.00 -6.95 2.18
CA LEU A 66 10.67 -6.04 3.27
C LEU A 66 10.00 -6.79 4.42
N SER A 67 9.06 -7.69 4.11
CA SER A 67 8.41 -8.54 5.08
C SER A 67 9.42 -9.47 5.73
N ASP A 68 10.47 -9.86 5.02
CA ASP A 68 11.60 -10.64 5.52
C ASP A 68 12.32 -9.93 6.68
N ILE A 69 12.13 -8.60 6.81
CA ILE A 69 12.64 -7.80 7.89
C ILE A 69 11.57 -7.73 8.97
N GLU A 70 10.51 -6.93 8.77
CA GLU A 70 9.51 -6.62 9.81
C GLU A 70 8.21 -6.04 9.21
N VAL A 71 8.01 -6.14 7.88
CA VAL A 71 7.06 -5.26 7.18
C VAL A 71 6.05 -6.07 6.36
N PRO A 72 4.94 -6.53 6.96
CA PRO A 72 3.91 -7.25 6.22
C PRO A 72 3.21 -6.32 5.24
N CYS A 73 3.34 -6.62 3.95
CA CYS A 73 2.63 -5.93 2.89
C CYS A 73 1.76 -6.99 2.20
N SER A 74 0.50 -6.69 1.89
CA SER A 74 -0.34 -7.54 1.04
C SER A 74 -0.38 -6.91 -0.35
N VAL A 75 -0.28 -7.73 -1.39
CA VAL A 75 -0.22 -7.39 -2.80
C VAL A 75 -1.27 -8.22 -3.54
N LEU A 76 -2.31 -7.59 -4.10
CA LEU A 76 -3.38 -8.27 -4.81
C LEU A 76 -3.65 -7.60 -6.14
N GLU A 77 -4.34 -8.33 -7.01
CA GLU A 77 -4.51 -8.06 -8.43
C GLU A 77 -5.95 -8.35 -8.81
N CYS A 78 -6.55 -7.49 -9.64
CA CYS A 78 -7.82 -7.69 -10.31
C CYS A 78 -7.65 -7.07 -11.69
N GLU A 79 -7.47 -7.89 -12.73
CA GLU A 79 -7.41 -7.52 -14.14
C GLU A 79 -6.24 -6.60 -14.53
N GLY A 80 -6.21 -5.39 -13.99
CA GLY A 80 -5.16 -4.40 -14.15
C GLY A 80 -5.15 -3.40 -12.99
N GLU A 81 -5.76 -3.75 -11.86
CA GLU A 81 -5.89 -2.91 -10.69
C GLU A 81 -5.00 -3.46 -9.56
N PRO A 82 -3.69 -3.13 -9.50
CA PRO A 82 -2.85 -3.45 -8.35
C PRO A 82 -3.44 -2.82 -7.09
N CYS A 83 -3.81 -3.64 -6.09
CA CYS A 83 -4.31 -3.15 -4.81
C CYS A 83 -3.40 -3.67 -3.71
N LEU A 84 -2.82 -2.74 -2.96
CA LEU A 84 -1.88 -3.01 -1.89
C LEU A 84 -2.52 -2.65 -0.55
N PHE A 85 -2.00 -3.24 0.52
CA PHE A 85 -2.43 -3.01 1.89
C PHE A 85 -1.17 -3.04 2.75
N VAL A 86 -1.01 -2.06 3.62
CA VAL A 86 0.15 -1.91 4.50
C VAL A 86 -0.31 -1.50 5.90
N ASN A 87 0.62 -1.45 6.85
CA ASN A 87 0.39 -1.04 8.23
C ASN A 87 -0.20 0.35 8.28
N ARG A 88 0.68 1.30 8.02
CA ARG A 88 0.45 2.73 8.26
C ARG A 88 1.61 3.53 7.71
N GLN A 89 2.71 3.47 8.44
CA GLN A 89 3.95 4.18 8.13
C GLN A 89 4.65 3.55 6.94
N ASP A 90 4.39 2.27 6.71
CA ASP A 90 4.84 1.54 5.53
C ASP A 90 4.22 2.07 4.24
N GLU A 91 3.16 2.88 4.30
CA GLU A 91 2.72 3.58 3.11
C GLU A 91 3.83 4.55 2.67
N PHE A 92 4.16 5.54 3.52
CA PHE A 92 5.04 6.61 3.10
C PHE A 92 6.45 6.06 2.84
N ALA A 93 6.87 5.14 3.71
CA ALA A 93 8.17 4.52 3.69
C ALA A 93 8.32 3.71 2.39
N ALA A 94 7.44 2.74 2.13
CA ALA A 94 7.55 1.91 0.94
C ALA A 94 7.47 2.78 -0.31
N THR A 95 6.54 3.76 -0.37
CA THR A 95 6.39 4.51 -1.61
C THR A 95 7.69 5.31 -1.83
N CYS A 96 8.34 5.82 -0.77
CA CYS A 96 9.65 6.43 -0.87
C CYS A 96 10.66 5.48 -1.52
N ARG A 97 10.81 4.26 -0.98
CA ARG A 97 11.79 3.29 -1.47
C ARG A 97 11.53 2.99 -2.95
N LEU A 98 10.28 2.78 -3.34
CA LEU A 98 9.94 2.43 -4.71
C LEU A 98 10.11 3.62 -5.66
N LYS A 99 9.74 4.85 -5.27
CA LYS A 99 10.11 6.06 -6.02
C LYS A 99 11.63 6.07 -6.23
N ASN A 100 12.41 5.65 -5.23
CA ASN A 100 13.86 5.57 -5.29
C ASN A 100 14.34 4.51 -6.29
N PHE A 101 13.83 3.27 -6.22
CA PHE A 101 14.15 2.21 -7.20
C PHE A 101 13.69 2.60 -8.62
N GLY A 102 12.84 3.61 -8.75
CA GLY A 102 12.68 4.37 -9.97
C GLY A 102 11.25 4.42 -10.46
N VAL A 103 10.25 4.07 -9.64
CA VAL A 103 8.86 3.96 -10.07
C VAL A 103 7.93 4.84 -9.23
N ALA A 104 7.11 5.64 -9.91
CA ALA A 104 5.98 6.29 -9.29
C ALA A 104 4.92 5.24 -8.99
N ILE A 105 4.49 5.16 -7.73
CA ILE A 105 3.31 4.44 -7.29
C ILE A 105 2.64 5.29 -6.20
N ALA A 106 1.31 5.46 -6.29
CA ALA A 106 0.41 6.15 -5.38
C ALA A 106 0.85 7.54 -4.89
N GLU A 107 0.03 8.15 -4.03
CA GLU A 107 0.24 9.53 -3.62
C GLU A 107 1.44 9.57 -2.65
N PRO A 108 2.26 10.61 -2.69
CA PRO A 108 3.41 10.75 -1.81
C PRO A 108 3.02 11.33 -0.46
N PHE A 109 3.88 11.11 0.54
CA PHE A 109 3.86 11.76 1.84
C PHE A 109 4.27 13.24 1.80
N SER A 110 4.15 13.93 0.66
CA SER A 110 4.35 15.36 0.61
C SER A 110 3.02 16.04 0.91
N ASN A 111 3.08 17.22 1.51
CA ASN A 111 1.97 17.92 2.13
C ASN A 111 0.87 18.14 1.11
N TYR A 112 -0.16 17.31 1.15
CA TYR A 112 -1.25 17.20 0.19
C TYR A 112 -0.81 17.23 -1.28
N ASN A 113 0.42 16.78 -1.55
CA ASN A 113 1.02 16.66 -2.88
C ASN A 113 1.18 18.08 -3.45
N PRO A 114 2.23 18.83 -3.04
CA PRO A 114 2.34 20.26 -3.29
C PRO A 114 2.57 20.62 -4.75
N PHE A 115 3.24 19.69 -5.47
CA PHE A 115 3.56 19.74 -6.88
C PHE A 115 4.13 21.11 -7.25
N THR A 3 11.75 3.15 -17.41
CA THR A 3 11.18 3.68 -16.16
C THR A 3 9.65 3.73 -16.28
N SER A 4 9.06 2.78 -17.02
CA SER A 4 7.63 2.67 -17.26
C SER A 4 7.05 3.90 -17.98
N LEU A 5 5.75 3.82 -18.26
CA LEU A 5 5.00 4.76 -19.10
C LEU A 5 3.65 5.10 -18.46
N GLN A 6 3.48 4.87 -17.16
CA GLN A 6 2.27 5.17 -16.40
C GLN A 6 2.64 5.37 -14.94
N LEU A 7 1.93 6.25 -14.22
CA LEU A 7 2.20 6.60 -12.83
C LEU A 7 0.99 7.22 -12.10
N SER A 8 -0.21 7.13 -12.67
CA SER A 8 -1.41 7.76 -12.11
C SER A 8 -2.11 6.82 -11.10
N ILE A 9 -2.79 7.41 -10.11
CA ILE A 9 -3.57 6.73 -9.07
C ILE A 9 -4.78 7.62 -8.72
N VAL A 10 -5.77 7.04 -8.06
CA VAL A 10 -6.91 7.74 -7.48
C VAL A 10 -6.75 7.76 -5.95
N HIS A 11 -6.79 8.97 -5.38
CA HIS A 11 -6.70 9.27 -3.97
C HIS A 11 -8.07 8.97 -3.31
N ARG A 12 -8.42 7.71 -3.09
CA ARG A 12 -9.57 7.34 -2.26
C ARG A 12 -9.37 5.92 -1.76
N LEU A 13 -9.21 5.73 -0.45
CA LEU A 13 -9.10 4.44 0.23
C LEU A 13 -9.75 4.43 1.62
N PRO A 14 -10.09 3.27 2.20
CA PRO A 14 -10.52 3.12 3.60
C PRO A 14 -9.35 3.17 4.59
N GLN A 15 -9.64 3.49 5.86
CA GLN A 15 -8.62 3.70 6.89
C GLN A 15 -8.99 3.18 8.28
N ASN A 16 -9.90 2.22 8.33
CA ASN A 16 -10.34 1.61 9.56
C ASN A 16 -10.87 0.22 9.30
N TYR A 17 -9.94 -0.67 8.96
CA TYR A 17 -10.22 -2.07 8.66
C TYR A 17 -8.92 -2.83 8.97
N ARG A 18 -8.85 -4.13 8.72
CA ARG A 18 -7.61 -4.92 8.75
C ARG A 18 -7.87 -6.30 8.11
N TRP A 19 -6.99 -7.28 8.30
CA TRP A 19 -7.24 -8.67 7.93
C TRP A 19 -8.38 -9.24 8.78
N SER A 20 -9.30 -10.02 8.20
CA SER A 20 -10.38 -10.67 8.96
C SER A 20 -9.88 -11.90 9.72
N ALA A 21 -8.58 -12.00 10.03
CA ALA A 21 -8.01 -13.04 10.89
C ALA A 21 -8.25 -14.49 10.39
N GLY A 22 -8.59 -14.67 9.12
CA GLY A 22 -8.84 -15.95 8.48
C GLY A 22 -7.81 -16.29 7.40
N PHE A 23 -7.39 -15.28 6.61
CA PHE A 23 -6.58 -15.48 5.42
C PHE A 23 -5.65 -14.28 5.29
N ALA A 24 -4.62 -14.21 6.15
CA ALA A 24 -3.72 -13.07 6.28
C ALA A 24 -3.02 -12.62 4.98
N GLY A 25 -3.02 -13.44 3.93
CA GLY A 25 -2.53 -13.01 2.62
C GLY A 25 -3.57 -12.22 1.84
N SER A 26 -4.85 -12.59 1.91
CA SER A 26 -5.84 -12.20 0.92
C SER A 26 -7.24 -12.02 1.53
N LYS A 27 -7.35 -11.44 2.73
CA LYS A 27 -8.65 -11.10 3.33
C LYS A 27 -8.60 -9.70 3.92
N VAL A 28 -9.70 -8.96 3.87
CA VAL A 28 -9.88 -7.82 4.76
C VAL A 28 -11.27 -7.85 5.38
N GLU A 29 -11.48 -7.02 6.41
CA GLU A 29 -12.79 -6.68 6.96
C GLU A 29 -12.68 -5.28 7.60
N PRO A 30 -13.71 -4.42 7.49
CA PRO A 30 -13.77 -3.12 8.13
C PRO A 30 -14.02 -3.26 9.62
N ILE A 31 -13.42 -2.38 10.41
CA ILE A 31 -13.42 -2.43 11.87
C ILE A 31 -14.87 -2.51 12.39
N PRO A 32 -15.29 -3.64 13.00
CA PRO A 32 -16.66 -3.83 13.48
C PRO A 32 -16.81 -3.11 14.82
N GLN A 33 -17.00 -1.79 14.73
CA GLN A 33 -17.17 -0.82 15.81
C GLN A 33 -16.19 -0.99 16.97
N ASN A 34 -14.97 -1.45 16.68
CA ASN A 34 -13.88 -1.62 17.64
C ASN A 34 -13.44 -0.26 18.16
N GLY A 35 -13.15 0.69 17.26
CA GLY A 35 -12.62 2.01 17.60
C GLY A 35 -11.17 2.19 17.13
N PRO A 36 -10.51 3.26 17.58
CA PRO A 36 -9.11 3.56 17.27
C PRO A 36 -8.15 2.51 17.83
N CYS A 37 -6.87 2.66 17.52
CA CYS A 37 -5.79 1.97 18.20
C CYS A 37 -4.67 2.97 18.43
N GLY A 38 -3.97 3.36 17.38
CA GLY A 38 -2.86 4.29 17.43
C GLY A 38 -2.04 4.17 16.17
N ASP A 39 -0.94 3.44 16.26
CA ASP A 39 0.04 3.21 15.20
C ASP A 39 -0.03 1.74 14.79
N ASN A 40 -1.20 1.13 14.99
CA ASN A 40 -1.46 -0.28 14.71
C ASN A 40 -2.76 -0.37 13.91
N SER A 41 -2.75 0.12 12.67
CA SER A 41 -3.82 0.01 11.70
C SER A 41 -3.26 -0.32 10.33
N LEU A 42 -4.14 -0.34 9.33
CA LEU A 42 -3.96 -0.96 8.07
C LEU A 42 -4.57 -0.01 7.04
N VAL A 43 -3.88 0.34 5.94
CA VAL A 43 -4.31 1.35 4.97
C VAL A 43 -4.18 0.79 3.54
N ALA A 44 -5.30 0.85 2.82
CA ALA A 44 -5.56 0.08 1.61
C ALA A 44 -5.12 0.89 0.40
N LEU A 45 -3.85 0.86 0.02
CA LEU A 45 -3.33 1.69 -1.06
C LEU A 45 -3.91 1.26 -2.40
N LYS A 46 -4.25 2.28 -3.19
CA LYS A 46 -4.32 2.23 -4.63
C LYS A 46 -2.88 2.32 -5.08
N LEU A 47 -2.29 1.16 -5.37
CA LEU A 47 -1.08 1.03 -6.14
C LEU A 47 -1.59 0.34 -7.39
N LEU A 48 -1.53 1.00 -8.56
CA LEU A 48 -1.93 0.34 -9.80
C LEU A 48 -1.07 0.74 -11.01
N SER A 49 -0.66 1.99 -11.14
CA SER A 49 0.45 2.33 -12.03
C SER A 49 1.79 2.06 -11.32
N PRO A 50 2.93 2.05 -12.02
CA PRO A 50 3.06 1.71 -13.43
C PRO A 50 2.41 0.34 -13.71
N ASP A 51 2.20 0.05 -14.98
CA ASP A 51 1.27 -0.98 -15.43
C ASP A 51 2.03 -2.09 -16.16
N GLY A 52 1.49 -3.30 -16.13
CA GLY A 52 2.01 -4.50 -16.76
C GLY A 52 2.96 -5.25 -15.83
N ASP A 53 3.24 -6.51 -16.17
CA ASP A 53 3.80 -7.50 -15.25
C ASP A 53 5.20 -7.12 -14.75
N ASN A 54 5.85 -6.19 -15.44
CA ASN A 54 7.10 -5.57 -15.02
C ASN A 54 6.89 -4.93 -13.65
N ALA A 55 5.96 -3.98 -13.58
CA ALA A 55 5.67 -3.21 -12.39
C ALA A 55 5.12 -4.12 -11.29
N TRP A 56 4.17 -4.99 -11.64
CA TRP A 56 3.66 -6.03 -10.75
C TRP A 56 4.77 -6.77 -10.03
N SER A 57 5.61 -7.47 -10.78
CA SER A 57 6.67 -8.32 -10.24
C SER A 57 7.55 -7.44 -9.36
N VAL A 58 8.09 -6.32 -9.86
CA VAL A 58 8.91 -5.44 -9.01
C VAL A 58 8.21 -5.13 -7.68
N MET A 59 6.95 -4.65 -7.69
CA MET A 59 6.34 -4.18 -6.45
C MET A 59 6.04 -5.34 -5.50
N TYR A 60 5.56 -6.47 -6.02
CA TYR A 60 5.26 -7.66 -5.24
C TYR A 60 6.54 -8.24 -4.64
N LYS A 61 7.59 -8.38 -5.46
CA LYS A 61 8.89 -8.85 -5.01
C LYS A 61 9.42 -7.96 -3.89
N LEU A 62 9.31 -6.64 -4.02
CA LEU A 62 9.81 -5.73 -3.00
C LEU A 62 8.97 -5.78 -1.73
N SER A 63 7.65 -5.92 -1.83
CA SER A 63 6.82 -6.09 -0.63
C SER A 63 7.14 -7.41 0.08
N GLN A 64 7.40 -8.50 -0.66
CA GLN A 64 7.96 -9.72 -0.09
C GLN A 64 9.27 -9.37 0.63
N ALA A 65 10.20 -8.69 -0.07
CA ALA A 65 11.50 -8.31 0.43
C ALA A 65 11.39 -7.67 1.81
N LEU A 66 10.69 -6.54 1.91
CA LEU A 66 10.39 -5.76 3.12
C LEU A 66 9.71 -6.62 4.19
N SER A 67 8.73 -7.45 3.81
CA SER A 67 7.96 -8.24 4.75
C SER A 67 8.78 -9.33 5.42
N ASP A 68 9.84 -9.81 4.77
CA ASP A 68 10.74 -10.80 5.36
C ASP A 68 11.66 -10.19 6.42
N ILE A 69 11.78 -8.85 6.49
CA ILE A 69 12.59 -8.16 7.46
C ILE A 69 11.71 -7.90 8.68
N GLU A 70 10.70 -7.04 8.53
CA GLU A 70 9.86 -6.57 9.61
C GLU A 70 8.55 -5.92 9.13
N VAL A 71 8.49 -5.46 7.87
CA VAL A 71 7.43 -4.58 7.38
C VAL A 71 6.43 -5.34 6.48
N PRO A 72 5.40 -6.00 7.03
CA PRO A 72 4.42 -6.72 6.22
C PRO A 72 3.59 -5.74 5.38
N CYS A 73 3.34 -6.08 4.13
CA CYS A 73 2.29 -5.50 3.31
C CYS A 73 1.59 -6.67 2.66
N SER A 74 0.28 -6.53 2.51
CA SER A 74 -0.45 -7.39 1.60
C SER A 74 -0.42 -6.78 0.22
N VAL A 75 -0.12 -7.60 -0.77
CA VAL A 75 -0.23 -7.28 -2.17
C VAL A 75 -1.32 -8.18 -2.72
N LEU A 76 -2.18 -7.69 -3.61
CA LEU A 76 -3.09 -8.51 -4.41
C LEU A 76 -3.16 -7.94 -5.82
N GLU A 77 -3.77 -8.70 -6.71
CA GLU A 77 -3.84 -8.53 -8.15
C GLU A 77 -5.28 -8.82 -8.57
N CYS A 78 -5.71 -8.15 -9.62
CA CYS A 78 -7.00 -8.32 -10.25
C CYS A 78 -6.81 -7.82 -11.68
N GLU A 79 -6.40 -8.72 -12.57
CA GLU A 79 -6.25 -8.53 -14.00
C GLU A 79 -5.11 -7.56 -14.36
N GLY A 80 -5.28 -6.29 -14.00
CA GLY A 80 -4.41 -5.19 -14.34
C GLY A 80 -4.68 -3.97 -13.44
N GLU A 81 -5.40 -4.15 -12.32
CA GLU A 81 -5.64 -3.10 -11.37
C GLU A 81 -5.44 -3.76 -9.99
N PRO A 82 -4.18 -3.89 -9.54
CA PRO A 82 -3.85 -4.52 -8.28
C PRO A 82 -4.30 -3.67 -7.09
N CYS A 83 -4.02 -4.14 -5.88
CA CYS A 83 -4.20 -3.35 -4.67
C CYS A 83 -3.18 -3.72 -3.62
N LEU A 84 -2.99 -2.81 -2.66
CA LEU A 84 -1.98 -2.96 -1.62
C LEU A 84 -2.63 -2.61 -0.27
N PHE A 85 -2.10 -3.14 0.83
CA PHE A 85 -2.58 -2.90 2.18
C PHE A 85 -1.32 -2.84 3.02
N VAL A 86 -0.76 -1.64 3.07
CA VAL A 86 0.40 -1.32 3.89
C VAL A 86 -0.16 -0.98 5.27
N ASN A 87 0.66 -0.98 6.33
CA ASN A 87 0.13 -0.90 7.68
C ASN A 87 -0.43 0.50 7.92
N ARG A 88 0.45 1.42 8.25
CA ARG A 88 0.13 2.84 8.26
C ARG A 88 1.37 3.57 7.80
N GLN A 89 2.42 3.51 8.62
CA GLN A 89 3.71 4.09 8.31
C GLN A 89 4.36 3.46 7.08
N ASP A 90 4.05 2.20 6.74
CA ASP A 90 4.60 1.58 5.53
C ASP A 90 4.06 2.22 4.26
N GLU A 91 2.97 3.02 4.31
CA GLU A 91 2.65 3.89 3.19
C GLU A 91 3.81 4.82 2.92
N PHE A 92 4.02 5.82 3.78
CA PHE A 92 4.93 6.91 3.50
C PHE A 92 6.36 6.41 3.34
N ALA A 93 6.71 5.47 4.19
CA ALA A 93 7.97 4.76 4.16
C ALA A 93 8.16 4.09 2.80
N ALA A 94 7.28 3.16 2.40
CA ALA A 94 7.43 2.44 1.14
C ALA A 94 7.50 3.42 -0.04
N THR A 95 6.69 4.49 -0.11
CA THR A 95 6.82 5.44 -1.21
C THR A 95 8.22 6.08 -1.19
N CYS A 96 8.74 6.44 -0.01
CA CYS A 96 10.08 7.01 0.13
C CYS A 96 11.14 6.09 -0.48
N ARG A 97 11.17 4.81 -0.05
CA ARG A 97 12.18 3.85 -0.52
C ARG A 97 11.96 3.46 -1.97
N LEU A 98 10.73 3.24 -2.43
CA LEU A 98 10.47 2.75 -3.79
C LEU A 98 10.89 3.79 -4.85
N LYS A 99 10.99 5.07 -4.51
CA LYS A 99 11.56 6.07 -5.42
C LYS A 99 13.03 5.82 -5.75
N ASN A 100 13.75 5.12 -4.89
CA ASN A 100 15.09 4.61 -5.20
C ASN A 100 15.08 3.51 -6.28
N PHE A 101 13.93 2.91 -6.60
CA PHE A 101 13.73 1.95 -7.68
C PHE A 101 13.09 2.61 -8.92
N GLY A 102 12.52 3.81 -8.81
CA GLY A 102 12.03 4.58 -9.94
C GLY A 102 10.59 4.27 -10.36
N VAL A 103 10.00 3.17 -9.89
CA VAL A 103 8.57 2.93 -10.08
C VAL A 103 7.78 4.01 -9.35
N ALA A 104 6.66 4.46 -9.91
CA ALA A 104 5.78 5.37 -9.20
C ALA A 104 5.02 4.63 -8.12
N ILE A 105 4.50 5.39 -7.16
CA ILE A 105 3.74 4.93 -6.01
C ILE A 105 2.50 5.83 -5.94
N ALA A 106 1.65 5.63 -4.93
CA ALA A 106 0.51 6.46 -4.56
C ALA A 106 0.91 7.93 -4.28
N GLU A 107 -0.04 8.74 -3.79
CA GLU A 107 0.24 10.11 -3.36
C GLU A 107 1.36 10.09 -2.29
N PRO A 108 2.23 11.10 -2.23
CA PRO A 108 3.33 11.14 -1.25
C PRO A 108 2.83 11.56 0.14
N PHE A 109 3.69 11.40 1.17
CA PHE A 109 3.59 12.03 2.48
C PHE A 109 3.76 13.56 2.47
N SER A 110 3.04 14.21 1.57
CA SER A 110 2.69 15.63 1.62
C SER A 110 2.08 16.02 2.98
N ASN A 111 1.89 17.32 3.19
CA ASN A 111 1.43 17.92 4.45
C ASN A 111 0.25 17.16 5.03
N TYR A 112 0.52 16.52 6.18
CA TYR A 112 -0.34 15.64 6.99
C TYR A 112 -1.12 14.58 6.21
N ASN A 113 -0.63 14.22 5.03
CA ASN A 113 -1.16 13.23 4.09
C ASN A 113 -2.55 13.70 3.64
N PRO A 114 -2.62 14.58 2.61
CA PRO A 114 -3.80 15.39 2.26
C PRO A 114 -4.92 14.64 1.53
N PHE A 115 -4.61 13.44 1.04
CA PHE A 115 -5.36 12.64 0.07
C PHE A 115 -6.78 12.32 0.55
N THR A 3 12.15 11.28 -16.37
CA THR A 3 12.48 10.38 -15.25
C THR A 3 12.18 11.02 -13.88
N SER A 4 11.18 11.90 -13.81
CA SER A 4 10.71 12.49 -12.57
C SER A 4 9.89 11.46 -11.78
N LEU A 5 10.05 11.40 -10.46
CA LEU A 5 9.61 10.28 -9.63
C LEU A 5 8.70 10.71 -8.47
N GLN A 6 8.20 11.94 -8.48
CA GLN A 6 7.37 12.52 -7.43
C GLN A 6 5.90 12.18 -7.64
N LEU A 7 5.61 11.10 -8.36
CA LEU A 7 4.36 10.77 -9.02
C LEU A 7 3.23 10.56 -8.01
N SER A 8 2.77 11.64 -7.39
CA SER A 8 1.83 11.66 -6.30
C SER A 8 0.40 11.71 -6.84
N ILE A 9 -0.49 10.88 -6.29
CA ILE A 9 -1.91 10.87 -6.63
C ILE A 9 -2.68 10.74 -5.33
N VAL A 10 -3.49 11.74 -5.01
CA VAL A 10 -4.39 11.75 -3.87
C VAL A 10 -5.83 11.64 -4.37
N HIS A 11 -6.73 10.98 -3.61
CA HIS A 11 -8.16 10.94 -3.90
C HIS A 11 -8.98 10.90 -2.61
N ARG A 12 -9.10 9.75 -1.94
CA ARG A 12 -10.05 9.57 -0.83
C ARG A 12 -9.47 8.88 0.40
N LEU A 13 -8.34 8.19 0.27
CA LEU A 13 -7.60 7.53 1.36
C LEU A 13 -8.37 6.33 1.94
N PRO A 14 -7.67 5.38 2.58
CA PRO A 14 -8.29 4.33 3.38
C PRO A 14 -8.75 4.87 4.73
N GLN A 15 -9.41 4.01 5.49
CA GLN A 15 -9.70 4.16 6.92
C GLN A 15 -8.82 3.17 7.68
N ASN A 16 -8.97 3.17 9.01
CA ASN A 16 -8.57 2.07 9.87
C ASN A 16 -9.43 0.86 9.53
N TYR A 17 -8.81 -0.31 9.36
CA TYR A 17 -9.47 -1.60 9.24
C TYR A 17 -8.47 -2.66 9.70
N ARG A 18 -8.79 -3.95 9.55
CA ARG A 18 -8.05 -5.08 10.10
C ARG A 18 -8.26 -6.33 9.25
N TRP A 19 -7.63 -7.44 9.63
CA TRP A 19 -8.03 -8.74 9.12
C TRP A 19 -9.36 -9.11 9.78
N SER A 20 -10.06 -10.12 9.25
CA SER A 20 -11.27 -10.62 9.88
C SER A 20 -11.01 -11.84 10.79
N ALA A 21 -9.78 -11.98 11.31
CA ALA A 21 -9.33 -13.09 12.15
C ALA A 21 -9.55 -14.49 11.55
N GLY A 22 -9.83 -14.59 10.25
CA GLY A 22 -10.05 -15.85 9.56
C GLY A 22 -8.82 -16.13 8.71
N PHE A 23 -8.62 -15.31 7.69
CA PHE A 23 -7.77 -15.61 6.54
C PHE A 23 -6.83 -14.42 6.38
N ALA A 24 -5.96 -14.19 7.36
CA ALA A 24 -5.09 -13.02 7.51
C ALA A 24 -4.23 -12.69 6.29
N GLY A 25 -4.07 -13.59 5.31
CA GLY A 25 -3.35 -13.34 4.06
C GLY A 25 -4.28 -12.97 2.90
N SER A 26 -5.59 -13.21 3.00
CA SER A 26 -6.58 -12.79 2.02
C SER A 26 -7.96 -12.68 2.69
N LYS A 27 -8.10 -11.72 3.63
CA LYS A 27 -9.37 -11.33 4.25
C LYS A 27 -9.17 -10.02 4.97
N VAL A 28 -10.00 -9.04 4.66
CA VAL A 28 -10.02 -7.78 5.39
C VAL A 28 -11.43 -7.46 5.84
N GLU A 29 -11.54 -6.74 6.96
CA GLU A 29 -12.82 -6.31 7.50
C GLU A 29 -12.60 -4.96 8.20
N PRO A 30 -13.55 -4.03 8.13
CA PRO A 30 -13.42 -2.66 8.66
C PRO A 30 -13.35 -2.61 10.19
N ILE A 31 -13.43 -1.40 10.73
CA ILE A 31 -13.75 -1.21 12.14
C ILE A 31 -15.24 -0.86 12.23
N PRO A 32 -16.12 -1.85 12.48
CA PRO A 32 -17.42 -1.60 13.02
C PRO A 32 -17.26 -1.23 14.49
N GLN A 33 -17.09 0.06 14.76
CA GLN A 33 -17.47 0.70 16.03
C GLN A 33 -16.74 0.18 17.27
N ASN A 34 -15.64 -0.57 17.08
CA ASN A 34 -14.92 -1.24 18.16
C ASN A 34 -14.24 -0.21 19.07
N GLY A 35 -13.66 0.85 18.50
CA GLY A 35 -12.86 1.82 19.26
C GLY A 35 -11.51 2.14 18.62
N PRO A 36 -10.64 2.87 19.33
CA PRO A 36 -9.25 3.08 18.91
C PRO A 36 -8.45 1.79 19.02
N CYS A 37 -7.16 1.84 18.67
CA CYS A 37 -6.20 0.78 18.99
C CYS A 37 -4.78 1.35 19.09
N GLY A 38 -4.50 2.50 18.45
CA GLY A 38 -3.25 3.23 18.62
C GLY A 38 -2.33 2.88 17.46
N ASP A 39 -2.73 3.30 16.26
CA ASP A 39 -2.04 3.09 14.98
C ASP A 39 -1.80 1.62 14.64
N ASN A 40 -2.46 0.72 15.37
CA ASN A 40 -2.41 -0.72 15.25
C ASN A 40 -3.47 -1.16 14.24
N SER A 41 -3.57 -0.47 13.10
CA SER A 41 -4.55 -0.69 12.07
C SER A 41 -3.84 -0.92 10.74
N LEU A 42 -4.63 -1.10 9.69
CA LEU A 42 -4.18 -1.35 8.33
C LEU A 42 -4.51 -0.14 7.45
N VAL A 43 -3.81 0.01 6.32
CA VAL A 43 -4.05 0.98 5.25
C VAL A 43 -4.07 0.19 3.93
N ALA A 44 -4.79 0.67 2.92
CA ALA A 44 -5.09 -0.08 1.71
C ALA A 44 -4.91 0.84 0.51
N LEU A 45 -4.12 0.40 -0.47
CA LEU A 45 -3.82 1.11 -1.69
C LEU A 45 -4.43 0.30 -2.83
N LYS A 46 -5.45 0.86 -3.47
CA LYS A 46 -5.88 0.34 -4.77
C LYS A 46 -4.84 0.66 -5.83
N LEU A 47 -5.03 0.14 -7.04
CA LEU A 47 -4.25 0.45 -8.22
C LEU A 47 -4.15 1.95 -8.42
N LEU A 48 -2.98 2.36 -8.90
CA LEU A 48 -2.66 3.68 -9.43
C LEU A 48 -1.70 3.52 -10.60
N SER A 49 -1.10 4.60 -11.08
CA SER A 49 -0.40 4.67 -12.35
C SER A 49 0.79 5.65 -12.24
N PRO A 50 1.79 5.60 -13.14
CA PRO A 50 1.84 4.70 -14.30
C PRO A 50 2.15 3.26 -13.88
N ASP A 51 1.67 2.27 -14.64
CA ASP A 51 1.74 0.85 -14.28
C ASP A 51 1.88 -0.02 -15.54
N GLY A 52 2.04 -1.34 -15.40
CA GLY A 52 2.26 -2.32 -16.45
C GLY A 52 2.92 -3.57 -15.84
N ASP A 53 3.16 -4.62 -16.63
CA ASP A 53 3.85 -5.83 -16.15
C ASP A 53 5.19 -5.48 -15.52
N ASN A 54 5.87 -4.45 -16.05
CA ASN A 54 7.16 -4.04 -15.51
C ASN A 54 7.00 -3.56 -14.08
N ALA A 55 6.08 -2.62 -13.90
CA ALA A 55 5.75 -1.99 -12.64
C ALA A 55 5.37 -3.05 -11.61
N TRP A 56 4.41 -3.92 -11.98
CA TRP A 56 4.01 -5.12 -11.25
C TRP A 56 5.22 -5.91 -10.75
N SER A 57 6.06 -6.37 -11.68
CA SER A 57 7.20 -7.23 -11.39
C SER A 57 8.09 -6.60 -10.32
N VAL A 58 8.57 -5.39 -10.63
CA VAL A 58 9.49 -4.58 -9.86
C VAL A 58 8.94 -4.27 -8.46
N MET A 59 7.70 -3.76 -8.35
CA MET A 59 7.18 -3.39 -7.03
C MET A 59 7.06 -4.64 -6.17
N TYR A 60 6.53 -5.75 -6.71
CA TYR A 60 6.36 -6.96 -5.93
C TYR A 60 7.71 -7.52 -5.47
N LYS A 61 8.75 -7.42 -6.30
CA LYS A 61 10.08 -7.86 -5.89
C LYS A 61 10.56 -7.04 -4.70
N LEU A 62 10.41 -5.70 -4.72
CA LEU A 62 10.79 -4.94 -3.53
C LEU A 62 9.91 -5.24 -2.33
N SER A 63 8.62 -5.52 -2.52
CA SER A 63 7.73 -5.85 -1.42
C SER A 63 8.20 -7.10 -0.69
N GLN A 64 8.54 -8.18 -1.39
CA GLN A 64 9.09 -9.34 -0.69
C GLN A 64 10.44 -8.98 -0.06
N ALA A 65 11.31 -8.27 -0.78
CA ALA A 65 12.63 -7.87 -0.28
C ALA A 65 12.56 -7.01 1.00
N LEU A 66 11.46 -6.30 1.25
CA LEU A 66 11.19 -5.44 2.37
C LEU A 66 10.44 -6.20 3.46
N SER A 67 9.50 -7.09 3.08
CA SER A 67 8.74 -7.91 4.01
C SER A 67 9.70 -8.83 4.74
N ASP A 68 10.71 -9.33 4.03
CA ASP A 68 11.81 -10.14 4.53
C ASP A 68 12.48 -9.54 5.76
N ILE A 69 12.59 -8.22 5.78
CA ILE A 69 13.22 -7.47 6.85
C ILE A 69 12.22 -7.34 8.00
N GLU A 70 11.21 -6.47 7.86
CA GLU A 70 10.39 -6.03 8.98
C GLU A 70 9.16 -5.24 8.54
N VAL A 71 8.79 -5.23 7.24
CA VAL A 71 7.68 -4.42 6.76
C VAL A 71 6.79 -5.24 5.82
N PRO A 72 5.85 -6.03 6.39
CA PRO A 72 5.03 -6.95 5.62
C PRO A 72 3.93 -6.22 4.87
N CYS A 73 4.12 -6.12 3.57
CA CYS A 73 3.14 -5.61 2.64
C CYS A 73 2.58 -6.79 1.86
N SER A 74 1.28 -6.92 1.91
CA SER A 74 0.49 -7.85 1.13
C SER A 74 0.30 -7.24 -0.25
N VAL A 75 1.13 -7.66 -1.19
CA VAL A 75 0.88 -7.48 -2.61
C VAL A 75 -0.13 -8.54 -3.02
N LEU A 76 -1.37 -8.14 -3.28
CA LEU A 76 -2.42 -9.01 -3.81
C LEU A 76 -2.86 -8.45 -5.16
N GLU A 77 -3.60 -9.26 -5.92
CA GLU A 77 -4.35 -8.79 -7.07
C GLU A 77 -5.83 -8.89 -6.70
N CYS A 78 -6.68 -7.98 -7.20
CA CYS A 78 -8.12 -8.09 -7.13
C CYS A 78 -8.69 -7.62 -8.45
N GLU A 79 -9.71 -8.30 -8.98
CA GLU A 79 -10.38 -8.07 -10.27
C GLU A 79 -9.46 -8.21 -11.49
N GLY A 80 -8.13 -8.21 -11.32
CA GLY A 80 -7.11 -8.19 -12.35
C GLY A 80 -6.17 -7.01 -12.18
N GLU A 81 -6.18 -6.33 -11.03
CA GLU A 81 -5.51 -5.05 -10.82
C GLU A 81 -4.70 -5.08 -9.52
N PRO A 82 -3.62 -4.28 -9.43
CA PRO A 82 -2.75 -4.28 -8.28
C PRO A 82 -3.41 -3.72 -7.03
N CYS A 83 -3.30 -4.42 -5.91
CA CYS A 83 -3.95 -4.10 -4.65
C CYS A 83 -2.98 -4.38 -3.49
N LEU A 84 -2.46 -3.31 -2.86
CA LEU A 84 -1.49 -3.39 -1.78
C LEU A 84 -2.20 -3.14 -0.46
N PHE A 85 -1.82 -3.92 0.55
CA PHE A 85 -2.36 -3.82 1.88
C PHE A 85 -1.19 -3.84 2.85
N VAL A 86 -1.19 -2.88 3.76
CA VAL A 86 -0.09 -2.59 4.67
C VAL A 86 -0.66 -2.21 6.03
N ASN A 87 0.22 -2.14 7.04
CA ASN A 87 -0.20 -1.82 8.39
C ASN A 87 -0.43 -0.33 8.46
N ARG A 88 0.63 0.43 8.72
CA ARG A 88 0.47 1.88 8.86
C ARG A 88 1.68 2.62 8.34
N GLN A 89 2.77 2.58 9.10
CA GLN A 89 4.03 3.26 8.76
C GLN A 89 4.68 2.66 7.51
N ASP A 90 4.25 1.45 7.19
CA ASP A 90 4.74 0.51 6.21
C ASP A 90 4.66 1.14 4.85
N GLU A 91 3.55 1.84 4.55
CA GLU A 91 3.42 2.48 3.26
C GLU A 91 4.41 3.63 3.13
N PHE A 92 4.65 4.38 4.20
CA PHE A 92 5.56 5.52 4.18
C PHE A 92 6.98 5.04 3.91
N ALA A 93 7.38 3.99 4.64
CA ALA A 93 8.62 3.28 4.42
C ALA A 93 8.70 2.80 2.97
N ALA A 94 7.73 2.01 2.54
CA ALA A 94 7.68 1.39 1.22
C ALA A 94 7.77 2.47 0.14
N THR A 95 6.96 3.53 0.18
CA THR A 95 6.91 4.51 -0.90
C THR A 95 8.27 5.21 -0.94
N CYS A 96 8.86 5.56 0.22
CA CYS A 96 10.20 6.14 0.29
C CYS A 96 11.21 5.27 -0.47
N ARG A 97 11.27 3.99 -0.10
CA ARG A 97 12.19 3.01 -0.65
C ARG A 97 11.96 2.82 -2.15
N LEU A 98 10.71 2.82 -2.62
CA LEU A 98 10.36 2.57 -4.01
C LEU A 98 10.61 3.81 -4.88
N LYS A 99 10.49 5.02 -4.34
CA LYS A 99 10.95 6.23 -5.03
C LYS A 99 12.46 6.17 -5.30
N ASN A 100 13.25 5.48 -4.47
CA ASN A 100 14.65 5.24 -4.82
C ASN A 100 14.71 4.43 -6.12
N PHE A 101 13.91 3.36 -6.25
CA PHE A 101 13.89 2.55 -7.46
C PHE A 101 13.41 3.35 -8.68
N GLY A 102 12.54 4.33 -8.46
CA GLY A 102 11.95 5.15 -9.49
C GLY A 102 10.85 4.38 -10.21
N VAL A 103 9.78 4.09 -9.47
CA VAL A 103 8.56 3.43 -9.90
C VAL A 103 7.36 4.16 -9.27
N ALA A 104 6.14 3.81 -9.67
CA ALA A 104 4.90 4.42 -9.19
C ALA A 104 4.51 3.83 -7.84
N ILE A 105 3.95 4.67 -6.96
CA ILE A 105 3.41 4.31 -5.66
C ILE A 105 2.18 5.22 -5.40
N ALA A 106 1.38 4.98 -4.36
CA ALA A 106 0.21 5.79 -4.00
C ALA A 106 0.56 7.21 -3.52
N GLU A 107 -0.41 7.92 -2.94
CA GLU A 107 -0.16 9.19 -2.26
C GLU A 107 1.02 9.13 -1.27
N PRO A 108 1.79 10.23 -1.14
CA PRO A 108 2.98 10.30 -0.31
C PRO A 108 2.63 10.50 1.17
N PHE A 109 3.62 10.25 2.02
CA PHE A 109 3.67 10.42 3.47
C PHE A 109 3.58 11.88 3.94
N SER A 110 2.99 12.81 3.18
CA SER A 110 3.02 14.23 3.51
C SER A 110 2.25 14.48 4.81
N ASN A 111 2.77 15.43 5.60
CA ASN A 111 2.44 15.67 7.00
C ASN A 111 0.94 15.69 7.25
N TYR A 112 0.42 14.62 7.85
CA TYR A 112 -1.00 14.36 8.15
C TYR A 112 -1.97 14.69 7.02
N ASN A 113 -1.60 14.39 5.77
CA ASN A 113 -2.40 14.61 4.57
C ASN A 113 -2.79 16.09 4.47
N PRO A 114 -1.83 16.99 4.17
CA PRO A 114 -2.08 18.42 4.18
C PRO A 114 -2.81 18.91 2.93
N PHE A 115 -2.81 18.09 1.87
CA PHE A 115 -3.29 18.40 0.54
C PHE A 115 -4.78 18.68 0.57
N THR A 3 1.82 13.84 -22.13
CA THR A 3 0.84 14.90 -22.40
C THR A 3 0.29 15.37 -21.05
N SER A 4 0.34 16.67 -20.78
CA SER A 4 -0.32 17.30 -19.64
C SER A 4 0.19 16.79 -18.28
N LEU A 5 -0.36 17.36 -17.20
CA LEU A 5 0.18 17.30 -15.84
C LEU A 5 -0.94 17.08 -14.82
N GLN A 6 -2.08 16.50 -15.20
CA GLN A 6 -3.30 16.44 -14.40
C GLN A 6 -3.58 15.00 -13.90
N LEU A 7 -2.55 14.18 -13.80
CA LEU A 7 -2.66 12.79 -13.38
C LEU A 7 -2.88 12.65 -11.87
N SER A 8 -4.11 12.88 -11.41
CA SER A 8 -4.50 12.36 -10.13
C SER A 8 -4.63 10.84 -10.19
N ILE A 9 -4.40 10.17 -9.05
CA ILE A 9 -4.62 8.75 -8.86
C ILE A 9 -5.38 8.62 -7.57
N VAL A 10 -6.71 8.61 -7.71
CA VAL A 10 -7.61 8.57 -6.57
C VAL A 10 -8.78 7.64 -6.86
N HIS A 11 -9.42 7.13 -5.82
CA HIS A 11 -10.62 6.32 -5.88
C HIS A 11 -11.39 6.35 -4.56
N ARG A 12 -10.76 6.30 -3.38
CA ARG A 12 -11.45 6.22 -2.10
C ARG A 12 -10.47 6.45 -0.95
N LEU A 13 -10.93 6.49 0.30
CA LEU A 13 -10.05 6.45 1.47
C LEU A 13 -10.35 5.16 2.25
N PRO A 14 -9.80 4.01 1.83
CA PRO A 14 -9.96 2.73 2.51
C PRO A 14 -9.05 2.65 3.74
N GLN A 15 -9.48 3.35 4.80
CA GLN A 15 -8.82 3.38 6.09
C GLN A 15 -9.62 2.52 7.07
N ASN A 16 -9.16 2.48 8.33
CA ASN A 16 -9.82 1.92 9.49
C ASN A 16 -10.47 0.59 9.22
N TYR A 17 -9.63 -0.43 9.05
CA TYR A 17 -10.07 -1.79 8.83
C TYR A 17 -8.89 -2.68 9.26
N ARG A 18 -9.11 -4.00 9.33
CA ARG A 18 -8.15 -4.99 9.82
C ARG A 18 -8.43 -6.35 9.16
N TRP A 19 -7.69 -7.41 9.49
CA TRP A 19 -8.01 -8.75 9.02
C TRP A 19 -9.25 -9.29 9.76
N SER A 20 -9.94 -10.31 9.23
CA SER A 20 -11.15 -10.86 9.85
C SER A 20 -10.86 -12.09 10.72
N ALA A 21 -9.62 -12.21 11.21
CA ALA A 21 -9.12 -13.32 12.02
C ALA A 21 -9.55 -14.66 11.44
N GLY A 22 -9.21 -14.90 10.17
CA GLY A 22 -9.46 -16.14 9.48
C GLY A 22 -8.50 -16.42 8.31
N PHE A 23 -8.13 -15.40 7.51
CA PHE A 23 -7.35 -15.58 6.28
C PHE A 23 -6.54 -14.30 5.96
N ALA A 24 -5.64 -13.85 6.85
CA ALA A 24 -5.02 -12.51 6.74
C ALA A 24 -4.52 -12.13 5.33
N GLY A 25 -3.91 -13.05 4.59
CA GLY A 25 -3.43 -12.75 3.25
C GLY A 25 -4.55 -12.32 2.31
N SER A 26 -5.73 -12.95 2.38
CA SER A 26 -6.86 -12.68 1.50
C SER A 26 -8.16 -12.48 2.30
N LYS A 27 -8.12 -11.64 3.34
CA LYS A 27 -9.30 -11.33 4.15
C LYS A 27 -9.17 -10.00 4.84
N VAL A 28 -10.18 -9.15 4.70
CA VAL A 28 -10.25 -7.86 5.36
C VAL A 28 -11.65 -7.63 5.94
N GLU A 29 -11.76 -6.76 6.94
CA GLU A 29 -13.01 -6.27 7.51
C GLU A 29 -12.82 -4.85 8.07
N PRO A 30 -13.83 -3.97 8.00
CA PRO A 30 -13.76 -2.62 8.56
C PRO A 30 -13.61 -2.63 10.09
N ILE A 31 -13.15 -1.51 10.64
CA ILE A 31 -13.17 -1.21 12.06
C ILE A 31 -14.48 -0.40 12.27
N PRO A 32 -15.55 -0.97 12.85
CA PRO A 32 -16.74 -0.21 13.19
C PRO A 32 -16.57 0.45 14.55
N GLN A 33 -15.86 1.58 14.64
CA GLN A 33 -15.71 2.34 15.88
C GLN A 33 -15.01 1.52 16.99
N ASN A 34 -14.03 0.67 16.61
CA ASN A 34 -13.19 -0.09 17.53
C ASN A 34 -11.75 0.37 17.32
N GLY A 35 -11.42 1.62 17.61
CA GLY A 35 -10.12 2.19 17.29
C GLY A 35 -8.94 1.38 17.87
N PRO A 36 -7.73 1.47 17.27
CA PRO A 36 -6.60 0.65 17.65
C PRO A 36 -5.94 1.15 18.95
N CYS A 37 -5.08 0.31 19.55
CA CYS A 37 -4.30 0.70 20.72
C CYS A 37 -3.24 1.74 20.34
N GLY A 38 -2.41 1.45 19.33
CA GLY A 38 -1.36 2.35 18.87
C GLY A 38 -1.31 2.35 17.35
N ASP A 39 -2.32 2.96 16.72
CA ASP A 39 -2.36 3.30 15.29
C ASP A 39 -2.29 2.10 14.35
N ASN A 40 -2.49 0.90 14.90
CA ASN A 40 -2.44 -0.43 14.32
C ASN A 40 -3.67 -0.71 13.44
N SER A 41 -4.15 0.31 12.73
CA SER A 41 -5.02 0.12 11.58
C SER A 41 -4.21 -0.58 10.47
N LEU A 42 -4.89 -0.96 9.39
CA LEU A 42 -4.27 -1.27 8.11
C LEU A 42 -4.67 -0.15 7.15
N VAL A 43 -3.95 -0.02 6.03
CA VAL A 43 -4.24 0.93 4.97
C VAL A 43 -4.14 0.17 3.64
N ALA A 44 -4.90 0.58 2.61
CA ALA A 44 -4.96 -0.12 1.33
C ALA A 44 -4.66 0.85 0.21
N LEU A 45 -3.92 0.39 -0.80
CA LEU A 45 -3.46 1.20 -1.92
C LEU A 45 -3.76 0.46 -3.23
N LYS A 46 -3.59 1.18 -4.34
CA LYS A 46 -3.42 0.64 -5.68
C LYS A 46 -2.15 1.29 -6.24
N LEU A 47 -1.72 0.86 -7.43
CA LEU A 47 -0.99 1.71 -8.36
C LEU A 47 -1.89 1.86 -9.57
N LEU A 48 -1.73 2.93 -10.35
CA LEU A 48 -2.44 3.09 -11.63
C LEU A 48 -1.62 3.99 -12.55
N SER A 49 -2.15 4.24 -13.75
CA SER A 49 -1.60 5.10 -14.79
C SER A 49 -1.11 6.42 -14.19
N PRO A 50 0.05 6.95 -14.61
CA PRO A 50 0.71 6.67 -15.90
C PRO A 50 1.40 5.32 -16.02
N ASP A 51 1.90 4.77 -14.91
CA ASP A 51 2.64 3.50 -14.89
C ASP A 51 1.69 2.31 -14.70
N GLY A 52 2.21 1.09 -14.68
CA GLY A 52 1.48 -0.16 -14.50
C GLY A 52 2.46 -1.28 -14.23
N ASP A 53 2.67 -2.15 -15.22
CA ASP A 53 3.44 -3.40 -15.20
C ASP A 53 4.80 -3.31 -14.49
N ASN A 54 5.61 -2.27 -14.76
CA ASN A 54 6.90 -2.14 -14.07
C ASN A 54 6.68 -1.86 -12.59
N ALA A 55 5.91 -0.82 -12.26
CA ALA A 55 5.63 -0.46 -10.89
C ALA A 55 4.95 -1.58 -10.12
N TRP A 56 4.12 -2.38 -10.78
CA TRP A 56 3.59 -3.64 -10.27
C TRP A 56 4.70 -4.61 -9.88
N SER A 57 5.53 -5.03 -10.83
CA SER A 57 6.55 -6.02 -10.57
C SER A 57 7.43 -5.55 -9.41
N VAL A 58 8.00 -4.35 -9.54
CA VAL A 58 8.88 -3.78 -8.53
C VAL A 58 8.17 -3.69 -7.18
N MET A 59 6.89 -3.31 -7.11
CA MET A 59 6.16 -3.29 -5.85
C MET A 59 6.15 -4.68 -5.23
N TYR A 60 5.69 -5.72 -5.94
CA TYR A 60 5.67 -7.08 -5.42
C TYR A 60 7.08 -7.53 -4.99
N LYS A 61 8.09 -7.26 -5.80
CA LYS A 61 9.48 -7.64 -5.51
C LYS A 61 9.98 -7.01 -4.22
N LEU A 62 9.74 -5.71 -4.05
CA LEU A 62 10.14 -4.99 -2.86
C LEU A 62 9.32 -5.49 -1.67
N SER A 63 8.01 -5.69 -1.82
CA SER A 63 7.15 -6.21 -0.78
C SER A 63 7.67 -7.54 -0.22
N GLN A 64 8.01 -8.51 -1.07
CA GLN A 64 8.65 -9.75 -0.61
C GLN A 64 9.96 -9.42 0.10
N ALA A 65 10.82 -8.62 -0.55
CA ALA A 65 12.13 -8.29 -0.02
C ALA A 65 12.06 -7.54 1.32
N LEU A 66 10.96 -6.85 1.63
CA LEU A 66 10.69 -6.06 2.81
C LEU A 66 10.07 -6.90 3.92
N SER A 67 9.11 -7.79 3.59
CA SER A 67 8.52 -8.70 4.56
C SER A 67 9.57 -9.67 5.08
N ASP A 68 10.58 -9.97 4.26
CA ASP A 68 11.76 -10.72 4.65
C ASP A 68 12.62 -10.04 5.74
N ILE A 69 12.50 -8.72 5.91
CA ILE A 69 13.28 -7.95 6.85
C ILE A 69 12.52 -7.83 8.16
N GLU A 70 11.41 -7.09 8.14
CA GLU A 70 10.62 -6.74 9.33
C GLU A 70 9.26 -6.13 8.95
N VAL A 71 8.83 -6.19 7.68
CA VAL A 71 7.79 -5.29 7.18
C VAL A 71 6.76 -6.08 6.35
N PRO A 72 5.78 -6.75 6.98
CA PRO A 72 4.81 -7.56 6.26
C PRO A 72 3.86 -6.66 5.46
N CYS A 73 3.37 -7.16 4.34
CA CYS A 73 2.29 -6.59 3.55
C CYS A 73 1.74 -7.69 2.66
N SER A 74 0.66 -7.37 1.97
CA SER A 74 -0.06 -8.32 1.14
C SER A 74 -0.28 -7.68 -0.22
N VAL A 75 0.10 -8.38 -1.27
CA VAL A 75 0.13 -7.89 -2.63
C VAL A 75 -0.82 -8.77 -3.43
N LEU A 76 -1.99 -8.27 -3.80
CA LEU A 76 -3.02 -9.04 -4.50
C LEU A 76 -3.28 -8.38 -5.85
N GLU A 77 -4.00 -9.07 -6.72
CA GLU A 77 -4.31 -8.61 -8.06
C GLU A 77 -5.52 -9.38 -8.57
N CYS A 78 -6.23 -8.77 -9.52
CA CYS A 78 -7.10 -9.40 -10.49
C CYS A 78 -7.16 -8.45 -11.67
N GLU A 79 -7.04 -8.96 -12.90
CA GLU A 79 -7.38 -8.32 -14.17
C GLU A 79 -6.45 -7.15 -14.52
N GLY A 80 -6.55 -6.08 -13.77
CA GLY A 80 -5.79 -4.85 -13.89
C GLY A 80 -6.11 -3.96 -12.71
N GLU A 81 -6.22 -4.53 -11.50
CA GLU A 81 -6.32 -3.72 -10.30
C GLU A 81 -5.28 -4.23 -9.29
N PRO A 82 -3.96 -4.14 -9.59
CA PRO A 82 -2.91 -4.58 -8.68
C PRO A 82 -2.97 -3.77 -7.38
N CYS A 83 -3.33 -4.43 -6.27
CA CYS A 83 -3.68 -3.77 -5.03
C CYS A 83 -2.76 -4.22 -3.89
N LEU A 84 -2.75 -3.43 -2.83
CA LEU A 84 -1.79 -3.61 -1.76
C LEU A 84 -2.44 -3.29 -0.43
N PHE A 85 -2.00 -3.99 0.61
CA PHE A 85 -2.47 -3.86 1.96
C PHE A 85 -1.24 -3.77 2.84
N VAL A 86 -1.00 -2.61 3.44
CA VAL A 86 0.13 -2.33 4.34
C VAL A 86 -0.40 -2.02 5.74
N ASN A 87 0.51 -1.83 6.71
CA ASN A 87 0.17 -1.56 8.09
C ASN A 87 -0.36 -0.13 8.16
N ARG A 88 0.57 0.80 8.29
CA ARG A 88 0.32 2.22 8.38
C ARG A 88 1.51 2.96 7.78
N GLN A 89 2.57 3.11 8.56
CA GLN A 89 3.78 3.87 8.21
C GLN A 89 4.53 3.29 7.01
N ASP A 90 4.26 2.03 6.69
CA ASP A 90 4.83 1.40 5.52
C ASP A 90 4.41 2.10 4.22
N GLU A 91 3.36 2.91 4.25
CA GLU A 91 3.04 3.81 3.16
C GLU A 91 4.29 4.59 2.78
N PHE A 92 4.75 5.37 3.74
CA PHE A 92 5.83 6.34 3.63
C PHE A 92 7.13 5.61 3.37
N ALA A 93 7.35 4.53 4.12
CA ALA A 93 8.56 3.75 3.96
C ALA A 93 8.63 3.20 2.54
N ALA A 94 7.58 2.53 2.09
CA ALA A 94 7.54 1.85 0.81
C ALA A 94 7.62 2.84 -0.36
N THR A 95 6.94 4.00 -0.30
CA THR A 95 7.11 5.01 -1.35
C THR A 95 8.58 5.45 -1.38
N CYS A 96 9.25 5.62 -0.23
CA CYS A 96 10.68 5.93 -0.20
C CYS A 96 11.51 4.84 -0.89
N ARG A 97 11.26 3.55 -0.60
CA ARG A 97 12.01 2.46 -1.21
C ARG A 97 11.83 2.48 -2.74
N LEU A 98 10.59 2.62 -3.20
CA LEU A 98 10.25 2.57 -4.63
C LEU A 98 10.76 3.81 -5.37
N LYS A 99 10.82 4.98 -4.73
CA LYS A 99 11.42 6.18 -5.33
C LYS A 99 12.85 5.93 -5.76
N ASN A 100 13.61 5.15 -4.99
CA ASN A 100 14.96 4.77 -5.42
C ASN A 100 14.90 3.96 -6.71
N PHE A 101 13.99 2.97 -6.78
CA PHE A 101 13.80 2.15 -7.98
C PHE A 101 13.31 2.98 -9.18
N GLY A 102 12.63 4.09 -8.91
CA GLY A 102 12.38 5.17 -9.85
C GLY A 102 10.95 5.19 -10.41
N VAL A 103 10.23 4.08 -10.28
CA VAL A 103 8.90 3.86 -10.86
C VAL A 103 7.86 4.82 -10.24
N ALA A 104 6.68 4.93 -10.86
CA ALA A 104 5.60 5.76 -10.31
C ALA A 104 4.91 5.02 -9.15
N ILE A 105 4.29 5.77 -8.23
CA ILE A 105 3.80 5.29 -6.92
C ILE A 105 2.37 5.80 -6.63
N ALA A 106 1.76 5.28 -5.57
CA ALA A 106 0.56 5.80 -4.93
C ALA A 106 0.85 7.15 -4.23
N GLU A 107 -0.08 7.58 -3.38
CA GLU A 107 0.01 8.76 -2.53
C GLU A 107 1.35 8.84 -1.75
N PRO A 108 1.82 10.05 -1.41
CA PRO A 108 3.15 10.30 -0.84
C PRO A 108 3.14 10.31 0.70
N PHE A 109 4.32 10.52 1.29
CA PHE A 109 4.45 10.88 2.70
C PHE A 109 4.34 12.39 2.94
N SER A 110 3.69 13.13 2.03
CA SER A 110 3.48 14.56 2.18
C SER A 110 2.19 14.74 2.97
N ASN A 111 2.26 15.49 4.05
CA ASN A 111 1.23 15.72 5.06
C ASN A 111 -0.12 15.99 4.40
N TYR A 112 -1.09 15.08 4.60
CA TYR A 112 -2.46 15.12 4.07
C TYR A 112 -2.59 15.51 2.60
N ASN A 113 -1.55 15.25 1.81
CA ASN A 113 -1.37 15.63 0.41
C ASN A 113 -1.52 17.17 0.33
N PRO A 114 -0.44 17.94 0.57
CA PRO A 114 -0.48 19.40 0.63
C PRO A 114 -0.46 20.05 -0.75
N PHE A 115 -0.11 19.25 -1.78
CA PHE A 115 -0.16 19.63 -3.17
C PHE A 115 -1.61 19.79 -3.60
N THR A 3 6.35 20.66 -16.35
CA THR A 3 5.27 19.82 -16.86
C THR A 3 4.18 19.66 -15.79
N SER A 4 2.95 19.39 -16.23
CA SER A 4 1.82 19.19 -15.33
C SER A 4 2.08 17.98 -14.45
N LEU A 5 1.36 17.93 -13.33
CA LEU A 5 1.65 17.00 -12.26
C LEU A 5 0.55 15.94 -12.08
N GLN A 6 -0.33 15.85 -13.08
CA GLN A 6 -1.49 14.98 -13.16
C GLN A 6 -1.12 13.72 -13.95
N LEU A 7 -0.42 12.79 -13.31
CA LEU A 7 -0.02 11.50 -13.90
C LEU A 7 -0.17 10.35 -12.89
N SER A 8 -1.02 10.54 -11.89
CA SER A 8 -0.98 9.80 -10.64
C SER A 8 -2.16 8.82 -10.51
N ILE A 9 -2.32 8.22 -9.32
CA ILE A 9 -3.52 7.46 -8.93
C ILE A 9 -4.15 8.21 -7.77
N VAL A 10 -5.46 8.45 -7.85
CA VAL A 10 -6.22 9.22 -6.89
C VAL A 10 -7.52 8.45 -6.59
N HIS A 11 -8.22 8.81 -5.51
CA HIS A 11 -9.45 8.22 -5.00
C HIS A 11 -9.23 6.76 -4.57
N ARG A 12 -8.73 6.58 -3.34
CA ARG A 12 -8.69 5.29 -2.64
C ARG A 12 -9.66 5.35 -1.46
N LEU A 13 -9.71 6.46 -0.72
CA LEU A 13 -10.42 6.62 0.55
C LEU A 13 -10.01 5.50 1.52
N PRO A 14 -8.83 5.58 2.17
CA PRO A 14 -8.46 4.61 3.19
C PRO A 14 -9.22 4.87 4.49
N GLN A 15 -9.42 3.80 5.26
CA GLN A 15 -10.10 3.74 6.56
C GLN A 15 -9.30 2.81 7.47
N ASN A 16 -9.72 2.71 8.73
CA ASN A 16 -9.18 1.75 9.70
C ASN A 16 -9.88 0.42 9.49
N TYR A 17 -9.10 -0.61 9.16
CA TYR A 17 -9.61 -1.95 8.92
C TYR A 17 -8.52 -2.92 9.43
N ARG A 18 -8.80 -4.22 9.49
CA ARG A 18 -7.85 -5.26 9.92
C ARG A 18 -8.11 -6.56 9.16
N TRP A 19 -7.37 -7.64 9.48
CA TRP A 19 -7.74 -8.98 9.03
C TRP A 19 -8.89 -9.52 9.87
N SER A 20 -9.76 -10.32 9.27
CA SER A 20 -10.90 -10.93 9.97
C SER A 20 -10.49 -12.20 10.76
N ALA A 21 -9.20 -12.32 11.14
CA ALA A 21 -8.60 -13.43 11.89
C ALA A 21 -8.88 -14.83 11.32
N GLY A 22 -9.35 -14.97 10.08
CA GLY A 22 -9.68 -16.24 9.46
C GLY A 22 -8.69 -16.62 8.39
N PHE A 23 -8.20 -15.63 7.63
CA PHE A 23 -7.36 -15.83 6.47
C PHE A 23 -6.46 -14.60 6.31
N ALA A 24 -5.50 -14.37 7.21
CA ALA A 24 -4.66 -13.16 7.17
C ALA A 24 -3.97 -12.92 5.82
N GLY A 25 -3.71 -13.97 5.03
CA GLY A 25 -3.16 -13.81 3.71
C GLY A 25 -4.13 -13.25 2.68
N SER A 26 -5.45 -13.35 2.87
CA SER A 26 -6.46 -12.79 1.98
C SER A 26 -7.79 -12.66 2.72
N LYS A 27 -7.86 -11.81 3.74
CA LYS A 27 -9.12 -11.50 4.40
C LYS A 27 -9.04 -10.17 5.09
N VAL A 28 -9.76 -9.21 4.57
CA VAL A 28 -9.95 -7.91 5.19
C VAL A 28 -11.32 -7.81 5.88
N GLU A 29 -11.43 -6.93 6.88
CA GLU A 29 -12.68 -6.38 7.39
C GLU A 29 -12.45 -4.95 7.93
N PRO A 30 -13.39 -4.01 7.80
CA PRO A 30 -13.35 -2.70 8.46
C PRO A 30 -13.47 -2.82 9.99
N ILE A 31 -13.19 -1.74 10.74
CA ILE A 31 -13.23 -1.76 12.20
C ILE A 31 -14.40 -0.87 12.70
N PRO A 32 -15.59 -1.44 12.97
CA PRO A 32 -16.65 -0.75 13.68
C PRO A 32 -16.34 -0.71 15.18
N GLN A 33 -15.39 0.12 15.61
CA GLN A 33 -15.06 0.38 17.02
C GLN A 33 -14.57 -0.87 17.78
N ASN A 34 -14.21 -1.93 17.05
CA ASN A 34 -13.66 -3.16 17.61
C ASN A 34 -12.17 -2.92 17.89
N GLY A 35 -11.90 -2.14 18.92
CA GLY A 35 -10.59 -2.00 19.53
C GLY A 35 -9.72 -0.98 18.79
N PRO A 36 -9.85 0.32 19.09
CA PRO A 36 -8.90 1.32 18.63
C PRO A 36 -7.55 1.19 19.33
N CYS A 37 -6.49 1.75 18.71
CA CYS A 37 -5.13 1.68 19.21
C CYS A 37 -4.28 2.92 18.88
N GLY A 38 -4.39 3.46 17.67
CA GLY A 38 -3.76 4.73 17.30
C GLY A 38 -2.48 4.46 16.51
N ASP A 39 -2.55 4.70 15.20
CA ASP A 39 -1.52 4.46 14.17
C ASP A 39 -0.97 3.03 14.23
N ASN A 40 -1.83 2.11 14.66
CA ASN A 40 -1.59 0.68 14.77
C ASN A 40 -2.65 -0.03 13.92
N SER A 41 -2.81 0.45 12.68
CA SER A 41 -3.88 0.14 11.76
C SER A 41 -3.32 -0.41 10.45
N LEU A 42 -4.21 -0.68 9.51
CA LEU A 42 -3.89 -1.01 8.14
C LEU A 42 -4.30 0.14 7.23
N VAL A 43 -3.65 0.27 6.07
CA VAL A 43 -3.93 1.21 5.01
C VAL A 43 -3.89 0.41 3.69
N ALA A 44 -4.56 0.91 2.66
CA ALA A 44 -4.97 0.11 1.50
C ALA A 44 -4.72 0.93 0.25
N LEU A 45 -3.72 0.54 -0.53
CA LEU A 45 -3.16 1.30 -1.64
C LEU A 45 -3.52 0.64 -2.97
N LYS A 46 -3.37 1.40 -4.04
CA LYS A 46 -3.65 1.04 -5.43
C LYS A 46 -2.49 1.55 -6.29
N LEU A 47 -2.30 1.00 -7.49
CA LEU A 47 -1.26 1.41 -8.42
C LEU A 47 -1.83 1.24 -9.83
N LEU A 48 -1.47 2.15 -10.73
CA LEU A 48 -1.99 2.20 -12.09
C LEU A 48 -0.90 2.68 -13.04
N SER A 49 -0.28 3.82 -12.73
CA SER A 49 0.50 4.60 -13.67
C SER A 49 1.42 5.57 -12.90
N PRO A 50 2.33 6.34 -13.52
CA PRO A 50 2.55 6.48 -14.96
C PRO A 50 3.07 5.21 -15.62
N ASP A 51 4.17 4.66 -15.13
CA ASP A 51 4.54 3.28 -15.37
C ASP A 51 3.70 2.37 -14.47
N GLY A 52 3.56 1.09 -14.83
CA GLY A 52 2.43 0.26 -14.44
C GLY A 52 2.96 -1.15 -14.27
N ASP A 53 3.00 -1.97 -15.33
CA ASP A 53 3.55 -3.32 -15.35
C ASP A 53 4.94 -3.39 -14.69
N ASN A 54 5.79 -2.39 -15.00
CA ASN A 54 7.13 -2.22 -14.46
C ASN A 54 7.07 -2.10 -12.93
N ALA A 55 6.36 -1.08 -12.47
CA ALA A 55 6.22 -0.70 -11.09
C ALA A 55 5.46 -1.74 -10.27
N TRP A 56 4.48 -2.41 -10.86
CA TRP A 56 3.78 -3.56 -10.33
C TRP A 56 4.75 -4.68 -10.03
N SER A 57 5.54 -5.13 -11.01
CA SER A 57 6.46 -6.22 -10.74
C SER A 57 7.40 -5.85 -9.61
N VAL A 58 8.07 -4.70 -9.71
CA VAL A 58 8.97 -4.25 -8.64
C VAL A 58 8.26 -4.15 -7.29
N MET A 59 7.05 -3.58 -7.23
CA MET A 59 6.30 -3.43 -5.98
C MET A 59 6.09 -4.79 -5.33
N TYR A 60 5.68 -5.81 -6.09
CA TYR A 60 5.52 -7.14 -5.54
C TYR A 60 6.85 -7.62 -4.96
N LYS A 61 7.93 -7.58 -5.75
CA LYS A 61 9.22 -8.15 -5.34
C LYS A 61 9.70 -7.48 -4.06
N LEU A 62 9.71 -6.15 -4.07
CA LEU A 62 10.14 -5.36 -2.92
C LEU A 62 9.24 -5.64 -1.73
N SER A 63 7.92 -5.80 -1.90
CA SER A 63 7.05 -6.12 -0.79
C SER A 63 7.44 -7.46 -0.16
N GLN A 64 7.75 -8.50 -0.93
CA GLN A 64 8.24 -9.76 -0.35
C GLN A 64 9.54 -9.49 0.42
N ALA A 65 10.49 -8.84 -0.28
CA ALA A 65 11.80 -8.51 0.25
C ALA A 65 11.78 -7.56 1.45
N LEU A 66 10.66 -6.88 1.75
CA LEU A 66 10.44 -6.00 2.90
C LEU A 66 9.63 -6.70 3.98
N SER A 67 8.71 -7.59 3.59
CA SER A 67 7.98 -8.44 4.52
C SER A 67 8.97 -9.32 5.27
N ASP A 68 10.09 -9.66 4.62
CA ASP A 68 11.19 -10.40 5.23
C ASP A 68 11.93 -9.64 6.35
N ILE A 69 11.74 -8.32 6.47
CA ILE A 69 12.62 -7.41 7.18
C ILE A 69 11.94 -6.95 8.45
N GLU A 70 10.75 -6.35 8.30
CA GLU A 70 9.86 -5.92 9.37
C GLU A 70 8.54 -5.35 8.83
N VAL A 71 8.20 -5.55 7.54
CA VAL A 71 7.11 -4.80 6.89
C VAL A 71 6.07 -5.77 6.30
N PRO A 72 5.29 -6.49 7.14
CA PRO A 72 4.33 -7.48 6.66
C PRO A 72 3.22 -6.76 5.88
N CYS A 73 3.05 -7.15 4.61
CA CYS A 73 2.13 -6.55 3.64
C CYS A 73 1.43 -7.65 2.84
N SER A 74 0.56 -7.30 1.89
CA SER A 74 -0.12 -8.23 0.98
C SER A 74 -0.18 -7.58 -0.40
N VAL A 75 -0.09 -8.38 -1.47
CA VAL A 75 -0.02 -7.91 -2.85
C VAL A 75 -1.00 -8.74 -3.67
N LEU A 76 -2.08 -8.12 -4.13
CA LEU A 76 -3.17 -8.79 -4.84
C LEU A 76 -3.38 -8.08 -6.17
N GLU A 77 -3.85 -8.79 -7.20
CA GLU A 77 -4.30 -8.20 -8.46
C GLU A 77 -5.51 -8.99 -8.94
N CYS A 78 -6.39 -8.34 -9.68
CA CYS A 78 -7.35 -8.99 -10.56
C CYS A 78 -7.71 -7.97 -11.63
N GLU A 79 -8.08 -8.45 -12.82
CA GLU A 79 -8.53 -7.62 -13.94
C GLU A 79 -7.52 -6.56 -14.41
N GLY A 80 -6.27 -6.66 -13.97
CA GLY A 80 -5.23 -5.66 -14.19
C GLY A 80 -5.36 -4.46 -13.25
N GLU A 81 -6.13 -4.54 -12.17
CA GLU A 81 -6.26 -3.51 -11.13
C GLU A 81 -5.59 -4.00 -9.84
N PRO A 82 -4.28 -3.81 -9.66
CA PRO A 82 -3.55 -4.29 -8.49
C PRO A 82 -3.89 -3.45 -7.24
N CYS A 83 -3.72 -4.07 -6.07
CA CYS A 83 -3.81 -3.45 -4.76
C CYS A 83 -2.68 -3.96 -3.87
N LEU A 84 -2.33 -3.13 -2.88
CA LEU A 84 -1.24 -3.37 -1.94
C LEU A 84 -1.76 -2.97 -0.57
N PHE A 85 -1.69 -3.89 0.37
CA PHE A 85 -2.20 -3.72 1.72
C PHE A 85 -0.96 -3.60 2.61
N VAL A 86 -0.89 -2.51 3.37
CA VAL A 86 0.24 -2.10 4.22
C VAL A 86 -0.32 -1.76 5.60
N ASN A 87 0.55 -1.59 6.60
CA ASN A 87 0.08 -1.27 7.94
C ASN A 87 -0.24 0.22 8.05
N ARG A 88 0.72 1.07 8.35
CA ARG A 88 0.46 2.51 8.53
C ARG A 88 1.63 3.39 8.10
N GLN A 89 2.77 3.28 8.76
CA GLN A 89 4.00 3.97 8.31
C GLN A 89 4.52 3.36 7.02
N ASP A 90 4.07 2.14 6.73
CA ASP A 90 4.66 1.24 5.77
C ASP A 90 4.42 1.76 4.37
N GLU A 91 3.36 2.56 4.18
CA GLU A 91 3.12 3.25 2.91
C GLU A 91 4.19 4.33 2.65
N PHE A 92 4.50 5.15 3.65
CA PHE A 92 5.51 6.19 3.58
C PHE A 92 6.89 5.59 3.36
N ALA A 93 7.21 4.59 4.17
CA ALA A 93 8.44 3.83 4.01
C ALA A 93 8.52 3.27 2.59
N ALA A 94 7.46 2.61 2.13
CA ALA A 94 7.43 1.95 0.83
C ALA A 94 7.59 2.96 -0.29
N THR A 95 6.87 4.11 -0.28
CA THR A 95 7.03 5.08 -1.35
C THR A 95 8.46 5.63 -1.31
N CYS A 96 8.97 5.99 -0.11
CA CYS A 96 10.32 6.49 0.06
C CYS A 96 11.32 5.56 -0.63
N ARG A 97 11.21 4.26 -0.30
CA ARG A 97 12.07 3.21 -0.79
C ARG A 97 11.94 3.01 -2.29
N LEU A 98 10.73 2.88 -2.82
CA LEU A 98 10.49 2.52 -4.22
C LEU A 98 10.76 3.71 -5.14
N LYS A 99 10.62 4.96 -4.68
CA LYS A 99 11.10 6.14 -5.41
C LYS A 99 12.56 5.95 -5.78
N ASN A 100 13.35 5.49 -4.81
CA ASN A 100 14.78 5.25 -4.94
C ASN A 100 15.11 4.20 -6.01
N PHE A 101 14.14 3.36 -6.37
CA PHE A 101 14.25 2.31 -7.37
C PHE A 101 13.85 2.80 -8.77
N GLY A 102 13.17 3.95 -8.89
CA GLY A 102 12.91 4.60 -10.17
C GLY A 102 11.54 4.30 -10.77
N VAL A 103 10.57 3.83 -9.98
CA VAL A 103 9.29 3.32 -10.47
C VAL A 103 8.10 4.19 -10.00
N ALA A 104 6.93 3.97 -10.60
CA ALA A 104 5.67 4.52 -10.14
C ALA A 104 5.27 3.88 -8.80
N ILE A 105 4.37 4.57 -8.10
CA ILE A 105 3.95 4.29 -6.75
C ILE A 105 2.45 4.60 -6.63
N ALA A 106 1.86 4.30 -5.47
CA ALA A 106 0.47 4.54 -5.09
C ALA A 106 0.19 6.01 -4.79
N GLU A 107 -0.85 6.28 -4.01
CA GLU A 107 -1.14 7.60 -3.46
C GLU A 107 0.03 8.07 -2.58
N PRO A 108 0.31 9.38 -2.51
CA PRO A 108 1.39 9.94 -1.72
C PRO A 108 1.11 9.85 -0.23
N PHE A 109 2.19 9.95 0.56
CA PHE A 109 2.18 9.98 2.01
C PHE A 109 1.69 11.34 2.56
N SER A 110 0.44 11.74 2.29
CA SER A 110 -0.20 12.91 2.88
C SER A 110 -1.60 12.56 3.40
N ASN A 111 -2.32 13.52 3.98
CA ASN A 111 -3.66 13.33 4.51
C ASN A 111 -4.63 13.23 3.35
N TYR A 112 -5.06 12.01 3.02
CA TYR A 112 -6.11 11.66 2.08
C TYR A 112 -6.06 12.35 0.70
N ASN A 113 -4.86 12.77 0.26
CA ASN A 113 -4.56 13.49 -0.99
C ASN A 113 -5.14 14.90 -0.92
N PRO A 114 -4.41 15.85 -0.31
CA PRO A 114 -4.80 17.26 -0.29
C PRO A 114 -4.50 17.98 -1.60
N PHE A 115 -3.69 17.38 -2.47
CA PHE A 115 -3.32 17.84 -3.78
C PHE A 115 -3.71 16.78 -4.79
N THR A 3 13.42 9.53 -8.86
CA THR A 3 11.97 9.62 -8.92
C THR A 3 11.63 10.75 -9.90
N SER A 4 10.49 10.64 -10.59
CA SER A 4 9.98 11.73 -11.39
C SER A 4 9.11 12.67 -10.55
N LEU A 5 8.79 13.83 -11.14
CA LEU A 5 7.94 14.90 -10.62
C LEU A 5 6.61 14.90 -11.37
N GLN A 6 6.25 13.74 -11.92
CA GLN A 6 5.10 13.42 -12.75
C GLN A 6 4.48 12.14 -12.21
N LEU A 7 3.49 11.61 -12.93
CA LEU A 7 2.65 10.43 -12.73
C LEU A 7 2.09 10.24 -11.33
N SER A 8 2.17 11.26 -10.48
CA SER A 8 1.85 11.11 -9.08
C SER A 8 0.36 10.83 -8.89
N ILE A 9 0.05 10.07 -7.85
CA ILE A 9 -1.28 9.51 -7.65
C ILE A 9 -2.12 10.57 -6.94
N VAL A 10 -3.42 10.33 -6.84
CA VAL A 10 -4.33 11.14 -6.05
C VAL A 10 -5.36 10.17 -5.47
N HIS A 11 -5.91 10.53 -4.31
CA HIS A 11 -7.18 10.03 -3.80
C HIS A 11 -7.06 8.59 -3.28
N ARG A 12 -8.18 8.05 -2.82
CA ARG A 12 -8.33 6.72 -2.21
C ARG A 12 -7.70 6.69 -0.83
N LEU A 13 -8.25 7.54 0.04
CA LEU A 13 -7.74 7.75 1.39
C LEU A 13 -7.99 6.50 2.24
N PRO A 14 -7.21 6.28 3.32
CA PRO A 14 -7.24 5.07 4.13
C PRO A 14 -8.44 5.05 5.09
N GLN A 15 -8.50 4.02 5.94
CA GLN A 15 -9.53 3.77 6.92
C GLN A 15 -8.89 3.00 8.08
N ASN A 16 -9.61 2.84 9.19
CA ASN A 16 -9.27 1.91 10.25
C ASN A 16 -9.88 0.56 9.92
N TYR A 17 -9.08 -0.42 9.50
CA TYR A 17 -9.58 -1.76 9.19
C TYR A 17 -8.48 -2.78 9.58
N ARG A 18 -8.77 -4.09 9.53
CA ARG A 18 -7.89 -5.17 10.00
C ARG A 18 -8.19 -6.50 9.28
N TRP A 19 -7.46 -7.58 9.57
CA TRP A 19 -7.77 -8.92 9.06
C TRP A 19 -9.00 -9.49 9.77
N SER A 20 -9.80 -10.36 9.14
CA SER A 20 -11.06 -10.82 9.76
C SER A 20 -10.89 -12.07 10.62
N ALA A 21 -9.68 -12.33 11.11
CA ALA A 21 -9.33 -13.51 11.87
C ALA A 21 -9.91 -14.79 11.23
N GLY A 22 -9.74 -14.92 9.91
CA GLY A 22 -10.15 -16.06 9.11
C GLY A 22 -9.11 -16.46 8.08
N PHE A 23 -8.56 -15.50 7.32
CA PHE A 23 -7.67 -15.72 6.18
C PHE A 23 -6.76 -14.50 6.04
N ALA A 24 -5.81 -14.31 6.96
CA ALA A 24 -4.99 -13.09 7.03
C ALA A 24 -4.30 -12.69 5.72
N GLY A 25 -4.04 -13.61 4.79
CA GLY A 25 -3.44 -13.29 3.50
C GLY A 25 -4.44 -12.79 2.46
N SER A 26 -5.73 -13.15 2.57
CA SER A 26 -6.72 -12.92 1.51
C SER A 26 -8.09 -12.54 2.09
N LYS A 27 -8.11 -11.74 3.15
CA LYS A 27 -9.33 -11.24 3.79
C LYS A 27 -9.05 -9.84 4.30
N VAL A 28 -10.08 -9.00 4.32
CA VAL A 28 -10.06 -7.75 5.08
C VAL A 28 -11.39 -7.68 5.84
N GLU A 29 -11.45 -6.95 6.95
CA GLU A 29 -12.67 -6.48 7.60
C GLU A 29 -12.44 -5.05 8.09
N PRO A 30 -13.48 -4.19 8.19
CA PRO A 30 -13.38 -2.91 8.88
C PRO A 30 -13.16 -3.10 10.39
N ILE A 31 -12.92 -2.00 11.12
CA ILE A 31 -13.01 -1.99 12.57
C ILE A 31 -14.26 -1.18 12.93
N PRO A 32 -15.44 -1.81 13.08
CA PRO A 32 -16.64 -1.14 13.54
C PRO A 32 -16.55 -0.90 15.06
N GLN A 33 -15.81 0.14 15.43
CA GLN A 33 -15.63 0.72 16.77
C GLN A 33 -15.35 -0.30 17.89
N ASN A 34 -14.65 -1.38 17.55
CA ASN A 34 -14.23 -2.38 18.52
C ASN A 34 -13.10 -1.83 19.39
N GLY A 35 -12.01 -1.38 18.76
CA GLY A 35 -10.74 -1.19 19.45
C GLY A 35 -9.72 -0.37 18.66
N PRO A 36 -9.92 0.96 18.58
CA PRO A 36 -8.90 1.89 18.16
C PRO A 36 -7.83 2.02 19.25
N CYS A 37 -6.62 1.62 18.89
CA CYS A 37 -5.43 1.66 19.75
C CYS A 37 -4.48 2.79 19.32
N GLY A 38 -4.67 3.37 18.14
CA GLY A 38 -4.06 4.61 17.69
C GLY A 38 -3.47 4.41 16.31
N ASP A 39 -2.19 4.03 16.25
CA ASP A 39 -1.43 4.01 15.00
C ASP A 39 -1.33 2.58 14.46
N ASN A 40 -2.14 1.65 14.98
CA ASN A 40 -1.98 0.21 14.85
C ASN A 40 -2.97 -0.38 13.83
N SER A 41 -3.47 0.44 12.91
CA SER A 41 -4.37 0.07 11.84
C SER A 41 -3.62 -0.55 10.66
N LEU A 42 -4.40 -0.88 9.63
CA LEU A 42 -3.92 -1.15 8.29
C LEU A 42 -4.30 0.06 7.42
N VAL A 43 -3.63 0.26 6.29
CA VAL A 43 -3.94 1.26 5.27
C VAL A 43 -3.94 0.52 3.90
N ALA A 44 -4.53 1.13 2.86
CA ALA A 44 -4.96 0.46 1.62
C ALA A 44 -4.67 1.35 0.41
N LEU A 45 -3.67 1.02 -0.41
CA LEU A 45 -3.19 1.89 -1.47
C LEU A 45 -3.21 1.20 -2.84
N LYS A 46 -3.15 2.04 -3.89
CA LYS A 46 -3.56 1.76 -5.25
C LYS A 46 -2.40 2.05 -6.21
N LEU A 47 -1.82 1.02 -6.83
CA LEU A 47 -0.68 1.13 -7.73
C LEU A 47 -1.17 1.60 -9.11
N LEU A 48 -1.53 2.87 -9.17
CA LEU A 48 -1.91 3.59 -10.38
C LEU A 48 -0.66 3.87 -11.22
N SER A 49 -0.83 4.58 -12.34
CA SER A 49 0.16 4.59 -13.41
C SER A 49 1.54 5.09 -12.93
N PRO A 50 2.61 4.69 -13.63
CA PRO A 50 2.61 3.71 -14.72
C PRO A 50 2.45 2.27 -14.19
N ASP A 51 2.53 1.30 -15.10
CA ASP A 51 2.27 -0.13 -14.89
C ASP A 51 3.29 -0.95 -15.68
N GLY A 52 3.19 -2.27 -15.66
CA GLY A 52 3.85 -3.21 -16.54
C GLY A 52 4.08 -4.52 -15.78
N ASP A 53 4.36 -5.61 -16.51
CA ASP A 53 4.72 -6.90 -15.91
C ASP A 53 5.96 -6.71 -15.04
N ASN A 54 6.89 -5.91 -15.55
CA ASN A 54 8.13 -5.52 -14.90
C ASN A 54 7.80 -4.82 -13.60
N ALA A 55 7.10 -3.70 -13.64
CA ALA A 55 6.71 -2.92 -12.48
C ALA A 55 6.05 -3.80 -11.40
N TRP A 56 5.07 -4.63 -11.77
CA TRP A 56 4.45 -5.63 -10.91
C TRP A 56 5.48 -6.58 -10.27
N SER A 57 6.46 -7.07 -11.04
CA SER A 57 7.52 -7.93 -10.51
C SER A 57 8.41 -7.19 -9.53
N VAL A 58 8.87 -5.98 -9.87
CA VAL A 58 9.71 -5.16 -9.01
C VAL A 58 9.02 -4.91 -7.67
N MET A 59 7.79 -4.38 -7.70
CA MET A 59 7.08 -4.10 -6.47
C MET A 59 6.86 -5.40 -5.68
N TYR A 60 6.64 -6.56 -6.34
CA TYR A 60 6.53 -7.82 -5.61
C TYR A 60 7.82 -8.11 -4.86
N LYS A 61 8.94 -8.15 -5.57
CA LYS A 61 10.26 -8.50 -5.02
C LYS A 61 10.60 -7.60 -3.86
N LEU A 62 10.39 -6.29 -3.98
CA LEU A 62 10.63 -5.36 -2.88
C LEU A 62 9.64 -5.61 -1.75
N SER A 63 8.36 -5.81 -2.03
CA SER A 63 7.35 -6.07 -1.00
C SER A 63 7.78 -7.25 -0.13
N GLN A 64 8.14 -8.39 -0.71
CA GLN A 64 8.58 -9.53 0.08
C GLN A 64 9.90 -9.24 0.78
N ALA A 65 10.87 -8.64 0.08
CA ALA A 65 12.18 -8.32 0.63
C ALA A 65 12.11 -7.38 1.83
N LEU A 66 11.04 -6.59 1.97
CA LEU A 66 10.78 -5.71 3.12
C LEU A 66 9.91 -6.43 4.15
N SER A 67 8.96 -7.25 3.70
CA SER A 67 8.11 -8.07 4.54
C SER A 67 8.95 -9.09 5.31
N ASP A 68 10.11 -9.45 4.77
CA ASP A 68 11.09 -10.33 5.40
C ASP A 68 11.58 -9.76 6.73
N ILE A 69 11.45 -8.45 6.92
CA ILE A 69 12.18 -7.72 7.93
C ILE A 69 11.23 -7.68 9.10
N GLU A 70 10.22 -6.82 8.99
CA GLU A 70 9.17 -6.55 9.99
C GLU A 70 7.98 -5.81 9.35
N VAL A 71 7.93 -5.77 8.03
CA VAL A 71 7.10 -4.81 7.28
C VAL A 71 6.13 -5.57 6.36
N PRO A 72 5.18 -6.33 6.94
CA PRO A 72 4.34 -7.20 6.16
C PRO A 72 3.39 -6.36 5.32
N CYS A 73 3.46 -6.58 4.00
CA CYS A 73 2.56 -5.97 3.04
C CYS A 73 1.91 -7.07 2.25
N SER A 74 0.67 -6.84 1.86
CA SER A 74 -0.10 -7.69 0.98
C SER A 74 -0.11 -7.04 -0.40
N VAL A 75 -0.05 -7.87 -1.44
CA VAL A 75 0.05 -7.53 -2.83
C VAL A 75 -0.97 -8.36 -3.61
N LEU A 76 -2.22 -7.90 -3.70
CA LEU A 76 -3.27 -8.63 -4.38
C LEU A 76 -3.48 -8.09 -5.78
N GLU A 77 -3.75 -8.99 -6.71
CA GLU A 77 -4.02 -8.72 -8.11
C GLU A 77 -5.48 -9.09 -8.44
N CYS A 78 -6.16 -8.23 -9.20
CA CYS A 78 -7.36 -8.54 -9.97
C CYS A 78 -7.23 -7.83 -11.30
N GLU A 79 -6.57 -8.44 -12.29
CA GLU A 79 -6.49 -8.03 -13.70
C GLU A 79 -5.70 -6.72 -13.93
N GLY A 80 -6.19 -5.61 -13.38
CA GLY A 80 -5.66 -4.25 -13.46
C GLY A 80 -6.03 -3.45 -12.20
N GLU A 81 -6.47 -4.15 -11.15
CA GLU A 81 -6.62 -3.68 -9.79
C GLU A 81 -5.44 -4.27 -9.00
N PRO A 82 -4.25 -3.65 -8.96
CA PRO A 82 -3.35 -3.84 -7.86
C PRO A 82 -4.02 -3.30 -6.58
N CYS A 83 -3.95 -4.08 -5.51
CA CYS A 83 -4.52 -3.78 -4.21
C CYS A 83 -3.45 -4.07 -3.17
N LEU A 84 -2.73 -3.03 -2.71
CA LEU A 84 -1.66 -3.22 -1.75
C LEU A 84 -2.14 -2.76 -0.39
N PHE A 85 -1.95 -3.61 0.61
CA PHE A 85 -2.30 -3.31 1.98
C PHE A 85 -1.02 -3.29 2.79
N VAL A 86 -0.96 -2.35 3.72
CA VAL A 86 0.18 -1.97 4.53
C VAL A 86 -0.33 -1.69 5.95
N ASN A 87 0.56 -1.60 6.95
CA ASN A 87 0.10 -1.33 8.31
C ASN A 87 -0.29 0.13 8.41
N ARG A 88 0.70 0.97 8.68
CA ARG A 88 0.44 2.39 8.85
C ARG A 88 1.53 3.19 8.15
N GLN A 89 2.68 3.33 8.77
CA GLN A 89 3.77 4.18 8.23
C GLN A 89 4.51 3.49 7.07
N ASP A 90 4.26 2.18 6.96
CA ASP A 90 4.72 1.26 5.94
C ASP A 90 4.43 1.83 4.55
N GLU A 91 3.36 2.62 4.38
CA GLU A 91 3.05 3.20 3.09
C GLU A 91 4.10 4.25 2.68
N PHE A 92 4.54 5.07 3.63
CA PHE A 92 5.52 6.13 3.43
C PHE A 92 6.85 5.43 3.12
N ALA A 93 7.22 4.45 3.95
CA ALA A 93 8.44 3.71 3.76
C ALA A 93 8.48 3.01 2.40
N ALA A 94 7.37 2.40 1.97
CA ALA A 94 7.30 1.71 0.70
C ALA A 94 7.50 2.69 -0.45
N THR A 95 6.78 3.82 -0.46
CA THR A 95 6.97 4.77 -1.56
C THR A 95 8.41 5.30 -1.51
N CYS A 96 9.02 5.50 -0.33
CA CYS A 96 10.42 5.89 -0.19
C CYS A 96 11.33 4.93 -0.96
N ARG A 97 11.16 3.61 -0.77
CA ARG A 97 11.97 2.61 -1.45
C ARG A 97 11.75 2.73 -2.96
N LEU A 98 10.50 2.58 -3.42
CA LEU A 98 10.18 2.51 -4.84
C LEU A 98 10.55 3.81 -5.59
N LYS A 99 10.47 4.97 -4.94
CA LYS A 99 10.91 6.26 -5.48
C LYS A 99 12.40 6.27 -5.76
N ASN A 100 13.24 5.66 -4.90
CA ASN A 100 14.65 5.62 -5.23
C ASN A 100 14.86 4.85 -6.53
N PHE A 101 14.07 3.78 -6.76
CA PHE A 101 14.17 2.90 -7.92
C PHE A 101 13.82 3.69 -9.18
N GLY A 102 12.65 4.31 -9.15
CA GLY A 102 12.13 5.17 -10.19
C GLY A 102 10.83 4.61 -10.76
N VAL A 103 9.80 4.57 -9.92
CA VAL A 103 8.42 4.52 -10.36
C VAL A 103 7.66 5.58 -9.53
N ALA A 104 6.41 5.87 -9.89
CA ALA A 104 5.57 6.86 -9.24
C ALA A 104 4.46 6.12 -8.52
N ILE A 105 4.51 6.16 -7.19
CA ILE A 105 3.61 5.42 -6.33
C ILE A 105 3.17 6.32 -5.18
N ALA A 106 1.87 6.26 -4.92
CA ALA A 106 1.04 7.01 -4.00
C ALA A 106 1.15 8.54 -4.09
N GLU A 107 0.40 9.21 -3.21
CA GLU A 107 0.65 10.59 -2.83
C GLU A 107 1.87 10.61 -1.89
N PRO A 108 2.62 11.72 -1.80
CA PRO A 108 3.89 11.77 -1.08
C PRO A 108 3.72 11.64 0.44
N PHE A 109 4.84 11.70 1.17
CA PHE A 109 4.90 11.70 2.63
C PHE A 109 5.29 13.09 3.14
N SER A 110 4.86 14.15 2.44
CA SER A 110 5.36 15.51 2.63
C SER A 110 6.90 15.54 2.69
N ASN A 111 7.54 16.52 3.34
CA ASN A 111 8.99 16.54 3.49
C ASN A 111 9.38 15.86 4.80
N TYR A 112 10.27 14.86 4.71
CA TYR A 112 10.94 14.08 5.77
C TYR A 112 10.01 13.23 6.64
N ASN A 113 8.85 12.83 6.13
CA ASN A 113 7.77 12.17 6.86
C ASN A 113 7.47 12.96 8.14
N PRO A 114 6.91 14.18 8.05
CA PRO A 114 6.71 15.07 9.18
C PRO A 114 5.56 14.63 10.10
N PHE A 115 4.73 13.71 9.61
CA PHE A 115 3.66 13.05 10.37
C PHE A 115 4.07 11.60 10.64
N THR A 3 13.42 14.48 -10.64
CA THR A 3 12.12 13.82 -10.55
C THR A 3 11.01 14.82 -10.86
N SER A 4 10.25 14.58 -11.93
CA SER A 4 9.09 15.39 -12.25
C SER A 4 7.91 15.04 -11.33
N LEU A 5 6.81 15.78 -11.48
CA LEU A 5 5.61 15.71 -10.65
C LEU A 5 4.31 15.93 -11.44
N GLN A 6 4.34 15.75 -12.76
CA GLN A 6 3.19 15.90 -13.64
C GLN A 6 2.30 14.63 -13.69
N LEU A 7 2.34 13.78 -12.65
CA LEU A 7 1.81 12.41 -12.69
C LEU A 7 1.25 11.86 -11.37
N SER A 8 1.01 12.71 -10.36
CA SER A 8 0.75 12.24 -8.99
C SER A 8 -0.38 11.20 -8.90
N ILE A 9 -0.22 10.21 -8.02
CA ILE A 9 -1.12 9.08 -7.87
C ILE A 9 -1.66 9.12 -6.45
N VAL A 10 -2.88 9.64 -6.30
CA VAL A 10 -3.63 9.59 -5.06
C VAL A 10 -5.04 9.09 -5.46
N HIS A 11 -5.84 8.55 -4.53
CA HIS A 11 -7.21 8.08 -4.83
C HIS A 11 -8.20 8.56 -3.77
N ARG A 12 -7.92 8.32 -2.49
CA ARG A 12 -8.65 8.84 -1.34
C ARG A 12 -7.90 8.50 -0.06
N LEU A 13 -8.23 9.16 1.06
CA LEU A 13 -7.62 8.87 2.35
C LEU A 13 -7.91 7.41 2.77
N PRO A 14 -7.05 6.80 3.60
CA PRO A 14 -7.25 5.46 4.15
C PRO A 14 -8.30 5.44 5.27
N GLN A 15 -8.47 4.29 5.92
CA GLN A 15 -9.47 3.99 6.95
C GLN A 15 -8.82 3.15 8.06
N ASN A 16 -9.60 2.67 9.03
CA ASN A 16 -9.16 1.80 10.13
C ASN A 16 -9.85 0.47 9.98
N TYR A 17 -9.13 -0.55 9.51
CA TYR A 17 -9.68 -1.86 9.26
C TYR A 17 -8.60 -2.89 9.64
N ARG A 18 -8.93 -4.19 9.69
CA ARG A 18 -7.97 -5.24 10.02
C ARG A 18 -8.42 -6.59 9.46
N TRP A 19 -7.59 -7.63 9.64
CA TRP A 19 -7.94 -8.98 9.26
C TRP A 19 -9.14 -9.45 10.09
N SER A 20 -10.02 -10.26 9.49
CA SER A 20 -11.21 -10.78 10.17
C SER A 20 -10.95 -12.02 11.02
N ALA A 21 -9.71 -12.25 11.47
CA ALA A 21 -9.31 -13.43 12.23
C ALA A 21 -9.82 -14.73 11.58
N GLY A 22 -9.60 -14.87 10.27
CA GLY A 22 -9.98 -16.05 9.52
C GLY A 22 -8.87 -16.49 8.59
N PHE A 23 -8.42 -15.59 7.70
CA PHE A 23 -7.56 -15.96 6.58
C PHE A 23 -6.19 -15.27 6.63
N ALA A 24 -6.11 -14.10 7.29
CA ALA A 24 -5.00 -13.15 7.29
C ALA A 24 -4.63 -12.70 5.88
N GLY A 25 -3.88 -13.51 5.13
CA GLY A 25 -3.35 -13.16 3.81
C GLY A 25 -4.44 -12.75 2.82
N SER A 26 -5.68 -13.23 2.98
CA SER A 26 -6.76 -13.02 2.04
C SER A 26 -8.12 -12.77 2.74
N LYS A 27 -8.23 -11.70 3.52
CA LYS A 27 -9.47 -11.22 4.13
C LYS A 27 -9.33 -9.75 4.50
N VAL A 28 -10.39 -8.94 4.47
CA VAL A 28 -10.39 -7.61 5.10
C VAL A 28 -11.72 -7.38 5.81
N GLU A 29 -11.73 -6.69 6.96
CA GLU A 29 -12.95 -6.16 7.57
C GLU A 29 -12.63 -4.82 8.28
N PRO A 30 -13.54 -3.83 8.28
CA PRO A 30 -13.38 -2.59 9.05
C PRO A 30 -13.32 -2.86 10.56
N ILE A 31 -13.00 -1.83 11.34
CA ILE A 31 -13.03 -1.89 12.80
C ILE A 31 -14.36 -1.26 13.25
N PRO A 32 -15.40 -2.04 13.59
CA PRO A 32 -16.59 -1.52 14.25
C PRO A 32 -16.26 -1.28 15.72
N GLN A 33 -15.60 -0.16 16.02
CA GLN A 33 -15.20 0.33 17.34
C GLN A 33 -14.51 -0.68 18.28
N ASN A 34 -13.95 -1.79 17.78
CA ASN A 34 -13.41 -2.91 18.59
C ASN A 34 -12.16 -2.54 19.44
N GLY A 35 -11.85 -1.25 19.59
CA GLY A 35 -10.81 -0.66 20.40
C GLY A 35 -10.28 0.61 19.71
N PRO A 36 -9.33 1.34 20.35
CA PRO A 36 -8.52 2.32 19.67
C PRO A 36 -7.51 1.62 18.76
N CYS A 37 -6.84 2.36 17.89
CA CYS A 37 -5.79 1.82 17.04
C CYS A 37 -4.78 2.92 16.68
N GLY A 38 -3.89 3.18 17.63
CA GLY A 38 -2.90 4.23 17.58
C GLY A 38 -1.69 3.76 16.79
N ASP A 39 -1.58 4.20 15.53
CA ASP A 39 -0.59 3.78 14.53
C ASP A 39 -0.50 2.24 14.44
N ASN A 40 -1.61 1.58 14.74
CA ASN A 40 -1.76 0.14 14.88
C ASN A 40 -3.07 -0.28 14.21
N SER A 41 -3.20 0.02 12.93
CA SER A 41 -4.28 -0.42 12.07
C SER A 41 -3.66 -0.75 10.70
N LEU A 42 -4.48 -0.75 9.65
CA LEU A 42 -4.08 -0.96 8.27
C LEU A 42 -4.42 0.26 7.42
N VAL A 43 -3.79 0.35 6.24
CA VAL A 43 -4.02 1.30 5.17
C VAL A 43 -3.96 0.53 3.83
N ALA A 44 -4.41 1.13 2.72
CA ALA A 44 -4.59 0.45 1.43
C ALA A 44 -4.17 1.38 0.29
N LEU A 45 -3.59 0.82 -0.77
CA LEU A 45 -2.81 1.54 -1.80
C LEU A 45 -3.21 1.06 -3.19
N LYS A 46 -3.03 1.92 -4.20
CA LYS A 46 -3.52 1.71 -5.57
C LYS A 46 -2.40 1.96 -6.57
N LEU A 47 -2.45 1.35 -7.75
CA LEU A 47 -1.35 1.34 -8.72
C LEU A 47 -1.86 1.75 -10.08
N LEU A 48 -1.29 2.82 -10.66
CA LEU A 48 -1.60 3.30 -11.99
C LEU A 48 -0.35 4.01 -12.54
N SER A 49 -0.53 4.79 -13.60
CA SER A 49 0.43 5.64 -14.31
C SER A 49 1.34 6.42 -13.35
N PRO A 50 2.54 6.86 -13.75
CA PRO A 50 3.09 6.79 -15.10
C PRO A 50 3.42 5.36 -15.53
N ASP A 51 3.75 4.52 -14.55
CA ASP A 51 4.30 3.20 -14.79
C ASP A 51 3.19 2.16 -14.75
N GLY A 52 3.53 0.88 -14.74
CA GLY A 52 2.58 -0.22 -14.76
C GLY A 52 3.35 -1.52 -14.52
N ASP A 53 3.35 -2.42 -15.50
CA ASP A 53 3.91 -3.78 -15.46
C ASP A 53 5.32 -3.87 -14.82
N ASN A 54 6.20 -2.96 -15.20
CA ASN A 54 7.57 -2.97 -14.70
C ASN A 54 7.59 -2.63 -13.20
N ALA A 55 6.92 -1.53 -12.85
CA ALA A 55 6.78 -1.08 -11.49
C ALA A 55 6.04 -2.10 -10.62
N TRP A 56 5.13 -2.89 -11.22
CA TRP A 56 4.43 -4.03 -10.65
C TRP A 56 5.43 -5.11 -10.22
N SER A 57 6.25 -5.64 -11.15
CA SER A 57 7.25 -6.65 -10.83
C SER A 57 8.16 -6.13 -9.72
N VAL A 58 8.80 -4.97 -9.93
CA VAL A 58 9.69 -4.37 -8.94
C VAL A 58 8.99 -4.25 -7.58
N MET A 59 7.78 -3.68 -7.50
CA MET A 59 7.14 -3.51 -6.20
C MET A 59 6.93 -4.87 -5.54
N TYR A 60 6.48 -5.90 -6.28
CA TYR A 60 6.22 -7.19 -5.67
C TYR A 60 7.49 -7.78 -5.05
N LYS A 61 8.60 -7.84 -5.82
CA LYS A 61 9.85 -8.40 -5.32
C LYS A 61 10.31 -7.65 -4.07
N LEU A 62 10.27 -6.32 -4.14
CA LEU A 62 10.61 -5.45 -3.03
C LEU A 62 9.73 -5.77 -1.84
N SER A 63 8.41 -5.81 -1.98
CA SER A 63 7.50 -6.03 -0.85
C SER A 63 7.79 -7.36 -0.15
N GLN A 64 8.07 -8.44 -0.89
CA GLN A 64 8.44 -9.70 -0.27
C GLN A 64 9.73 -9.50 0.54
N ALA A 65 10.76 -8.89 -0.07
CA ALA A 65 11.99 -8.59 0.64
C ALA A 65 11.75 -7.74 1.89
N LEU A 66 11.00 -6.62 1.78
CA LEU A 66 10.65 -5.71 2.88
C LEU A 66 9.99 -6.46 4.03
N SER A 67 9.04 -7.33 3.70
CA SER A 67 8.33 -8.18 4.64
C SER A 67 9.32 -9.04 5.40
N ASP A 68 10.29 -9.61 4.70
CA ASP A 68 11.29 -10.49 5.29
C ASP A 68 12.27 -9.78 6.22
N ILE A 69 12.35 -8.43 6.19
CA ILE A 69 13.19 -7.67 7.09
C ILE A 69 12.39 -7.33 8.35
N GLU A 70 11.29 -6.58 8.21
CA GLU A 70 10.49 -6.08 9.31
C GLU A 70 9.13 -5.52 8.87
N VAL A 71 8.98 -5.11 7.61
CA VAL A 71 7.83 -4.34 7.12
C VAL A 71 6.91 -5.24 6.27
N PRO A 72 5.97 -6.00 6.87
CA PRO A 72 5.12 -6.93 6.13
C PRO A 72 4.22 -6.19 5.16
N CYS A 73 4.08 -6.65 3.92
CA CYS A 73 3.22 -6.04 2.91
C CYS A 73 2.35 -7.10 2.24
N SER A 74 1.18 -6.70 1.73
CA SER A 74 0.28 -7.53 0.94
C SER A 74 0.14 -6.93 -0.46
N VAL A 75 0.22 -7.77 -1.49
CA VAL A 75 0.09 -7.45 -2.89
C VAL A 75 -0.99 -8.36 -3.50
N LEU A 76 -2.18 -7.82 -3.77
CA LEU A 76 -3.25 -8.54 -4.44
C LEU A 76 -3.57 -7.86 -5.77
N GLU A 77 -4.32 -8.54 -6.62
CA GLU A 77 -4.85 -8.05 -7.88
C GLU A 77 -6.11 -8.83 -8.22
N CYS A 78 -6.99 -8.24 -9.03
CA CYS A 78 -8.24 -8.84 -9.45
C CYS A 78 -8.53 -8.39 -10.87
N GLU A 79 -8.38 -9.28 -11.85
CA GLU A 79 -8.32 -9.02 -13.28
C GLU A 79 -7.21 -8.01 -13.59
N GLY A 80 -7.49 -6.74 -13.34
CA GLY A 80 -6.68 -5.59 -13.66
C GLY A 80 -6.77 -4.53 -12.57
N GLU A 81 -7.27 -4.87 -11.38
CA GLU A 81 -7.50 -3.97 -10.26
C GLU A 81 -6.40 -4.19 -9.21
N PRO A 82 -5.22 -3.54 -9.32
CA PRO A 82 -4.11 -3.73 -8.40
C PRO A 82 -4.47 -3.17 -7.02
N CYS A 83 -4.18 -3.91 -5.95
CA CYS A 83 -4.52 -3.50 -4.60
C CYS A 83 -3.42 -3.96 -3.65
N LEU A 84 -2.67 -2.99 -3.11
CA LEU A 84 -1.68 -3.23 -2.05
C LEU A 84 -2.34 -2.87 -0.73
N PHE A 85 -1.87 -3.50 0.35
CA PHE A 85 -2.35 -3.24 1.69
C PHE A 85 -1.15 -3.33 2.62
N VAL A 86 -1.10 -2.44 3.61
CA VAL A 86 0.04 -2.24 4.51
C VAL A 86 -0.52 -1.75 5.86
N ASN A 87 0.32 -1.61 6.88
CA ASN A 87 -0.10 -1.29 8.24
C ASN A 87 -0.40 0.20 8.33
N ARG A 88 0.62 1.02 8.53
CA ARG A 88 0.45 2.45 8.73
C ARG A 88 1.62 3.26 8.16
N GLN A 89 2.78 3.23 8.81
CA GLN A 89 3.96 3.98 8.35
C GLN A 89 4.59 3.35 7.10
N ASP A 90 4.21 2.11 6.87
CA ASP A 90 4.75 1.11 6.00
C ASP A 90 4.49 1.51 4.57
N GLU A 91 3.33 2.14 4.29
CA GLU A 91 3.10 2.68 2.96
C GLU A 91 4.13 3.76 2.65
N PHE A 92 4.37 4.65 3.62
CA PHE A 92 5.17 5.85 3.45
C PHE A 92 6.60 5.47 3.10
N ALA A 93 7.12 4.57 3.90
CA ALA A 93 8.40 3.88 3.73
C ALA A 93 8.46 3.14 2.40
N ALA A 94 7.48 2.28 2.10
CA ALA A 94 7.49 1.45 0.91
C ALA A 94 7.55 2.33 -0.35
N THR A 95 6.65 3.30 -0.50
CA THR A 95 6.66 4.17 -1.68
C THR A 95 7.97 4.95 -1.71
N CYS A 96 8.49 5.41 -0.55
CA CYS A 96 9.74 6.18 -0.48
C CYS A 96 10.85 5.37 -1.17
N ARG A 97 10.90 4.09 -0.81
CA ARG A 97 11.95 3.17 -1.18
C ARG A 97 11.84 2.86 -2.67
N LEU A 98 10.66 2.47 -3.13
CA LEU A 98 10.44 2.10 -4.53
C LEU A 98 10.71 3.28 -5.45
N LYS A 99 10.27 4.49 -5.06
CA LYS A 99 10.57 5.71 -5.79
C LYS A 99 12.08 5.94 -5.96
N ASN A 100 12.91 5.71 -4.93
CA ASN A 100 14.36 5.93 -5.14
C ASN A 100 14.97 4.75 -5.91
N PHE A 101 14.33 3.58 -5.93
CA PHE A 101 14.80 2.38 -6.61
C PHE A 101 14.69 2.46 -8.14
N GLY A 102 13.83 3.35 -8.68
CA GLY A 102 13.69 3.53 -10.13
C GLY A 102 12.26 3.69 -10.64
N VAL A 103 11.24 3.38 -9.85
CA VAL A 103 9.87 3.17 -10.33
C VAL A 103 8.89 4.13 -9.62
N ALA A 104 7.95 4.72 -10.36
CA ALA A 104 7.11 5.80 -9.88
C ALA A 104 5.68 5.32 -9.68
N ILE A 105 5.29 5.21 -8.41
CA ILE A 105 3.98 4.77 -7.96
C ILE A 105 3.56 5.68 -6.80
N ALA A 106 2.27 5.72 -6.47
CA ALA A 106 1.69 6.44 -5.32
C ALA A 106 2.22 7.88 -5.16
N GLU A 107 2.05 8.45 -3.98
CA GLU A 107 2.65 9.73 -3.59
C GLU A 107 3.82 9.46 -2.62
N PRO A 108 4.73 10.41 -2.35
CA PRO A 108 5.75 10.30 -1.32
C PRO A 108 5.40 11.08 -0.03
N PHE A 109 6.15 10.78 1.03
CA PHE A 109 5.92 11.27 2.40
C PHE A 109 7.23 11.54 3.14
N SER A 110 8.32 11.75 2.41
CA SER A 110 9.55 12.21 3.00
C SER A 110 9.38 13.66 3.48
N ASN A 111 10.29 14.09 4.36
CA ASN A 111 10.27 15.37 5.06
C ASN A 111 10.05 16.47 4.04
N TYR A 112 8.90 17.15 4.07
CA TYR A 112 8.54 18.27 3.21
C TYR A 112 8.80 18.03 1.71
N ASN A 113 8.68 16.77 1.24
CA ASN A 113 8.99 16.31 -0.12
C ASN A 113 10.33 16.91 -0.57
N PRO A 114 11.44 16.38 -0.04
CA PRO A 114 12.74 17.03 -0.09
C PRO A 114 13.43 16.86 -1.44
N PHE A 115 12.94 15.94 -2.25
CA PHE A 115 13.56 15.56 -3.51
C PHE A 115 13.28 16.65 -4.53
N THR A 3 12.94 14.48 -17.42
CA THR A 3 11.71 14.64 -18.21
C THR A 3 10.46 14.01 -17.55
N SER A 4 10.41 14.03 -16.21
CA SER A 4 9.40 13.43 -15.34
C SER A 4 9.32 11.90 -15.42
N LEU A 5 8.49 11.32 -14.53
CA LEU A 5 8.37 9.88 -14.34
C LEU A 5 6.89 9.44 -14.33
N GLN A 6 6.02 10.34 -14.78
CA GLN A 6 4.64 10.14 -15.20
C GLN A 6 3.80 9.25 -14.26
N LEU A 7 3.57 9.78 -13.07
CA LEU A 7 3.02 9.04 -11.93
C LEU A 7 1.79 9.69 -11.26
N SER A 8 0.93 10.36 -12.03
CA SER A 8 -0.22 11.12 -11.53
C SER A 8 -1.27 10.28 -10.76
N ILE A 9 -1.03 10.01 -9.47
CA ILE A 9 -1.88 9.23 -8.56
C ILE A 9 -3.24 9.94 -8.37
N VAL A 10 -4.25 9.22 -7.87
CA VAL A 10 -5.59 9.72 -7.62
C VAL A 10 -6.16 9.02 -6.36
N HIS A 11 -7.18 9.62 -5.74
CA HIS A 11 -8.22 8.94 -4.96
C HIS A 11 -7.78 8.43 -3.57
N ARG A 12 -6.80 9.06 -2.93
CA ARG A 12 -6.35 8.75 -1.58
C ARG A 12 -7.50 8.83 -0.57
N LEU A 13 -8.00 7.70 -0.07
CA LEU A 13 -8.99 7.67 1.01
C LEU A 13 -8.91 6.37 1.83
N PRO A 14 -8.02 6.27 2.84
CA PRO A 14 -8.01 5.12 3.74
C PRO A 14 -9.24 5.09 4.65
N GLN A 15 -9.42 3.96 5.34
CA GLN A 15 -10.27 3.83 6.52
C GLN A 15 -9.48 3.02 7.57
N ASN A 16 -10.05 2.73 8.74
CA ASN A 16 -9.33 2.02 9.81
C ASN A 16 -9.82 0.58 9.83
N TYR A 17 -9.08 -0.32 9.16
CA TYR A 17 -9.51 -1.70 8.97
C TYR A 17 -8.35 -2.63 9.40
N ARG A 18 -8.54 -3.97 9.40
CA ARG A 18 -7.59 -5.01 9.83
C ARG A 18 -7.77 -6.31 9.01
N TRP A 19 -7.12 -7.41 9.40
CA TRP A 19 -7.38 -8.75 8.87
C TRP A 19 -8.72 -9.29 9.39
N SER A 20 -9.23 -10.40 8.83
CA SER A 20 -10.47 -11.05 9.27
C SER A 20 -10.21 -12.33 10.08
N ALA A 21 -9.04 -12.47 10.71
CA ALA A 21 -8.68 -13.60 11.57
C ALA A 21 -8.73 -14.98 10.89
N GLY A 22 -8.77 -15.03 9.55
CA GLY A 22 -8.84 -16.27 8.80
C GLY A 22 -7.50 -16.47 8.13
N PHE A 23 -7.18 -15.58 7.19
CA PHE A 23 -6.20 -15.87 6.16
C PHE A 23 -5.00 -14.91 6.19
N ALA A 24 -5.20 -13.69 6.73
CA ALA A 24 -4.27 -12.58 6.74
C ALA A 24 -3.81 -12.15 5.34
N GLY A 25 -2.85 -12.84 4.71
CA GLY A 25 -2.23 -12.43 3.46
C GLY A 25 -3.20 -12.18 2.30
N SER A 26 -4.40 -12.77 2.32
CA SER A 26 -5.41 -12.64 1.28
C SER A 26 -6.80 -12.33 1.88
N LYS A 27 -6.89 -11.72 3.06
CA LYS A 27 -8.16 -11.36 3.70
C LYS A 27 -8.07 -10.08 4.51
N VAL A 28 -9.06 -9.21 4.34
CA VAL A 28 -9.24 -8.02 5.19
C VAL A 28 -10.67 -7.99 5.73
N GLU A 29 -10.92 -7.11 6.71
CA GLU A 29 -12.24 -6.60 7.07
C GLU A 29 -12.10 -5.19 7.66
N PRO A 30 -13.12 -4.32 7.59
CA PRO A 30 -13.23 -3.11 8.39
C PRO A 30 -13.30 -3.44 9.88
N ILE A 31 -13.21 -2.43 10.75
CA ILE A 31 -13.32 -2.59 12.20
C ILE A 31 -14.77 -2.25 12.57
N PRO A 32 -15.64 -3.23 12.88
CA PRO A 32 -17.04 -2.97 13.17
C PRO A 32 -17.19 -2.47 14.61
N GLN A 33 -16.96 -1.17 14.86
CA GLN A 33 -17.11 -0.48 16.14
C GLN A 33 -16.52 -1.27 17.33
N ASN A 34 -15.18 -1.32 17.39
CA ASN A 34 -14.43 -2.08 18.41
C ASN A 34 -13.42 -1.21 19.16
N GLY A 35 -12.83 -0.22 18.51
CA GLY A 35 -11.81 0.64 19.09
C GLY A 35 -10.39 0.34 18.55
N PRO A 36 -9.37 1.03 19.11
CA PRO A 36 -7.99 0.98 18.64
C PRO A 36 -7.21 -0.25 19.12
N CYS A 37 -5.96 -0.37 18.65
CA CYS A 37 -4.92 -1.27 19.14
C CYS A 37 -3.55 -0.55 19.22
N GLY A 38 -3.49 0.78 19.14
CA GLY A 38 -2.27 1.57 19.30
C GLY A 38 -1.55 1.75 17.96
N ASP A 39 -2.03 2.67 17.12
CA ASP A 39 -1.54 2.99 15.76
C ASP A 39 -1.47 1.77 14.83
N ASN A 40 -2.14 0.69 15.24
CA ASN A 40 -2.29 -0.60 14.60
C ASN A 40 -3.66 -0.56 13.94
N SER A 41 -3.72 0.12 12.81
CA SER A 41 -4.69 -0.17 11.76
C SER A 41 -3.95 -0.25 10.43
N LEU A 42 -4.67 -0.69 9.39
CA LEU A 42 -4.19 -0.84 8.03
C LEU A 42 -4.57 0.40 7.22
N VAL A 43 -3.87 0.62 6.10
CA VAL A 43 -4.19 1.59 5.06
C VAL A 43 -3.99 0.88 3.71
N ALA A 44 -4.54 1.41 2.62
CA ALA A 44 -4.60 0.72 1.34
C ALA A 44 -4.14 1.68 0.25
N LEU A 45 -3.09 1.29 -0.48
CA LEU A 45 -2.65 1.96 -1.70
C LEU A 45 -3.69 1.62 -2.76
N LYS A 46 -4.45 2.62 -3.17
CA LYS A 46 -5.07 2.65 -4.50
C LYS A 46 -3.97 2.53 -5.56
N LEU A 47 -4.39 2.31 -6.80
CA LEU A 47 -3.51 2.19 -7.96
C LEU A 47 -2.59 3.39 -8.17
N LEU A 48 -1.66 3.21 -9.10
CA LEU A 48 -0.61 4.12 -9.52
C LEU A 48 -0.36 3.92 -11.01
N SER A 49 0.56 4.69 -11.58
CA SER A 49 1.16 4.45 -12.90
C SER A 49 2.63 4.89 -12.87
N PRO A 50 3.48 4.50 -13.84
CA PRO A 50 3.26 3.45 -14.84
C PRO A 50 3.20 2.08 -14.17
N ASP A 51 2.56 1.13 -14.86
CA ASP A 51 2.00 -0.08 -14.26
C ASP A 51 2.18 -1.27 -15.23
N GLY A 52 1.49 -2.37 -14.97
CA GLY A 52 1.57 -3.60 -15.77
C GLY A 52 2.58 -4.59 -15.20
N ASP A 53 2.67 -5.77 -15.80
CA ASP A 53 3.22 -6.98 -15.18
C ASP A 53 4.68 -6.86 -14.72
N ASN A 54 5.47 -6.00 -15.36
CA ASN A 54 6.83 -5.71 -14.93
C ASN A 54 6.82 -4.91 -13.63
N ALA A 55 6.06 -3.81 -13.59
CA ALA A 55 5.92 -2.99 -12.40
C ALA A 55 5.37 -3.82 -11.25
N TRP A 56 4.43 -4.73 -11.52
CA TRP A 56 3.94 -5.74 -10.58
C TRP A 56 5.07 -6.57 -10.01
N SER A 57 5.86 -7.21 -10.87
CA SER A 57 7.01 -8.01 -10.48
C SER A 57 7.95 -7.17 -9.61
N VAL A 58 8.37 -5.97 -10.01
CA VAL A 58 9.19 -5.11 -9.15
C VAL A 58 8.54 -4.90 -7.77
N MET A 59 7.33 -4.31 -7.71
CA MET A 59 6.77 -3.95 -6.41
C MET A 59 6.55 -5.19 -5.55
N TYR A 60 6.04 -6.28 -6.12
CA TYR A 60 5.73 -7.52 -5.40
C TYR A 60 7.01 -8.13 -4.84
N LYS A 61 8.04 -8.33 -5.68
CA LYS A 61 9.29 -8.94 -5.23
C LYS A 61 9.89 -8.13 -4.10
N LEU A 62 9.85 -6.79 -4.21
CA LEU A 62 10.32 -5.93 -3.15
C LEU A 62 9.47 -6.07 -1.90
N SER A 63 8.14 -6.08 -1.99
CA SER A 63 7.30 -6.22 -0.80
C SER A 63 7.62 -7.53 -0.07
N GLN A 64 7.74 -8.65 -0.79
CA GLN A 64 8.17 -9.91 -0.21
C GLN A 64 9.52 -9.74 0.51
N ALA A 65 10.48 -9.09 -0.14
CA ALA A 65 11.80 -8.84 0.43
C ALA A 65 11.79 -7.92 1.66
N LEU A 66 10.77 -7.06 1.82
CA LEU A 66 10.60 -6.20 2.98
C LEU A 66 9.90 -6.96 4.11
N SER A 67 8.94 -7.83 3.77
CA SER A 67 8.21 -8.70 4.69
C SER A 67 9.19 -9.61 5.41
N ASP A 68 10.18 -10.11 4.67
CA ASP A 68 11.30 -10.93 5.16
C ASP A 68 12.12 -10.25 6.27
N ILE A 69 11.96 -8.94 6.45
CA ILE A 69 12.63 -8.17 7.48
C ILE A 69 11.65 -7.99 8.62
N GLU A 70 10.66 -7.10 8.50
CA GLU A 70 9.71 -6.75 9.57
C GLU A 70 8.43 -6.11 9.01
N VAL A 71 8.19 -6.20 7.70
CA VAL A 71 7.25 -5.30 7.02
C VAL A 71 6.18 -6.08 6.26
N PRO A 72 5.15 -6.62 6.93
CA PRO A 72 4.09 -7.32 6.23
C PRO A 72 3.35 -6.38 5.27
N CYS A 73 3.43 -6.66 3.98
CA CYS A 73 2.76 -5.98 2.88
C CYS A 73 1.93 -6.97 2.09
N SER A 74 0.65 -6.65 1.89
CA SER A 74 -0.28 -7.42 1.08
C SER A 74 -0.33 -6.82 -0.31
N VAL A 75 -0.37 -7.67 -1.33
CA VAL A 75 -0.27 -7.32 -2.74
C VAL A 75 -1.39 -8.06 -3.48
N LEU A 76 -2.45 -7.38 -3.90
CA LEU A 76 -3.58 -8.01 -4.60
C LEU A 76 -4.11 -7.07 -5.67
N GLU A 77 -4.99 -7.54 -6.55
CA GLU A 77 -5.63 -6.72 -7.58
C GLU A 77 -7.15 -6.77 -7.39
N CYS A 78 -7.85 -5.80 -7.97
CA CYS A 78 -9.29 -5.79 -8.23
C CYS A 78 -9.46 -5.13 -9.60
N GLU A 79 -10.62 -5.24 -10.24
CA GLU A 79 -11.15 -4.37 -11.30
C GLU A 79 -10.23 -3.97 -12.48
N GLY A 80 -9.09 -4.61 -12.64
CA GLY A 80 -8.07 -4.34 -13.63
C GLY A 80 -6.93 -3.44 -13.14
N GLU A 81 -6.78 -3.21 -11.83
CA GLU A 81 -5.80 -2.28 -11.25
C GLU A 81 -5.09 -2.93 -10.03
N PRO A 82 -3.91 -2.43 -9.62
CA PRO A 82 -3.22 -2.88 -8.41
C PRO A 82 -3.80 -2.29 -7.13
N CYS A 83 -3.65 -3.04 -6.02
CA CYS A 83 -3.93 -2.62 -4.65
C CYS A 83 -2.80 -3.12 -3.73
N LEU A 84 -2.28 -2.23 -2.87
CA LEU A 84 -1.20 -2.59 -1.95
C LEU A 84 -1.58 -2.24 -0.50
N PHE A 85 -1.87 -3.24 0.32
CA PHE A 85 -2.43 -3.07 1.65
C PHE A 85 -1.29 -3.11 2.67
N VAL A 86 -0.99 -1.97 3.29
CA VAL A 86 0.14 -1.79 4.21
C VAL A 86 -0.44 -1.47 5.60
N ASN A 87 0.43 -1.29 6.61
CA ASN A 87 -0.06 -1.08 7.97
C ASN A 87 -0.51 0.37 8.09
N ARG A 88 0.42 1.23 8.42
CA ARG A 88 0.13 2.64 8.64
C ARG A 88 1.27 3.46 8.03
N GLN A 89 2.36 3.53 8.78
CA GLN A 89 3.60 4.19 8.44
C GLN A 89 4.25 3.59 7.17
N ASP A 90 3.90 2.34 6.86
CA ASP A 90 4.45 1.61 5.73
C ASP A 90 4.00 2.15 4.39
N GLU A 91 2.95 2.99 4.30
CA GLU A 91 2.71 3.69 3.03
C GLU A 91 3.91 4.58 2.77
N PHE A 92 4.18 5.52 3.67
CA PHE A 92 5.16 6.57 3.51
C PHE A 92 6.57 5.99 3.34
N ALA A 93 6.91 5.04 4.21
CA ALA A 93 8.16 4.30 4.17
C ALA A 93 8.31 3.59 2.83
N ALA A 94 7.41 2.65 2.49
CA ALA A 94 7.52 1.83 1.30
C ALA A 94 7.61 2.71 0.06
N THR A 95 6.84 3.80 -0.03
CA THR A 95 6.91 4.64 -1.21
C THR A 95 8.28 5.32 -1.29
N CYS A 96 8.83 5.80 -0.16
CA CYS A 96 10.17 6.38 -0.10
C CYS A 96 11.21 5.41 -0.67
N ARG A 97 11.26 4.17 -0.17
CA ARG A 97 12.26 3.20 -0.61
C ARG A 97 12.04 2.78 -2.08
N LEU A 98 10.79 2.54 -2.52
CA LEU A 98 10.49 2.13 -3.88
C LEU A 98 10.87 3.24 -4.87
N LYS A 99 10.55 4.49 -4.55
CA LYS A 99 10.96 5.63 -5.37
C LYS A 99 12.46 5.71 -5.46
N ASN A 100 13.18 5.40 -4.38
CA ASN A 100 14.64 5.31 -4.43
C ASN A 100 15.15 4.16 -5.30
N PHE A 101 14.39 3.07 -5.48
CA PHE A 101 14.68 2.05 -6.49
C PHE A 101 14.48 2.59 -7.91
N GLY A 102 13.71 3.66 -8.08
CA GLY A 102 13.42 4.30 -9.35
C GLY A 102 11.93 4.21 -9.71
N VAL A 103 11.14 3.36 -9.04
CA VAL A 103 9.74 3.12 -9.35
C VAL A 103 8.87 3.97 -8.44
N ALA A 104 8.27 5.02 -9.00
CA ALA A 104 7.23 5.78 -8.34
C ALA A 104 5.99 4.91 -8.25
N ILE A 105 5.77 4.30 -7.09
CA ILE A 105 4.48 3.79 -6.68
C ILE A 105 3.92 4.72 -5.59
N ALA A 106 2.60 4.71 -5.39
CA ALA A 106 1.87 5.49 -4.39
C ALA A 106 2.04 7.01 -4.44
N GLU A 107 1.23 7.66 -3.62
CA GLU A 107 1.26 9.06 -3.26
C GLU A 107 2.62 9.46 -2.64
N PRO A 108 2.91 10.76 -2.55
CA PRO A 108 3.95 11.28 -1.68
C PRO A 108 3.47 11.29 -0.22
N PHE A 109 4.40 11.57 0.70
CA PHE A 109 4.17 11.75 2.13
C PHE A 109 4.33 13.22 2.52
N SER A 110 3.89 14.16 1.67
CA SER A 110 4.09 15.58 1.90
C SER A 110 3.09 16.14 2.93
N ASN A 111 3.02 17.47 3.03
CA ASN A 111 1.92 18.22 3.62
C ASN A 111 0.60 17.90 2.88
N TYR A 112 -0.46 18.63 3.18
CA TYR A 112 -1.83 18.52 2.70
C TYR A 112 -2.00 18.82 1.19
N ASN A 113 -1.44 17.98 0.34
CA ASN A 113 -1.45 18.11 -1.13
C ASN A 113 -0.84 19.46 -1.54
N PRO A 114 0.48 19.66 -1.40
CA PRO A 114 1.15 20.95 -1.61
C PRO A 114 1.31 21.37 -3.07
N PHE A 115 1.08 20.42 -3.98
CA PHE A 115 1.25 20.54 -5.42
C PHE A 115 0.12 21.37 -6.05
N THR A 3 9.85 17.33 -18.62
CA THR A 3 8.59 16.98 -19.26
C THR A 3 7.82 16.00 -18.35
N SER A 4 6.49 15.95 -18.49
CA SER A 4 5.64 15.20 -17.59
C SER A 4 5.82 13.70 -17.76
N LEU A 5 5.40 12.93 -16.75
CA LEU A 5 5.66 11.50 -16.60
C LEU A 5 4.37 10.75 -16.22
N GLN A 6 3.23 11.42 -16.41
CA GLN A 6 1.86 10.92 -16.29
C GLN A 6 1.60 10.13 -14.99
N LEU A 7 1.38 10.89 -13.92
CA LEU A 7 1.20 10.40 -12.55
C LEU A 7 0.00 11.05 -11.85
N SER A 8 -1.13 11.17 -12.54
CA SER A 8 -2.37 11.77 -12.03
C SER A 8 -3.09 10.85 -11.03
N ILE A 9 -2.48 10.59 -9.87
CA ILE A 9 -3.02 9.65 -8.90
C ILE A 9 -4.17 10.35 -8.13
N VAL A 10 -5.02 9.56 -7.46
CA VAL A 10 -6.30 9.98 -6.90
C VAL A 10 -6.15 10.31 -5.41
N HIS A 11 -7.17 10.93 -4.80
CA HIS A 11 -7.32 11.10 -3.35
C HIS A 11 -7.68 9.77 -2.68
N ARG A 12 -8.72 9.11 -3.20
CA ARG A 12 -9.28 7.87 -2.69
C ARG A 12 -9.67 7.97 -1.22
N LEU A 13 -9.92 6.82 -0.57
CA LEU A 13 -10.29 6.74 0.83
C LEU A 13 -10.05 5.32 1.35
N PRO A 14 -8.85 4.96 1.84
CA PRO A 14 -8.59 3.61 2.33
C PRO A 14 -9.48 3.26 3.53
N GLN A 15 -9.70 4.26 4.41
CA GLN A 15 -10.35 4.17 5.70
C GLN A 15 -9.53 3.31 6.67
N ASN A 16 -10.10 2.90 7.81
CA ASN A 16 -9.38 2.33 8.94
C ASN A 16 -9.86 0.90 9.14
N TYR A 17 -9.11 -0.08 8.66
CA TYR A 17 -9.59 -1.45 8.57
C TYR A 17 -8.49 -2.40 9.05
N ARG A 18 -8.77 -3.71 9.14
CA ARG A 18 -7.88 -4.73 9.69
C ARG A 18 -8.22 -6.12 9.13
N TRP A 19 -7.60 -7.18 9.64
CA TRP A 19 -7.97 -8.56 9.29
C TRP A 19 -9.23 -8.97 10.07
N SER A 20 -10.08 -9.82 9.48
CA SER A 20 -11.34 -10.28 10.07
C SER A 20 -11.16 -11.51 10.98
N ALA A 21 -9.96 -11.72 11.55
CA ALA A 21 -9.65 -12.82 12.48
C ALA A 21 -9.90 -14.24 11.95
N GLY A 22 -10.09 -14.42 10.63
CA GLY A 22 -10.49 -15.68 10.02
C GLY A 22 -9.37 -16.26 9.16
N PHE A 23 -8.75 -15.41 8.33
CA PHE A 23 -7.86 -15.88 7.25
C PHE A 23 -6.52 -15.14 7.18
N ALA A 24 -6.44 -13.93 7.73
CA ALA A 24 -5.32 -13.00 7.64
C ALA A 24 -4.87 -12.67 6.21
N GLY A 25 -4.04 -13.50 5.59
CA GLY A 25 -3.36 -13.21 4.32
C GLY A 25 -4.29 -12.80 3.20
N SER A 26 -5.52 -13.35 3.20
CA SER A 26 -6.56 -13.00 2.24
C SER A 26 -7.89 -12.85 3.00
N LYS A 27 -7.99 -11.78 3.79
CA LYS A 27 -9.26 -11.24 4.28
C LYS A 27 -9.03 -9.81 4.70
N VAL A 28 -10.03 -8.96 4.53
CA VAL A 28 -10.02 -7.59 5.01
C VAL A 28 -11.37 -7.32 5.67
N GLU A 29 -11.43 -6.43 6.65
CA GLU A 29 -12.67 -5.88 7.18
C GLU A 29 -12.41 -4.52 7.84
N PRO A 30 -13.34 -3.55 7.74
CA PRO A 30 -13.28 -2.29 8.48
C PRO A 30 -13.28 -2.54 10.00
N ILE A 31 -12.63 -1.63 10.72
CA ILE A 31 -12.55 -1.64 12.18
C ILE A 31 -13.99 -1.50 12.72
N PRO A 32 -14.54 -2.50 13.42
CA PRO A 32 -15.92 -2.48 13.86
C PRO A 32 -16.06 -1.61 15.12
N GLN A 33 -16.04 -0.29 14.93
CA GLN A 33 -16.25 0.75 15.95
C GLN A 33 -15.44 0.48 17.22
N ASN A 34 -14.13 0.27 17.05
CA ASN A 34 -13.24 -0.12 18.15
C ASN A 34 -12.33 1.01 18.62
N GLY A 35 -12.00 1.98 17.76
CA GLY A 35 -11.12 3.09 18.10
C GLY A 35 -9.68 2.62 18.37
N PRO A 36 -8.83 2.45 17.34
CA PRO A 36 -7.43 2.07 17.54
C PRO A 36 -6.64 3.23 18.16
N CYS A 37 -5.49 2.90 18.77
CA CYS A 37 -4.57 3.83 19.43
C CYS A 37 -4.34 5.08 18.58
N GLY A 38 -3.65 4.90 17.46
CA GLY A 38 -3.29 5.92 16.49
C GLY A 38 -2.50 5.32 15.34
N ASP A 39 -1.76 4.23 15.56
CA ASP A 39 -0.80 3.71 14.57
C ASP A 39 -1.00 2.23 14.34
N ASN A 40 -2.14 1.67 14.76
CA ASN A 40 -2.44 0.25 14.63
C ASN A 40 -3.67 0.07 13.75
N SER A 41 -3.50 0.25 12.44
CA SER A 41 -4.52 -0.01 11.41
C SER A 41 -3.92 -0.82 10.24
N LEU A 42 -4.64 -0.89 9.12
CA LEU A 42 -4.15 -1.25 7.80
C LEU A 42 -4.49 -0.10 6.86
N VAL A 43 -3.73 0.11 5.79
CA VAL A 43 -3.94 1.13 4.77
C VAL A 43 -3.90 0.45 3.39
N ALA A 44 -4.58 1.03 2.39
CA ALA A 44 -5.07 0.32 1.21
C ALA A 44 -4.69 1.08 -0.06
N LEU A 45 -4.07 0.36 -0.99
CA LEU A 45 -3.55 0.86 -2.25
C LEU A 45 -4.43 0.27 -3.35
N LYS A 46 -5.48 0.99 -3.76
CA LYS A 46 -6.13 0.81 -5.05
C LYS A 46 -6.53 2.17 -5.62
N LEU A 47 -5.62 2.77 -6.39
CA LEU A 47 -5.76 4.08 -7.01
C LEU A 47 -5.78 3.88 -8.53
N LEU A 48 -5.38 4.90 -9.29
CA LEU A 48 -5.37 4.93 -10.75
C LEU A 48 -3.94 4.77 -11.26
N SER A 49 -3.66 5.30 -12.46
CA SER A 49 -2.35 5.42 -13.10
C SER A 49 -1.24 5.84 -12.11
N PRO A 50 0.04 5.71 -12.52
CA PRO A 50 0.46 4.93 -13.68
C PRO A 50 0.52 3.47 -13.26
N ASP A 51 0.35 2.57 -14.22
CA ASP A 51 0.34 1.12 -13.99
C ASP A 51 0.86 0.39 -15.23
N GLY A 52 1.61 -0.68 -15.00
CA GLY A 52 2.33 -1.41 -16.04
C GLY A 52 2.97 -2.66 -15.45
N ASP A 53 3.27 -3.62 -16.31
CA ASP A 53 3.88 -4.92 -16.01
C ASP A 53 5.22 -4.73 -15.28
N ASN A 54 6.01 -3.73 -15.70
CA ASN A 54 7.34 -3.50 -15.13
C ASN A 54 7.23 -3.26 -13.64
N ALA A 55 6.37 -2.32 -13.29
CA ALA A 55 6.09 -1.85 -11.96
C ALA A 55 5.49 -2.99 -11.13
N TRP A 56 4.56 -3.77 -11.71
CA TRP A 56 4.00 -5.00 -11.15
C TRP A 56 5.11 -5.90 -10.60
N SER A 57 6.10 -6.24 -11.44
CA SER A 57 7.21 -7.09 -11.02
C SER A 57 8.04 -6.42 -9.92
N VAL A 58 8.58 -5.21 -10.16
CA VAL A 58 9.37 -4.49 -9.14
C VAL A 58 8.65 -4.50 -7.80
N MET A 59 7.38 -4.10 -7.79
CA MET A 59 6.51 -4.06 -6.64
C MET A 59 6.49 -5.42 -5.93
N TYR A 60 6.25 -6.52 -6.65
CA TYR A 60 6.08 -7.82 -6.00
C TYR A 60 7.38 -8.22 -5.30
N LYS A 61 8.50 -8.14 -6.03
CA LYS A 61 9.79 -8.57 -5.50
C LYS A 61 10.16 -7.73 -4.29
N LEU A 62 9.98 -6.40 -4.37
CA LEU A 62 10.32 -5.49 -3.29
C LEU A 62 9.39 -5.72 -2.10
N SER A 63 8.08 -5.89 -2.32
CA SER A 63 7.13 -6.20 -1.28
C SER A 63 7.60 -7.41 -0.48
N GLN A 64 7.93 -8.54 -1.13
CA GLN A 64 8.48 -9.70 -0.43
C GLN A 64 9.81 -9.33 0.26
N ALA A 65 10.74 -8.76 -0.49
CA ALA A 65 12.10 -8.45 -0.01
C ALA A 65 12.12 -7.48 1.16
N LEU A 66 11.04 -6.74 1.43
CA LEU A 66 10.89 -5.80 2.53
C LEU A 66 10.02 -6.37 3.65
N SER A 67 9.02 -7.18 3.32
CA SER A 67 8.17 -7.84 4.30
C SER A 67 8.99 -8.82 5.13
N ASP A 68 9.92 -9.49 4.45
CA ASP A 68 10.94 -10.38 4.98
C ASP A 68 11.81 -9.74 6.07
N ILE A 69 11.76 -8.41 6.20
CA ILE A 69 12.60 -7.62 7.05
C ILE A 69 11.76 -7.03 8.18
N GLU A 70 10.86 -6.07 7.90
CA GLU A 70 10.19 -5.27 8.93
C GLU A 70 8.81 -4.81 8.50
N VAL A 71 8.57 -4.70 7.19
CA VAL A 71 7.43 -3.98 6.63
C VAL A 71 6.48 -4.94 5.91
N PRO A 72 5.63 -5.70 6.62
CA PRO A 72 4.89 -6.77 5.99
C PRO A 72 3.75 -6.23 5.12
N CYS A 73 4.03 -6.25 3.82
CA CYS A 73 3.16 -5.87 2.73
C CYS A 73 2.32 -7.07 2.32
N SER A 74 1.23 -6.83 1.60
CA SER A 74 0.38 -7.86 1.03
C SER A 74 -0.09 -7.37 -0.33
N VAL A 75 0.47 -7.94 -1.40
CA VAL A 75 0.07 -7.69 -2.78
C VAL A 75 -1.12 -8.60 -3.08
N LEU A 76 -2.14 -8.13 -3.80
CA LEU A 76 -3.23 -8.92 -4.39
C LEU A 76 -3.55 -8.43 -5.81
N GLU A 77 -4.37 -9.20 -6.52
CA GLU A 77 -4.82 -8.99 -7.89
C GLU A 77 -6.21 -9.63 -8.03
N CYS A 78 -7.04 -9.08 -8.91
CA CYS A 78 -8.33 -9.55 -9.43
C CYS A 78 -8.89 -8.44 -10.31
N GLU A 79 -9.77 -8.77 -11.26
CA GLU A 79 -10.60 -7.86 -12.06
C GLU A 79 -9.83 -6.76 -12.82
N GLY A 80 -8.50 -6.89 -12.92
CA GLY A 80 -7.63 -5.85 -13.43
C GLY A 80 -7.45 -4.69 -12.45
N GLU A 81 -7.78 -4.90 -11.18
CA GLU A 81 -7.55 -4.00 -10.07
C GLU A 81 -6.38 -4.57 -9.27
N PRO A 82 -5.12 -4.29 -9.65
CA PRO A 82 -3.97 -4.62 -8.80
C PRO A 82 -4.13 -3.82 -7.52
N CYS A 83 -3.93 -4.45 -6.36
CA CYS A 83 -4.01 -3.71 -5.11
C CYS A 83 -2.98 -4.21 -4.11
N LEU A 84 -2.62 -3.36 -3.15
CA LEU A 84 -1.66 -3.64 -2.11
C LEU A 84 -2.29 -3.24 -0.78
N PHE A 85 -1.81 -3.84 0.30
CA PHE A 85 -2.31 -3.68 1.65
C PHE A 85 -1.08 -3.62 2.55
N VAL A 86 -1.00 -2.60 3.39
CA VAL A 86 0.11 -2.33 4.30
C VAL A 86 -0.46 -1.92 5.65
N ASN A 87 0.37 -1.73 6.68
CA ASN A 87 -0.11 -1.56 8.04
C ASN A 87 -0.49 -0.11 8.25
N ARG A 88 0.50 0.69 8.60
CA ARG A 88 0.32 2.13 8.65
C ARG A 88 1.55 2.79 8.06
N GLN A 89 2.59 2.99 8.86
CA GLN A 89 3.75 3.79 8.45
C GLN A 89 4.55 3.11 7.35
N ASP A 90 4.29 1.83 7.14
CA ASP A 90 4.70 1.05 5.99
C ASP A 90 4.45 1.85 4.71
N GLU A 91 3.38 2.66 4.67
CA GLU A 91 3.02 3.48 3.51
C GLU A 91 4.19 4.42 3.18
N PHE A 92 4.71 5.12 4.20
CA PHE A 92 5.78 6.08 4.11
C PHE A 92 7.08 5.37 3.78
N ALA A 93 7.36 4.32 4.54
CA ALA A 93 8.55 3.50 4.37
C ALA A 93 8.65 2.99 2.93
N ALA A 94 7.58 2.37 2.45
CA ALA A 94 7.46 1.84 1.11
C ALA A 94 7.75 2.95 0.10
N THR A 95 6.94 4.01 0.07
CA THR A 95 7.16 5.05 -0.93
C THR A 95 8.55 5.67 -0.80
N CYS A 96 9.06 5.89 0.42
CA CYS A 96 10.39 6.43 0.67
C CYS A 96 11.44 5.61 -0.07
N ARG A 97 11.47 4.29 0.14
CA ARG A 97 12.45 3.43 -0.50
C ARG A 97 12.18 3.30 -1.98
N LEU A 98 10.92 3.08 -2.39
CA LEU A 98 10.57 2.91 -3.79
C LEU A 98 11.00 4.13 -4.60
N LYS A 99 10.93 5.35 -4.04
CA LYS A 99 11.35 6.55 -4.76
C LYS A 99 12.82 6.47 -5.14
N ASN A 100 13.68 5.89 -4.29
CA ASN A 100 15.09 5.76 -4.69
C ASN A 100 15.34 4.62 -5.68
N PHE A 101 14.42 3.66 -5.77
CA PHE A 101 14.43 2.61 -6.81
C PHE A 101 13.92 3.16 -8.15
N GLY A 102 13.01 4.13 -8.10
CA GLY A 102 12.68 5.04 -9.21
C GLY A 102 11.25 4.78 -9.71
N VAL A 103 10.34 4.39 -8.82
CA VAL A 103 9.14 3.65 -9.18
C VAL A 103 7.92 4.57 -9.05
N ALA A 104 6.75 4.16 -9.52
CA ALA A 104 5.48 4.78 -9.17
C ALA A 104 5.04 4.30 -7.79
N ILE A 105 4.13 5.05 -7.15
CA ILE A 105 3.47 4.67 -5.91
C ILE A 105 2.06 5.26 -5.90
N ALA A 106 1.23 4.67 -5.04
CA ALA A 106 -0.17 4.99 -4.92
C ALA A 106 -0.65 4.94 -3.47
N GLU A 107 0.17 5.47 -2.56
CA GLU A 107 -0.04 5.47 -1.13
C GLU A 107 0.23 6.90 -0.61
N PRO A 108 -0.48 7.35 0.44
CA PRO A 108 -0.21 8.65 1.06
C PRO A 108 0.92 8.52 2.08
N PHE A 109 1.56 9.63 2.44
CA PHE A 109 2.44 9.72 3.59
C PHE A 109 2.82 11.18 3.92
N SER A 110 2.02 12.18 3.52
CA SER A 110 2.36 13.60 3.63
C SER A 110 1.86 14.17 4.97
N ASN A 111 1.62 15.48 5.03
CA ASN A 111 1.06 16.22 6.16
C ASN A 111 -0.10 17.06 5.59
N TYR A 112 -0.74 17.89 6.41
CA TYR A 112 -1.75 18.91 6.03
C TYR A 112 -2.97 18.39 5.25
N ASN A 113 -3.30 17.11 5.41
CA ASN A 113 -4.38 16.42 4.68
C ASN A 113 -4.09 16.42 3.17
N PRO A 114 -3.11 15.63 2.73
CA PRO A 114 -2.69 15.59 1.33
C PRO A 114 -3.77 15.02 0.42
N PHE A 115 -4.43 13.98 0.93
CA PHE A 115 -5.31 13.05 0.23
C PHE A 115 -4.70 12.64 -1.11
N THR A 3 9.48 10.11 -22.48
CA THR A 3 9.21 11.52 -22.21
C THR A 3 7.67 11.69 -22.27
N SER A 4 7.00 11.68 -21.11
CA SER A 4 5.54 11.66 -21.07
C SER A 4 4.98 12.41 -19.85
N LEU A 5 3.67 12.67 -19.89
CA LEU A 5 2.87 13.35 -18.88
C LEU A 5 1.62 12.48 -18.64
N GLN A 6 1.76 11.36 -17.94
CA GLN A 6 0.69 10.38 -17.74
C GLN A 6 0.72 9.67 -16.39
N LEU A 7 0.86 10.47 -15.33
CA LEU A 7 1.09 10.02 -13.96
C LEU A 7 0.04 10.56 -12.97
N SER A 8 -1.10 11.03 -13.47
CA SER A 8 -2.22 11.48 -12.64
C SER A 8 -2.78 10.30 -11.85
N ILE A 9 -2.91 10.42 -10.53
CA ILE A 9 -3.52 9.40 -9.67
C ILE A 9 -4.78 10.01 -9.05
N VAL A 10 -5.66 9.15 -8.53
CA VAL A 10 -6.68 9.52 -7.56
C VAL A 10 -6.65 8.49 -6.44
N HIS A 11 -7.02 8.88 -5.21
CA HIS A 11 -7.29 8.00 -4.09
C HIS A 11 -8.32 8.73 -3.19
N ARG A 12 -8.87 8.06 -2.16
CA ARG A 12 -9.80 8.69 -1.21
C ARG A 12 -9.27 8.63 0.23
N LEU A 13 -7.94 8.55 0.39
CA LEU A 13 -7.20 8.38 1.66
C LEU A 13 -7.45 6.99 2.25
N PRO A 14 -6.59 6.47 3.15
CA PRO A 14 -6.83 5.19 3.82
C PRO A 14 -7.96 5.32 4.85
N GLN A 15 -8.19 4.24 5.60
CA GLN A 15 -9.29 4.05 6.55
C GLN A 15 -8.81 3.07 7.63
N ASN A 16 -9.49 3.02 8.79
CA ASN A 16 -9.22 2.05 9.82
C ASN A 16 -9.84 0.73 9.39
N TYR A 17 -9.04 -0.34 9.27
CA TYR A 17 -9.58 -1.69 9.19
C TYR A 17 -8.46 -2.64 9.68
N ARG A 18 -8.67 -3.96 9.58
CA ARG A 18 -7.66 -5.01 9.84
C ARG A 18 -8.02 -6.31 9.09
N TRP A 19 -7.41 -7.44 9.45
CA TRP A 19 -7.79 -8.76 8.94
C TRP A 19 -9.00 -9.30 9.69
N SER A 20 -9.83 -10.13 9.03
CA SER A 20 -10.88 -10.94 9.66
C SER A 20 -10.35 -12.16 10.46
N ALA A 21 -9.10 -12.13 10.95
CA ALA A 21 -8.50 -13.23 11.71
C ALA A 21 -8.64 -14.64 11.05
N GLY A 22 -8.84 -14.74 9.73
CA GLY A 22 -9.16 -15.98 9.03
C GLY A 22 -8.28 -16.30 7.83
N PHE A 23 -7.82 -15.29 7.07
CA PHE A 23 -7.06 -15.47 5.82
C PHE A 23 -5.80 -14.59 5.73
N ALA A 24 -5.76 -13.48 6.47
CA ALA A 24 -4.87 -12.34 6.35
C ALA A 24 -4.69 -11.81 4.93
N GLY A 25 -3.77 -12.32 4.13
CA GLY A 25 -3.31 -11.64 2.91
C GLY A 25 -4.45 -11.31 1.95
N SER A 26 -5.47 -12.16 1.90
CA SER A 26 -6.59 -12.07 0.97
C SER A 26 -7.88 -11.69 1.70
N LYS A 27 -7.82 -11.02 2.84
CA LYS A 27 -8.98 -10.68 3.63
C LYS A 27 -8.82 -9.29 4.20
N VAL A 28 -9.87 -8.49 4.09
CA VAL A 28 -9.92 -7.24 4.83
C VAL A 28 -11.24 -7.22 5.60
N GLU A 29 -11.28 -6.61 6.77
CA GLU A 29 -12.53 -6.34 7.49
C GLU A 29 -12.34 -5.08 8.35
N PRO A 30 -13.37 -4.22 8.49
CA PRO A 30 -13.28 -2.95 9.21
C PRO A 30 -12.97 -3.09 10.70
N ILE A 31 -12.85 -1.94 11.37
CA ILE A 31 -12.73 -1.86 12.81
C ILE A 31 -14.06 -1.29 13.33
N PRO A 32 -14.98 -2.14 13.81
CA PRO A 32 -16.25 -1.69 14.35
C PRO A 32 -16.05 -1.30 15.81
N GLN A 33 -15.48 -0.10 16.05
CA GLN A 33 -15.26 0.43 17.38
C GLN A 33 -14.37 -0.50 18.21
N ASN A 34 -13.16 -0.80 17.69
CA ASN A 34 -12.10 -1.56 18.37
C ASN A 34 -10.75 -1.02 17.91
N GLY A 35 -10.55 0.30 17.95
CA GLY A 35 -9.34 0.91 17.40
C GLY A 35 -8.07 0.40 18.08
N PRO A 36 -6.91 0.44 17.39
CA PRO A 36 -5.73 -0.29 17.82
C PRO A 36 -5.05 0.37 19.02
N CYS A 37 -4.23 -0.43 19.70
CA CYS A 37 -3.44 -0.02 20.86
C CYS A 37 -2.41 1.07 20.53
N GLY A 38 -1.91 1.16 19.30
CA GLY A 38 -1.00 2.19 18.88
C GLY A 38 -0.81 2.17 17.38
N ASP A 39 -1.80 2.67 16.64
CA ASP A 39 -1.79 2.85 15.19
C ASP A 39 -1.58 1.53 14.41
N ASN A 40 -1.75 0.40 15.09
CA ASN A 40 -1.70 -0.98 14.58
C ASN A 40 -2.99 -1.30 13.83
N SER A 41 -3.50 -0.41 12.97
CA SER A 41 -4.57 -0.68 12.02
C SER A 41 -3.93 -1.26 10.75
N LEU A 42 -4.57 -1.11 9.59
CA LEU A 42 -3.96 -1.33 8.28
C LEU A 42 -4.32 -0.16 7.37
N VAL A 43 -3.62 -0.06 6.24
CA VAL A 43 -3.81 0.95 5.20
C VAL A 43 -3.78 0.24 3.84
N ALA A 44 -4.65 0.69 2.92
CA ALA A 44 -5.04 -0.05 1.72
C ALA A 44 -4.92 0.85 0.50
N LEU A 45 -3.81 0.72 -0.22
CA LEU A 45 -3.45 1.52 -1.38
C LEU A 45 -4.09 0.91 -2.62
N LYS A 46 -4.32 1.77 -3.60
CA LYS A 46 -4.78 1.42 -4.93
C LYS A 46 -3.94 2.23 -5.90
N LEU A 47 -3.14 1.54 -6.71
CA LEU A 47 -2.33 2.17 -7.74
C LEU A 47 -3.28 2.71 -8.83
N LEU A 48 -2.75 3.46 -9.80
CA LEU A 48 -3.48 3.86 -11.00
C LEU A 48 -2.58 3.72 -12.22
N SER A 49 -1.56 4.58 -12.41
CA SER A 49 -0.66 4.51 -13.55
C SER A 49 0.63 5.34 -13.34
N PRO A 50 1.68 5.19 -14.19
CA PRO A 50 1.85 4.12 -15.17
C PRO A 50 2.13 2.78 -14.47
N ASP A 51 1.92 1.68 -15.19
CA ASP A 51 1.82 0.34 -14.62
C ASP A 51 2.07 -0.72 -15.69
N GLY A 52 2.24 -1.99 -15.30
CA GLY A 52 2.40 -3.15 -16.17
C GLY A 52 3.46 -4.11 -15.62
N ASP A 53 3.77 -5.15 -16.39
CA ASP A 53 4.51 -6.36 -15.99
C ASP A 53 5.76 -6.09 -15.16
N ASN A 54 6.57 -5.11 -15.56
CA ASN A 54 7.82 -4.79 -14.88
C ASN A 54 7.52 -4.32 -13.46
N ALA A 55 6.73 -3.25 -13.35
CA ALA A 55 6.35 -2.68 -12.06
C ALA A 55 5.65 -3.72 -11.20
N TRP A 56 4.87 -4.63 -11.79
CA TRP A 56 4.24 -5.75 -11.11
C TRP A 56 5.27 -6.63 -10.41
N SER A 57 6.21 -7.22 -11.17
CA SER A 57 7.15 -8.17 -10.57
C SER A 57 7.97 -7.48 -9.50
N VAL A 58 8.54 -6.31 -9.85
CA VAL A 58 9.36 -5.55 -8.91
C VAL A 58 8.54 -5.23 -7.65
N MET A 59 7.27 -4.84 -7.76
CA MET A 59 6.46 -4.52 -6.60
C MET A 59 6.31 -5.73 -5.68
N TYR A 60 6.05 -6.91 -6.24
CA TYR A 60 5.97 -8.11 -5.40
C TYR A 60 7.34 -8.49 -4.81
N LYS A 61 8.43 -8.27 -5.56
CA LYS A 61 9.77 -8.50 -5.06
C LYS A 61 10.08 -7.58 -3.88
N LEU A 62 9.62 -6.33 -3.95
CA LEU A 62 9.69 -5.38 -2.85
C LEU A 62 8.86 -5.90 -1.69
N SER A 63 7.59 -6.25 -1.90
CA SER A 63 6.72 -6.64 -0.79
C SER A 63 7.32 -7.81 -0.01
N GLN A 64 7.82 -8.86 -0.69
CA GLN A 64 8.47 -9.96 0.00
C GLN A 64 9.75 -9.52 0.70
N ALA A 65 10.57 -8.73 0.01
CA ALA A 65 11.84 -8.22 0.52
C ALA A 65 11.68 -7.24 1.69
N LEU A 66 10.48 -6.73 1.92
CA LEU A 66 10.14 -5.82 3.01
C LEU A 66 9.50 -6.60 4.16
N SER A 67 8.57 -7.52 3.88
CA SER A 67 7.93 -8.32 4.92
C SER A 67 8.96 -9.18 5.64
N ASP A 68 9.96 -9.66 4.91
CA ASP A 68 11.06 -10.47 5.43
C ASP A 68 11.83 -9.74 6.54
N ILE A 69 11.78 -8.41 6.57
CA ILE A 69 12.53 -7.58 7.48
C ILE A 69 11.66 -7.39 8.70
N GLU A 70 10.50 -6.74 8.53
CA GLU A 70 9.46 -6.64 9.54
C GLU A 70 8.16 -5.98 9.02
N VAL A 71 7.97 -5.83 7.70
CA VAL A 71 6.98 -4.90 7.13
C VAL A 71 5.93 -5.71 6.33
N PRO A 72 4.99 -6.37 7.01
CA PRO A 72 4.13 -7.38 6.40
C PRO A 72 3.06 -6.72 5.54
N CYS A 73 3.17 -6.93 4.24
CA CYS A 73 2.30 -6.32 3.23
C CYS A 73 1.29 -7.34 2.69
N SER A 74 0.44 -6.94 1.74
CA SER A 74 -0.18 -7.85 0.80
C SER A 74 -0.30 -7.16 -0.57
N VAL A 75 -0.52 -7.98 -1.60
CA VAL A 75 -0.54 -7.65 -3.02
C VAL A 75 -1.66 -8.43 -3.68
N LEU A 76 -2.67 -7.75 -4.23
CA LEU A 76 -3.76 -8.38 -4.99
C LEU A 76 -3.91 -7.68 -6.33
N GLU A 77 -4.40 -8.42 -7.32
CA GLU A 77 -4.55 -8.03 -8.71
C GLU A 77 -6.01 -8.23 -9.14
N CYS A 78 -6.48 -7.41 -10.08
CA CYS A 78 -7.62 -7.66 -10.95
C CYS A 78 -7.32 -6.89 -12.22
N GLU A 79 -6.99 -7.58 -13.32
CA GLU A 79 -6.98 -7.08 -14.69
C GLU A 79 -5.89 -6.03 -14.92
N GLY A 80 -6.06 -4.83 -14.35
CA GLY A 80 -5.20 -3.66 -14.47
C GLY A 80 -5.36 -2.74 -13.26
N GLU A 81 -5.75 -3.29 -12.10
CA GLU A 81 -5.97 -2.56 -10.85
C GLU A 81 -5.21 -3.26 -9.72
N PRO A 82 -3.90 -2.99 -9.58
CA PRO A 82 -3.13 -3.45 -8.44
C PRO A 82 -3.68 -2.81 -7.16
N CYS A 83 -3.81 -3.61 -6.10
CA CYS A 83 -4.24 -3.19 -4.77
C CYS A 83 -3.23 -3.71 -3.77
N LEU A 84 -2.72 -2.83 -2.91
CA LEU A 84 -1.60 -3.11 -2.02
C LEU A 84 -1.99 -2.76 -0.59
N PHE A 85 -1.42 -3.47 0.37
CA PHE A 85 -1.85 -3.40 1.74
C PHE A 85 -0.62 -3.40 2.64
N VAL A 86 -0.67 -2.61 3.71
CA VAL A 86 0.42 -2.24 4.61
C VAL A 86 -0.14 -1.85 5.98
N ASN A 87 0.73 -1.61 6.98
CA ASN A 87 0.28 -1.36 8.36
C ASN A 87 -0.22 0.06 8.47
N ARG A 88 0.72 0.98 8.43
CA ARG A 88 0.48 2.41 8.53
C ARG A 88 1.66 3.17 7.89
N GLN A 89 2.72 3.38 8.66
CA GLN A 89 3.90 4.19 8.27
C GLN A 89 4.76 3.51 7.21
N ASP A 90 4.50 2.22 7.02
CA ASP A 90 5.04 1.38 5.98
C ASP A 90 4.78 1.99 4.61
N GLU A 91 3.77 2.85 4.49
CA GLU A 91 3.48 3.65 3.32
C GLU A 91 4.64 4.60 3.06
N PHE A 92 4.88 5.52 4.00
CA PHE A 92 5.90 6.57 3.94
C PHE A 92 7.25 5.93 3.59
N ALA A 93 7.54 4.82 4.26
CA ALA A 93 8.73 4.02 3.99
C ALA A 93 8.72 3.51 2.54
N ALA A 94 7.66 2.83 2.11
CA ALA A 94 7.53 2.25 0.78
C ALA A 94 7.71 3.31 -0.30
N THR A 95 7.02 4.45 -0.22
CA THR A 95 7.15 5.51 -1.22
C THR A 95 8.60 6.03 -1.23
N CYS A 96 9.20 6.28 -0.05
CA CYS A 96 10.58 6.72 0.09
C CYS A 96 11.53 5.76 -0.62
N ARG A 97 11.34 4.45 -0.42
CA ARG A 97 12.13 3.38 -1.03
C ARG A 97 11.88 3.34 -2.53
N LEU A 98 10.63 3.22 -2.98
CA LEU A 98 10.27 2.99 -4.37
C LEU A 98 10.66 4.16 -5.26
N LYS A 99 10.75 5.38 -4.74
CA LYS A 99 11.32 6.51 -5.46
C LYS A 99 12.72 6.21 -5.99
N ASN A 100 13.47 5.38 -5.27
CA ASN A 100 14.80 4.96 -5.65
C ASN A 100 14.84 4.02 -6.85
N PHE A 101 13.74 3.34 -7.17
CA PHE A 101 13.63 2.51 -8.38
C PHE A 101 12.95 3.25 -9.51
N GLY A 102 11.93 4.03 -9.17
CA GLY A 102 11.34 5.05 -10.02
C GLY A 102 9.96 4.62 -10.43
N VAL A 103 8.98 4.84 -9.55
CA VAL A 103 7.68 4.18 -9.57
C VAL A 103 6.59 5.18 -9.18
N ALA A 104 5.35 4.95 -9.58
CA ALA A 104 4.19 5.73 -9.19
C ALA A 104 3.84 5.48 -7.73
N ILE A 105 3.34 6.52 -7.06
CA ILE A 105 2.94 6.55 -5.66
C ILE A 105 1.45 6.95 -5.59
N ALA A 106 0.72 6.54 -4.54
CA ALA A 106 -0.72 6.78 -4.39
C ALA A 106 -1.17 7.27 -3.00
N GLU A 107 -0.28 7.88 -2.23
CA GLU A 107 -0.45 8.09 -0.79
C GLU A 107 0.26 9.37 -0.36
N PRO A 108 0.03 9.93 0.85
CA PRO A 108 0.73 11.12 1.32
C PRO A 108 1.70 10.92 2.50
N PHE A 109 2.85 11.59 2.40
CA PHE A 109 3.88 11.63 3.43
C PHE A 109 4.73 12.92 3.27
N SER A 110 4.19 13.99 2.67
CA SER A 110 4.90 15.24 2.43
C SER A 110 4.29 16.36 3.28
N ASN A 111 5.08 17.41 3.49
CA ASN A 111 4.88 18.35 4.57
C ASN A 111 5.12 19.77 4.09
N TYR A 112 4.02 20.40 3.71
CA TYR A 112 3.81 21.78 3.30
C TYR A 112 2.36 21.98 2.85
N ASN A 113 1.46 21.14 3.33
CA ASN A 113 0.07 21.01 2.90
C ASN A 113 0.07 20.74 1.38
N PRO A 114 0.55 19.55 0.96
CA PRO A 114 0.52 19.16 -0.45
C PRO A 114 -0.90 18.83 -0.93
N PHE A 115 -1.85 18.67 0.01
CA PHE A 115 -3.27 18.56 -0.22
C PHE A 115 -3.76 19.86 -0.83
N THR A 3 9.60 17.26 -18.51
CA THR A 3 8.48 17.91 -17.84
C THR A 3 8.02 17.06 -16.64
N SER A 4 7.13 16.11 -16.86
CA SER A 4 6.66 15.15 -15.87
C SER A 4 6.81 13.73 -16.42
N LEU A 5 6.47 12.75 -15.59
CA LEU A 5 6.56 11.34 -15.94
C LEU A 5 5.17 10.70 -16.00
N GLN A 6 4.11 11.52 -16.09
CA GLN A 6 2.70 11.15 -16.18
C GLN A 6 2.34 10.03 -15.19
N LEU A 7 2.36 10.36 -13.89
CA LEU A 7 2.38 9.39 -12.79
C LEU A 7 1.25 9.58 -11.78
N SER A 8 0.19 10.30 -12.15
CA SER A 8 -1.00 10.53 -11.32
C SER A 8 -1.66 9.21 -10.90
N ILE A 9 -1.40 8.73 -9.69
CA ILE A 9 -2.17 7.64 -9.07
C ILE A 9 -2.93 8.23 -7.87
N VAL A 10 -4.05 7.61 -7.51
CA VAL A 10 -5.06 8.17 -6.62
C VAL A 10 -5.27 7.29 -5.37
N HIS A 11 -6.16 7.70 -4.46
CA HIS A 11 -6.66 6.96 -3.30
C HIS A 11 -7.96 6.22 -3.64
N ARG A 12 -8.45 5.34 -2.77
CA ARG A 12 -9.82 4.79 -2.84
C ARG A 12 -10.64 5.28 -1.65
N LEU A 13 -10.57 4.58 -0.52
CA LEU A 13 -11.24 4.89 0.73
C LEU A 13 -10.50 4.10 1.81
N PRO A 14 -9.44 4.65 2.37
CA PRO A 14 -8.81 4.09 3.57
C PRO A 14 -9.71 4.36 4.78
N GLN A 15 -9.69 3.47 5.76
CA GLN A 15 -10.28 3.65 7.08
C GLN A 15 -9.46 2.84 8.09
N ASN A 16 -9.93 2.69 9.31
CA ASN A 16 -9.32 1.81 10.29
C ASN A 16 -9.88 0.41 10.07
N TYR A 17 -9.06 -0.47 9.47
CA TYR A 17 -9.45 -1.85 9.26
C TYR A 17 -8.25 -2.73 9.60
N ARG A 18 -8.49 -4.04 9.73
CA ARG A 18 -7.46 -5.07 9.84
C ARG A 18 -7.92 -6.30 9.06
N TRP A 19 -7.21 -7.43 9.17
CA TRP A 19 -7.73 -8.68 8.65
C TRP A 19 -8.92 -9.18 9.50
N SER A 20 -9.53 -10.30 9.10
CA SER A 20 -10.63 -10.94 9.85
C SER A 20 -10.24 -12.30 10.42
N ALA A 21 -8.97 -12.46 10.81
CA ALA A 21 -8.43 -13.61 11.56
C ALA A 21 -8.70 -15.02 10.97
N GLY A 22 -9.15 -15.11 9.71
CA GLY A 22 -9.56 -16.33 9.04
C GLY A 22 -8.76 -16.60 7.78
N PHE A 23 -8.38 -15.55 7.04
CA PHE A 23 -7.69 -15.68 5.75
C PHE A 23 -6.72 -14.49 5.65
N ALA A 24 -5.65 -14.49 6.45
CA ALA A 24 -4.68 -13.39 6.51
C ALA A 24 -4.23 -12.93 5.12
N GLY A 25 -4.09 -13.84 4.15
CA GLY A 25 -3.67 -13.48 2.81
C GLY A 25 -4.72 -12.76 1.96
N SER A 26 -6.02 -12.86 2.28
CA SER A 26 -7.08 -12.38 1.39
C SER A 26 -8.35 -11.91 2.14
N LYS A 27 -8.24 -11.52 3.40
CA LYS A 27 -9.40 -11.12 4.20
C LYS A 27 -9.13 -9.81 4.87
N VAL A 28 -10.02 -8.86 4.68
CA VAL A 28 -10.05 -7.58 5.34
C VAL A 28 -11.37 -7.44 6.07
N GLU A 29 -11.44 -6.54 7.06
CA GLU A 29 -12.69 -6.00 7.57
C GLU A 29 -12.40 -4.69 8.32
N PRO A 30 -13.28 -3.67 8.23
CA PRO A 30 -13.19 -2.45 9.04
C PRO A 30 -13.45 -2.77 10.51
N ILE A 31 -12.85 -1.98 11.40
CA ILE A 31 -12.90 -2.15 12.86
C ILE A 31 -14.20 -1.52 13.38
N PRO A 32 -15.23 -2.28 13.81
CA PRO A 32 -16.38 -1.73 14.51
C PRO A 32 -15.97 -1.47 15.96
N GLN A 33 -15.36 -0.31 16.23
CA GLN A 33 -15.10 0.22 17.56
C GLN A 33 -14.27 -0.70 18.48
N ASN A 34 -13.61 -1.72 17.92
CA ASN A 34 -12.96 -2.79 18.68
C ASN A 34 -11.90 -2.23 19.62
N GLY A 35 -11.14 -1.22 19.18
CA GLY A 35 -10.07 -0.65 19.99
C GLY A 35 -8.88 -1.62 20.01
N PRO A 36 -8.00 -1.55 19.00
CA PRO A 36 -6.83 -2.41 18.87
C PRO A 36 -5.75 -2.03 19.89
N CYS A 37 -4.58 -2.65 19.77
CA CYS A 37 -3.37 -2.32 20.53
C CYS A 37 -3.12 -0.82 20.55
N GLY A 38 -2.79 -0.24 19.39
CA GLY A 38 -2.54 1.18 19.33
C GLY A 38 -1.79 1.55 18.07
N ASP A 39 -2.35 2.48 17.31
CA ASP A 39 -1.80 3.03 16.07
C ASP A 39 -1.26 1.93 15.16
N ASN A 40 -1.98 0.81 15.16
CA ASN A 40 -1.58 -0.43 14.51
C ASN A 40 -2.65 -0.84 13.49
N SER A 41 -3.04 0.07 12.59
CA SER A 41 -4.08 -0.17 11.58
C SER A 41 -3.47 -0.63 10.24
N LEU A 42 -4.34 -0.88 9.26
CA LEU A 42 -3.98 -1.16 7.87
C LEU A 42 -4.36 0.02 6.97
N VAL A 43 -3.70 0.18 5.81
CA VAL A 43 -4.00 1.20 4.80
C VAL A 43 -3.93 0.61 3.38
N ALA A 44 -4.70 1.19 2.46
CA ALA A 44 -5.07 0.61 1.17
C ALA A 44 -4.41 1.41 0.04
N LEU A 45 -3.54 0.78 -0.75
CA LEU A 45 -2.77 1.45 -1.80
C LEU A 45 -3.19 0.86 -3.14
N LYS A 46 -4.24 1.45 -3.73
CA LYS A 46 -4.66 1.18 -5.09
C LYS A 46 -3.63 1.73 -6.09
N LEU A 47 -2.65 0.92 -6.48
CA LEU A 47 -1.80 1.24 -7.62
C LEU A 47 -2.64 0.99 -8.88
N LEU A 48 -2.47 1.80 -9.91
CA LEU A 48 -3.04 1.66 -11.26
C LEU A 48 -2.11 2.38 -12.25
N SER A 49 -2.51 2.54 -13.51
CA SER A 49 -1.69 3.06 -14.61
C SER A 49 -0.98 4.39 -14.29
N PRO A 50 0.26 4.63 -14.77
CA PRO A 50 1.03 3.77 -15.67
C PRO A 50 1.67 2.61 -14.91
N ASP A 51 1.67 1.46 -15.54
CA ASP A 51 1.82 0.16 -14.90
C ASP A 51 2.60 -0.78 -15.84
N GLY A 52 2.53 -2.09 -15.59
CA GLY A 52 2.94 -3.12 -16.52
C GLY A 52 3.74 -4.21 -15.83
N ASP A 53 4.20 -5.19 -16.61
CA ASP A 53 4.88 -6.38 -16.12
C ASP A 53 6.01 -6.00 -15.17
N ASN A 54 6.88 -5.07 -15.59
CA ASN A 54 8.06 -4.68 -14.80
C ASN A 54 7.65 -4.16 -13.43
N ALA A 55 6.69 -3.23 -13.40
CA ALA A 55 6.22 -2.63 -12.16
C ALA A 55 5.70 -3.72 -11.23
N TRP A 56 4.94 -4.68 -11.76
CA TRP A 56 4.47 -5.85 -11.03
C TRP A 56 5.63 -6.67 -10.49
N SER A 57 6.58 -7.07 -11.34
CA SER A 57 7.74 -7.88 -10.96
C SER A 57 8.41 -7.24 -9.75
N VAL A 58 8.91 -6.03 -9.93
CA VAL A 58 9.59 -5.20 -8.93
C VAL A 58 8.72 -5.03 -7.68
N MET A 59 7.45 -4.64 -7.82
CA MET A 59 6.57 -4.41 -6.67
C MET A 59 6.50 -5.67 -5.80
N TYR A 60 6.23 -6.83 -6.41
CA TYR A 60 6.16 -8.06 -5.66
C TYR A 60 7.51 -8.39 -5.01
N LYS A 61 8.62 -8.25 -5.74
CA LYS A 61 9.95 -8.50 -5.20
C LYS A 61 10.20 -7.66 -3.96
N LEU A 62 10.04 -6.35 -4.09
CA LEU A 62 10.24 -5.39 -3.02
C LEU A 62 9.32 -5.72 -1.86
N SER A 63 8.04 -6.03 -2.12
CA SER A 63 7.11 -6.34 -1.05
C SER A 63 7.61 -7.51 -0.21
N GLN A 64 8.04 -8.61 -0.84
CA GLN A 64 8.50 -9.79 -0.10
C GLN A 64 9.82 -9.46 0.60
N ALA A 65 10.78 -8.85 -0.10
CA ALA A 65 12.09 -8.54 0.46
C ALA A 65 12.03 -7.54 1.63
N LEU A 66 10.97 -6.73 1.71
CA LEU A 66 10.72 -5.80 2.82
C LEU A 66 9.90 -6.45 3.92
N SER A 67 8.94 -7.31 3.54
CA SER A 67 8.07 -8.06 4.42
C SER A 67 8.90 -8.96 5.33
N ASP A 68 9.89 -9.63 4.72
CA ASP A 68 10.84 -10.55 5.32
C ASP A 68 11.61 -9.95 6.50
N ILE A 69 11.67 -8.61 6.58
CA ILE A 69 12.31 -7.90 7.66
C ILE A 69 11.29 -7.74 8.77
N GLU A 70 10.31 -6.84 8.59
CA GLU A 70 9.36 -6.47 9.62
C GLU A 70 8.04 -5.92 9.04
N VAL A 71 7.77 -6.03 7.74
CA VAL A 71 6.74 -5.18 7.09
C VAL A 71 5.66 -6.02 6.37
N PRO A 72 4.75 -6.70 7.09
CA PRO A 72 3.80 -7.62 6.49
C PRO A 72 2.82 -6.85 5.61
N CYS A 73 2.73 -7.21 4.33
CA CYS A 73 1.87 -6.56 3.33
C CYS A 73 1.08 -7.64 2.58
N SER A 74 0.17 -7.23 1.71
CA SER A 74 -0.61 -8.11 0.85
C SER A 74 -0.59 -7.52 -0.55
N VAL A 75 -0.29 -8.37 -1.54
CA VAL A 75 -0.18 -8.05 -2.94
C VAL A 75 -1.24 -8.85 -3.68
N LEU A 76 -2.31 -8.19 -4.12
CA LEU A 76 -3.44 -8.81 -4.82
C LEU A 76 -3.53 -8.22 -6.21
N GLU A 77 -3.64 -9.10 -7.20
CA GLU A 77 -3.74 -8.79 -8.62
C GLU A 77 -5.20 -8.97 -9.04
N CYS A 78 -5.68 -8.09 -9.90
CA CYS A 78 -7.08 -7.87 -10.24
C CYS A 78 -7.10 -7.17 -11.60
N GLU A 79 -6.94 -7.93 -12.69
CA GLU A 79 -6.88 -7.54 -14.11
C GLU A 79 -5.76 -6.54 -14.44
N GLY A 80 -5.86 -5.33 -13.90
CA GLY A 80 -5.02 -4.18 -14.17
C GLY A 80 -5.17 -3.18 -13.04
N GLU A 81 -5.47 -3.64 -11.83
CA GLU A 81 -5.57 -2.83 -10.63
C GLU A 81 -4.69 -3.52 -9.58
N PRO A 82 -3.38 -3.26 -9.54
CA PRO A 82 -2.49 -3.72 -8.47
C PRO A 82 -2.96 -3.22 -7.09
N CYS A 83 -3.69 -4.05 -6.36
CA CYS A 83 -4.22 -3.75 -5.04
C CYS A 83 -3.17 -4.11 -3.99
N LEU A 84 -2.47 -3.12 -3.43
CA LEU A 84 -1.51 -3.33 -2.36
C LEU A 84 -2.16 -2.96 -1.03
N PHE A 85 -1.73 -3.62 0.02
CA PHE A 85 -2.25 -3.52 1.36
C PHE A 85 -1.04 -3.47 2.29
N VAL A 86 -0.91 -2.38 3.03
CA VAL A 86 0.19 -2.08 3.95
C VAL A 86 -0.38 -1.86 5.35
N ASN A 87 0.46 -1.70 6.39
CA ASN A 87 -0.06 -1.46 7.73
C ASN A 87 -0.37 0.02 7.89
N ARG A 88 0.61 0.82 8.26
CA ARG A 88 0.37 2.26 8.42
C ARG A 88 1.57 3.05 7.95
N GLN A 89 2.63 3.10 8.75
CA GLN A 89 3.85 3.85 8.40
C GLN A 89 4.53 3.22 7.19
N ASP A 90 4.19 1.97 6.91
CA ASP A 90 4.67 1.14 5.83
C ASP A 90 4.35 1.75 4.48
N GLU A 91 3.32 2.60 4.43
CA GLU A 91 2.94 3.39 3.27
C GLU A 91 4.08 4.34 2.95
N PHE A 92 4.27 5.31 3.87
CA PHE A 92 5.31 6.31 3.86
C PHE A 92 6.68 5.75 3.58
N ALA A 93 6.99 4.65 4.25
CA ALA A 93 8.25 3.95 4.08
C ALA A 93 8.37 3.43 2.64
N ALA A 94 7.40 2.63 2.17
CA ALA A 94 7.40 2.05 0.84
C ALA A 94 7.55 3.15 -0.22
N THR A 95 6.71 4.20 -0.19
CA THR A 95 6.83 5.29 -1.16
C THR A 95 8.23 5.89 -1.10
N CYS A 96 8.74 6.23 0.10
CA CYS A 96 10.05 6.84 0.29
C CYS A 96 11.15 6.05 -0.41
N ARG A 97 11.22 4.73 -0.20
CA ARG A 97 12.21 3.90 -0.90
C ARG A 97 11.88 3.68 -2.36
N LEU A 98 10.67 3.24 -2.70
CA LEU A 98 10.34 2.82 -4.05
C LEU A 98 10.40 4.00 -5.04
N LYS A 99 10.24 5.26 -4.60
CA LYS A 99 10.49 6.41 -5.48
C LYS A 99 11.91 6.32 -6.06
N ASN A 100 12.94 5.97 -5.27
CA ASN A 100 14.34 5.81 -5.72
C ASN A 100 14.57 4.52 -6.52
N PHE A 101 13.65 3.56 -6.51
CA PHE A 101 13.61 2.45 -7.47
C PHE A 101 13.18 2.94 -8.86
N GLY A 102 12.65 4.16 -8.96
CA GLY A 102 12.38 4.82 -10.23
C GLY A 102 11.05 4.40 -10.82
N VAL A 103 10.14 3.87 -9.99
CA VAL A 103 8.82 3.41 -10.44
C VAL A 103 7.76 4.48 -10.14
N ALA A 104 6.60 4.37 -10.80
CA ALA A 104 5.38 5.07 -10.41
C ALA A 104 4.86 4.49 -9.09
N ILE A 105 4.13 5.28 -8.31
CA ILE A 105 3.72 4.99 -6.94
C ILE A 105 2.30 5.52 -6.78
N ALA A 106 1.54 4.95 -5.84
CA ALA A 106 0.18 5.31 -5.46
C ALA A 106 0.06 6.77 -4.98
N GLU A 107 -1.03 7.07 -4.28
CA GLU A 107 -1.24 8.35 -3.59
C GLU A 107 0.02 8.80 -2.81
N PRO A 108 0.20 10.10 -2.57
CA PRO A 108 1.32 10.60 -1.78
C PRO A 108 1.09 10.36 -0.28
N PHE A 109 2.19 10.22 0.46
CA PHE A 109 2.22 10.21 1.93
C PHE A 109 1.87 11.59 2.52
N SER A 110 0.66 12.08 2.30
CA SER A 110 0.19 13.31 2.92
C SER A 110 -0.50 13.02 4.26
N ASN A 111 -0.39 14.02 5.12
CA ASN A 111 -0.99 14.11 6.44
C ASN A 111 -2.51 14.32 6.35
N TYR A 112 -3.14 14.52 7.51
CA TYR A 112 -4.47 15.07 7.73
C TYR A 112 -5.63 14.35 7.06
N ASN A 113 -5.47 13.07 6.74
CA ASN A 113 -6.46 12.28 6.00
C ASN A 113 -6.72 12.99 4.66
N PRO A 114 -5.82 12.84 3.67
CA PRO A 114 -5.92 13.58 2.42
C PRO A 114 -7.01 13.02 1.49
N PHE A 115 -7.45 11.79 1.77
CA PHE A 115 -8.47 11.04 1.05
C PHE A 115 -9.86 11.62 1.30
N THR A 3 9.27 14.17 -16.25
CA THR A 3 7.92 14.41 -15.75
C THR A 3 7.02 14.98 -16.86
N SER A 4 5.70 14.88 -16.66
CA SER A 4 4.64 15.56 -17.37
C SER A 4 3.41 15.57 -16.46
N LEU A 5 2.33 16.16 -16.98
CA LEU A 5 0.99 16.22 -16.39
C LEU A 5 0.29 14.85 -16.44
N GLN A 6 1.01 13.76 -16.69
CA GLN A 6 0.51 12.40 -16.61
C GLN A 6 0.49 11.99 -15.13
N LEU A 7 0.22 10.71 -14.87
CA LEU A 7 0.26 9.98 -13.59
C LEU A 7 -0.50 10.63 -12.41
N SER A 8 -1.35 11.62 -12.69
CA SER A 8 -2.23 12.22 -11.69
C SER A 8 -3.25 11.18 -11.21
N ILE A 9 -3.05 10.77 -9.96
CA ILE A 9 -3.90 9.95 -9.11
C ILE A 9 -3.79 10.50 -7.69
N VAL A 10 -4.89 11.03 -7.17
CA VAL A 10 -5.02 11.51 -5.80
C VAL A 10 -6.42 11.13 -5.28
N HIS A 11 -6.61 10.90 -3.98
CA HIS A 11 -7.94 10.93 -3.39
C HIS A 11 -7.88 11.32 -1.90
N ARG A 12 -7.64 10.38 -0.99
CA ARG A 12 -7.68 10.53 0.46
C ARG A 12 -7.21 9.24 1.12
N LEU A 13 -6.56 9.36 2.27
CA LEU A 13 -6.02 8.19 2.98
C LEU A 13 -7.15 7.27 3.49
N PRO A 14 -6.85 5.97 3.71
CA PRO A 14 -7.84 4.97 4.10
C PRO A 14 -8.31 5.13 5.54
N GLN A 15 -9.45 4.51 5.86
CA GLN A 15 -9.90 4.31 7.22
C GLN A 15 -8.96 3.34 7.96
N ASN A 16 -9.12 3.20 9.27
CA ASN A 16 -8.51 2.13 10.06
C ASN A 16 -9.32 0.85 9.82
N TYR A 17 -8.72 -0.21 9.28
CA TYR A 17 -9.34 -1.52 9.09
C TYR A 17 -8.37 -2.62 9.56
N ARG A 18 -8.75 -3.91 9.48
CA ARG A 18 -7.98 -5.03 10.05
C ARG A 18 -8.14 -6.31 9.23
N TRP A 19 -7.33 -7.34 9.48
CA TRP A 19 -7.59 -8.65 8.89
C TRP A 19 -8.81 -9.26 9.58
N SER A 20 -9.64 -10.02 8.84
CA SER A 20 -10.83 -10.64 9.44
C SER A 20 -10.53 -11.96 10.15
N ALA A 21 -9.28 -12.20 10.58
CA ALA A 21 -8.88 -13.42 11.28
C ALA A 21 -9.47 -14.67 10.59
N GLY A 22 -9.04 -14.95 9.36
CA GLY A 22 -9.47 -16.15 8.66
C GLY A 22 -8.70 -16.43 7.37
N PHE A 23 -8.10 -15.40 6.75
CA PHE A 23 -7.25 -15.62 5.57
C PHE A 23 -6.00 -14.71 5.53
N ALA A 24 -6.02 -13.55 6.18
CA ALA A 24 -4.99 -12.51 6.15
C ALA A 24 -4.63 -12.02 4.74
N GLY A 25 -3.78 -12.74 4.01
CA GLY A 25 -3.25 -12.34 2.72
C GLY A 25 -4.33 -11.97 1.72
N SER A 26 -5.50 -12.60 1.81
CA SER A 26 -6.62 -12.43 0.88
C SER A 26 -7.91 -12.16 1.69
N LYS A 27 -7.87 -11.22 2.64
CA LYS A 27 -9.01 -10.90 3.48
C LYS A 27 -8.83 -9.53 4.10
N VAL A 28 -9.81 -8.66 3.97
CA VAL A 28 -9.87 -7.42 4.72
C VAL A 28 -11.26 -7.31 5.32
N GLU A 29 -11.40 -6.73 6.51
CA GLU A 29 -12.69 -6.19 6.94
C GLU A 29 -12.44 -4.91 7.74
N PRO A 30 -13.44 -4.02 7.83
CA PRO A 30 -13.37 -2.79 8.61
C PRO A 30 -13.25 -3.09 10.10
N ILE A 31 -13.18 -2.04 10.91
CA ILE A 31 -13.19 -2.13 12.36
C ILE A 31 -14.57 -1.63 12.82
N PRO A 32 -15.53 -2.54 13.07
CA PRO A 32 -16.84 -2.19 13.60
C PRO A 32 -16.68 -1.83 15.08
N GLN A 33 -16.41 -0.55 15.36
CA GLN A 33 -16.24 0.07 16.67
C GLN A 33 -15.20 -0.59 17.59
N ASN A 34 -14.33 -1.49 17.10
CA ASN A 34 -13.57 -2.38 17.99
C ASN A 34 -12.68 -1.61 18.98
N GLY A 35 -12.14 -0.46 18.56
CA GLY A 35 -11.25 0.36 19.36
C GLY A 35 -9.88 -0.32 19.52
N PRO A 36 -9.04 -0.33 18.45
CA PRO A 36 -7.74 -0.99 18.47
C PRO A 36 -6.76 -0.24 19.39
N CYS A 37 -5.59 -0.85 19.66
CA CYS A 37 -4.57 -0.33 20.57
C CYS A 37 -4.31 1.15 20.36
N GLY A 38 -3.92 1.53 19.15
CA GLY A 38 -3.53 2.89 18.83
C GLY A 38 -2.48 2.85 17.74
N ASP A 39 -2.76 3.54 16.63
CA ASP A 39 -2.03 3.60 15.36
C ASP A 39 -1.63 2.24 14.78
N ASN A 40 -2.19 1.15 15.29
CA ASN A 40 -1.81 -0.22 15.00
C ASN A 40 -2.96 -0.81 14.18
N SER A 41 -3.13 -0.27 12.98
CA SER A 41 -4.16 -0.64 12.03
C SER A 41 -3.52 -0.74 10.64
N LEU A 42 -4.34 -0.95 9.60
CA LEU A 42 -3.90 -1.24 8.25
C LEU A 42 -4.29 -0.09 7.31
N VAL A 43 -3.57 0.04 6.20
CA VAL A 43 -3.79 1.04 5.16
C VAL A 43 -3.71 0.34 3.79
N ALA A 44 -4.26 0.95 2.74
CA ALA A 44 -4.53 0.32 1.44
C ALA A 44 -4.34 1.36 0.35
N LEU A 45 -3.42 1.09 -0.58
CA LEU A 45 -3.08 2.00 -1.67
C LEU A 45 -3.75 1.45 -2.92
N LYS A 46 -4.84 2.09 -3.33
CA LYS A 46 -5.56 1.77 -4.55
C LYS A 46 -4.86 2.53 -5.67
N LEU A 47 -3.97 1.86 -6.39
CA LEU A 47 -3.20 2.44 -7.47
C LEU A 47 -4.11 2.69 -8.69
N LEU A 48 -3.52 3.19 -9.77
CA LEU A 48 -4.09 3.08 -11.11
C LEU A 48 -2.94 2.72 -12.06
N SER A 49 -2.05 3.66 -12.39
CA SER A 49 -1.01 3.43 -13.37
C SER A 49 0.20 4.34 -13.09
N PRO A 50 1.40 4.08 -13.67
CA PRO A 50 1.73 2.98 -14.58
C PRO A 50 1.67 1.61 -13.90
N ASP A 51 1.75 0.56 -14.70
CA ASP A 51 1.34 -0.82 -14.40
C ASP A 51 2.08 -1.80 -15.33
N GLY A 52 1.94 -3.11 -15.11
CA GLY A 52 2.51 -4.17 -15.95
C GLY A 52 3.40 -5.16 -15.16
N ASP A 53 3.73 -6.31 -15.78
CA ASP A 53 4.40 -7.47 -15.16
C ASP A 53 5.68 -7.09 -14.46
N ASN A 54 6.45 -6.19 -15.08
CA ASN A 54 7.76 -5.82 -14.61
C ASN A 54 7.67 -5.21 -13.22
N ALA A 55 6.68 -4.33 -13.08
CA ALA A 55 6.43 -3.58 -11.89
C ALA A 55 5.86 -4.51 -10.83
N TRP A 56 4.87 -5.37 -11.19
CA TRP A 56 4.42 -6.48 -10.36
C TRP A 56 5.59 -7.25 -9.79
N SER A 57 6.41 -7.92 -10.61
CA SER A 57 7.47 -8.79 -10.11
C SER A 57 8.43 -8.01 -9.22
N VAL A 58 9.04 -6.92 -9.70
CA VAL A 58 9.94 -6.09 -8.88
C VAL A 58 9.32 -5.70 -7.54
N MET A 59 8.10 -5.14 -7.56
CA MET A 59 7.36 -4.77 -6.37
C MET A 59 7.11 -5.98 -5.47
N TYR A 60 6.81 -7.14 -6.03
CA TYR A 60 6.59 -8.41 -5.34
C TYR A 60 7.81 -8.75 -4.51
N LYS A 61 8.97 -8.84 -5.17
CA LYS A 61 10.22 -9.23 -4.53
C LYS A 61 10.54 -8.24 -3.41
N LEU A 62 10.40 -6.93 -3.69
CA LEU A 62 10.60 -5.92 -2.66
C LEU A 62 9.61 -6.11 -1.52
N SER A 63 8.34 -6.42 -1.78
CA SER A 63 7.31 -6.63 -0.75
C SER A 63 7.78 -7.71 0.22
N GLN A 64 8.18 -8.88 -0.29
CA GLN A 64 8.55 -10.04 0.51
C GLN A 64 9.88 -9.80 1.24
N ALA A 65 10.83 -9.17 0.57
CA ALA A 65 12.10 -8.77 1.15
C ALA A 65 11.85 -7.83 2.32
N LEU A 66 11.09 -6.77 2.10
CA LEU A 66 10.76 -5.74 3.07
C LEU A 66 9.98 -6.33 4.24
N SER A 67 9.02 -7.22 3.97
CA SER A 67 8.28 -7.88 5.02
C SER A 67 9.19 -8.77 5.85
N ASP A 68 10.25 -9.35 5.27
CA ASP A 68 11.21 -10.14 6.03
C ASP A 68 12.09 -9.28 6.95
N ILE A 69 12.16 -7.97 6.71
CA ILE A 69 12.87 -7.06 7.60
C ILE A 69 11.91 -6.71 8.73
N GLU A 70 10.92 -5.85 8.45
CA GLU A 70 9.99 -5.33 9.46
C GLU A 70 8.73 -4.71 8.81
N VAL A 71 8.48 -4.92 7.51
CA VAL A 71 7.56 -4.08 6.73
C VAL A 71 6.56 -4.97 5.99
N PRO A 72 5.59 -5.62 6.67
CA PRO A 72 4.64 -6.48 6.00
C PRO A 72 3.72 -5.68 5.08
N CYS A 73 3.99 -5.82 3.79
CA CYS A 73 3.25 -5.30 2.67
C CYS A 73 2.63 -6.47 1.90
N SER A 74 1.62 -6.20 1.09
CA SER A 74 1.01 -7.14 0.17
C SER A 74 0.60 -6.43 -1.11
N VAL A 75 0.48 -7.24 -2.16
CA VAL A 75 0.43 -6.82 -3.53
C VAL A 75 -0.60 -7.68 -4.27
N LEU A 76 -1.87 -7.24 -4.27
CA LEU A 76 -2.97 -8.01 -4.83
C LEU A 76 -3.44 -7.39 -6.12
N GLU A 77 -3.85 -8.26 -7.03
CA GLU A 77 -4.22 -7.93 -8.40
C GLU A 77 -5.59 -8.50 -8.68
N CYS A 78 -6.37 -7.80 -9.48
CA CYS A 78 -7.68 -8.24 -9.95
C CYS A 78 -7.88 -7.59 -11.31
N GLU A 79 -7.72 -8.38 -12.37
CA GLU A 79 -7.85 -8.03 -13.79
C GLU A 79 -6.83 -6.98 -14.21
N GLY A 80 -6.98 -5.73 -13.75
CA GLY A 80 -6.13 -4.59 -14.04
C GLY A 80 -6.19 -3.53 -12.93
N GLU A 81 -6.50 -3.93 -11.68
CA GLU A 81 -6.60 -3.04 -10.53
C GLU A 81 -5.55 -3.41 -9.47
N PRO A 82 -4.31 -2.90 -9.59
CA PRO A 82 -3.31 -3.02 -8.53
C PRO A 82 -3.80 -2.41 -7.20
N CYS A 83 -3.80 -3.23 -6.14
CA CYS A 83 -4.23 -2.87 -4.80
C CYS A 83 -3.16 -3.33 -3.79
N LEU A 84 -2.56 -2.41 -3.03
CA LEU A 84 -1.56 -2.76 -2.03
C LEU A 84 -2.15 -2.65 -0.64
N PHE A 85 -1.54 -3.34 0.32
CA PHE A 85 -1.94 -3.39 1.72
C PHE A 85 -0.67 -3.29 2.56
N VAL A 86 -0.70 -2.48 3.60
CA VAL A 86 0.42 -2.16 4.51
C VAL A 86 -0.12 -1.85 5.91
N ASN A 87 0.75 -1.63 6.91
CA ASN A 87 0.29 -1.37 8.28
C ASN A 87 -0.18 0.09 8.33
N ARG A 88 0.76 1.00 8.57
CA ARG A 88 0.45 2.41 8.76
C ARG A 88 1.52 3.30 8.15
N GLN A 89 2.65 3.47 8.84
CA GLN A 89 3.75 4.29 8.32
C GLN A 89 4.48 3.55 7.21
N ASP A 90 4.29 2.23 7.13
CA ASP A 90 4.83 1.38 6.08
C ASP A 90 4.32 1.81 4.72
N GLU A 91 3.19 2.54 4.64
CA GLU A 91 2.80 3.22 3.43
C GLU A 91 3.92 4.17 2.99
N PHE A 92 4.15 5.20 3.80
CA PHE A 92 5.04 6.31 3.51
C PHE A 92 6.47 5.79 3.32
N ALA A 93 6.92 4.90 4.21
CA ALA A 93 8.22 4.27 4.10
C ALA A 93 8.34 3.51 2.77
N ALA A 94 7.40 2.61 2.47
CA ALA A 94 7.45 1.80 1.25
C ALA A 94 7.54 2.71 0.03
N THR A 95 6.65 3.70 -0.10
CA THR A 95 6.69 4.61 -1.24
C THR A 95 8.02 5.37 -1.27
N CYS A 96 8.58 5.79 -0.12
CA CYS A 96 9.86 6.49 -0.06
C CYS A 96 10.97 5.63 -0.66
N ARG A 97 11.07 4.35 -0.26
CA ARG A 97 12.11 3.48 -0.80
C ARG A 97 11.81 3.10 -2.25
N LEU A 98 10.57 2.73 -2.59
CA LEU A 98 10.17 2.33 -3.94
C LEU A 98 10.27 3.47 -4.94
N LYS A 99 10.19 4.73 -4.51
CA LYS A 99 10.42 5.89 -5.37
C LYS A 99 11.73 5.75 -6.12
N ASN A 100 12.79 5.27 -5.45
CA ASN A 100 14.09 5.10 -6.07
C ASN A 100 14.06 4.14 -7.27
N PHE A 101 13.02 3.32 -7.38
CA PHE A 101 12.76 2.40 -8.48
C PHE A 101 11.73 2.95 -9.46
N GLY A 102 10.68 3.59 -8.95
CA GLY A 102 9.41 3.78 -9.63
C GLY A 102 8.55 4.76 -8.84
N VAL A 103 8.85 6.05 -9.00
CA VAL A 103 8.22 7.23 -8.37
C VAL A 103 6.70 7.42 -8.64
N ALA A 104 5.90 6.39 -8.97
CA ALA A 104 4.48 6.54 -9.30
C ALA A 104 3.64 5.46 -8.62
N ILE A 105 3.32 5.69 -7.34
CA ILE A 105 2.49 4.82 -6.52
C ILE A 105 1.44 5.66 -5.80
N ALA A 106 0.19 5.38 -6.16
CA ALA A 106 -1.07 5.95 -5.66
C ALA A 106 -1.03 7.48 -5.55
N GLU A 107 -1.95 8.03 -4.75
CA GLU A 107 -1.75 9.34 -4.16
C GLU A 107 -0.43 9.36 -3.35
N PRO A 108 0.26 10.50 -3.27
CA PRO A 108 1.56 10.58 -2.63
C PRO A 108 1.47 10.60 -1.10
N PHE A 109 2.58 10.29 -0.45
CA PHE A 109 2.81 10.38 0.99
C PHE A 109 2.89 11.82 1.54
N SER A 110 2.24 12.82 0.93
CA SER A 110 2.21 14.15 1.47
C SER A 110 1.40 14.17 2.79
N ASN A 111 1.35 15.30 3.48
CA ASN A 111 0.40 15.51 4.56
C ASN A 111 -0.97 15.78 3.95
N TYR A 112 -1.87 14.80 3.98
CA TYR A 112 -3.26 14.79 3.49
C TYR A 112 -3.50 15.39 2.09
N ASN A 113 -2.48 15.42 1.23
CA ASN A 113 -2.47 16.16 -0.04
C ASN A 113 -2.57 17.66 0.24
N PRO A 114 -1.43 18.32 0.53
CA PRO A 114 -1.40 19.77 0.77
C PRO A 114 -1.77 20.53 -0.49
N PHE A 115 -1.23 20.05 -1.61
CA PHE A 115 -1.27 20.63 -2.93
C PHE A 115 -0.96 22.11 -2.91
#